data_7LZ6
#
_entry.id   7LZ6
#
_cell.length_a   1.00
_cell.length_b   1.00
_cell.length_c   1.00
_cell.angle_alpha   90.00
_cell.angle_beta   90.00
_cell.angle_gamma   90.00
#
_symmetry.space_group_name_H-M   'P 1'
#
loop_
_entity.id
_entity.type
_entity.pdbx_description
1 polymer 'Glutamate decarboxylase 2'
2 polymer 'b96.11 Fab heavy chain'
3 polymer 'b96.11 Fab light chain'
#
loop_
_entity_poly.entity_id
_entity_poly.type
_entity_poly.pdbx_seq_one_letter_code
_entity_poly.pdbx_strand_id
1 'polypeptide(L)'
;NYAFLHATDLLPACDGERPTLAFLQDVMNILLQYVVKSFDRSTKVIDFHYPNELLQEYNWELADQPQNLEEILMHCQTTL
KYAIKTGHPRYFNQLSTGLDMVGLAADWLTSTANTNMFTYEIAPVFVLLEYVTLKKMREIIGWPGGSGDGIFSPGGAISN
MYAMMIARFKMFPEVKEKGMAALPRLIAFTSEHSHFSLKKGAAALGIGTDSVILIKCDERGKMIPSDLERRILEAKQKGF
VPFLVSATAGTTVYGAFDPLLAVADICKKYKIWMHVDAAWGGGLLMSRKHKWKLSGVERANSVTWNPHKMMGVPLQCSAL
LVREEGLMQNCNQMHASYLFQQDKHYDLSYDTGDKALQCGRHVDVFKLWLMWRAKGTTGFEAHVDKCLELAEYLYNIIKN
REGYEMVFDGKPQHTNVCFWYIPPSLRTLEDNEERMSRLSKVAPVIKARMMEYGTTMVSYQPLGDKVNFFRMVISNPAAT
HQDIDFLIEEIERLGQD
;
A,B
2 'polypeptide(L)'
;EVQLVESGGGLVQPGRSLRLSCSASGFTFGDYAMSWFRLAPGKGLEWVGLIKSRAIDGTPQYAASVKGRFTISRDDSNSI
AYLQMNSLTTEDTAIYYCARDFYDFWNEFSHRTFDFWGQGTLVTVSSASTKGPSVFPLAPSSKSTSGGTAALGCLVKDYF
PEPVTVSWNSGALTSGVHTFPAVLQSSGLYSLSSVVTVPSSSLGTQTYICNVNHKPSNTKVDKRVEPK
;
C,E
3 'polypeptide(L)'
;QSALTQPASASGSPGQSVTITCTGSSSDVGGYKYVSWYQHHPGKAPKLMIYEVSKRPSGVPDRFSGSKSGNMASLTVSGL
QAEDEADYYCSSYAGSYNFYVFGNGTKVTVLGQPKANPTVTLFPPSSEELQANKATLVCLISDFYPGAVTVAWKADGSPV
KAGVETTKPSKQSNNKYAASSYLSLTPEQWKSHRSYSCQVTHEGSTVEKTVAPTECS
;
D,F
#
# COMPACT_ATOMS: atom_id res chain seq x y z
N ASN A 1 1.45 50.36 22.08
CA ASN A 1 0.55 49.16 21.81
C ASN A 1 1.28 47.83 21.99
N TYR A 2 1.84 47.25 20.91
CA TYR A 2 2.14 45.83 20.74
C TYR A 2 3.09 45.21 21.76
N ALA A 3 4.04 46.00 22.27
CA ALA A 3 4.89 45.72 23.41
C ALA A 3 4.23 45.26 24.72
N PHE A 4 2.93 45.58 24.96
CA PHE A 4 2.19 45.04 26.10
C PHE A 4 0.95 44.25 25.71
N LEU A 5 0.83 43.81 24.45
CA LEU A 5 -0.33 43.12 23.94
C LEU A 5 0.01 41.69 23.56
N HIS A 6 -1.01 40.82 23.50
CA HIS A 6 -0.87 39.39 23.32
C HIS A 6 -1.96 38.90 22.38
N ALA A 7 -1.84 37.66 21.86
CA ALA A 7 -2.84 37.02 21.01
C ALA A 7 -4.24 36.93 21.63
N THR A 8 -4.30 36.85 22.98
CA THR A 8 -5.50 36.72 23.80
C THR A 8 -6.53 37.82 23.60
N ASP A 9 -6.07 39.06 23.30
CA ASP A 9 -6.88 40.26 23.31
C ASP A 9 -7.40 40.57 21.91
N LEU A 10 -6.85 39.92 20.86
CA LEU A 10 -7.35 39.92 19.50
C LEU A 10 -8.69 39.17 19.35
N LEU A 11 -9.30 39.16 18.14
CA LEU A 11 -10.46 38.33 17.83
C LEU A 11 -10.28 36.84 18.19
N PRO A 12 -11.29 36.08 18.63
CA PRO A 12 -12.72 36.40 18.68
C PRO A 12 -13.17 37.26 19.86
N ALA A 13 -12.29 37.83 20.70
CA ALA A 13 -12.69 38.72 21.79
C ALA A 13 -13.50 39.97 21.38
N CYS A 14 -14.35 40.46 22.31
CA CYS A 14 -15.16 41.68 22.12
C CYS A 14 -14.34 42.92 21.84
N ASP A 15 -13.16 43.04 22.49
CA ASP A 15 -12.25 44.16 22.37
C ASP A 15 -11.44 44.09 21.07
N GLY A 16 -11.46 42.90 20.43
CA GLY A 16 -10.52 42.39 19.43
C GLY A 16 -10.32 43.21 18.19
N GLU A 17 -11.41 43.79 17.66
CA GLU A 17 -11.51 44.39 16.33
C GLU A 17 -10.40 45.38 15.98
N ARG A 18 -10.33 46.55 16.66
CA ARG A 18 -9.36 47.60 16.39
C ARG A 18 -7.88 47.16 16.47
N PRO A 19 -7.41 46.41 17.49
CA PRO A 19 -6.06 45.88 17.52
C PRO A 19 -5.82 44.88 16.39
N THR A 20 -6.80 43.98 16.13
CA THR A 20 -6.66 42.93 15.13
C THR A 20 -6.52 43.50 13.73
N LEU A 21 -7.33 44.53 13.40
CA LEU A 21 -7.24 45.29 12.16
C LEU A 21 -5.87 45.91 11.97
N ALA A 22 -5.35 46.59 13.00
CA ALA A 22 -4.04 47.21 12.98
C ALA A 22 -2.93 46.18 12.75
N PHE A 23 -2.96 45.06 13.53
CA PHE A 23 -1.98 44.00 13.45
C PHE A 23 -1.91 43.32 12.07
N LEU A 24 -3.08 42.97 11.48
CA LEU A 24 -3.14 42.34 10.18
C LEU A 24 -2.68 43.24 9.03
N GLN A 25 -2.95 44.57 9.13
CA GLN A 25 -2.42 45.57 8.22
C GLN A 25 -0.91 45.71 8.29
N ASP A 26 -0.34 45.77 9.50
CA ASP A 26 1.09 45.80 9.74
C ASP A 26 1.81 44.57 9.14
N VAL A 27 1.25 43.36 9.33
CA VAL A 27 1.75 42.12 8.73
C VAL A 27 1.72 42.19 7.20
N MET A 28 0.58 42.60 6.61
CA MET A 28 0.43 42.78 5.18
C MET A 28 1.39 43.82 4.58
N ASN A 29 1.62 44.94 5.29
CA ASN A 29 2.54 45.99 4.87
C ASN A 29 3.99 45.48 4.69
N ILE A 30 4.43 44.53 5.55
CA ILE A 30 5.73 43.86 5.41
C ILE A 30 5.74 42.96 4.17
N LEU A 31 4.68 42.15 3.97
CA LEU A 31 4.54 41.27 2.82
C LEU A 31 4.52 42.04 1.50
N LEU A 32 3.81 43.17 1.45
CA LEU A 32 3.73 44.06 0.31
C LEU A 32 5.09 44.62 -0.14
N GLN A 33 5.93 45.05 0.83
CA GLN A 33 7.30 45.44 0.59
C GLN A 33 8.22 44.31 0.12
N TYR A 34 8.12 43.12 0.76
CA TYR A 34 8.83 41.92 0.39
C TYR A 34 8.61 41.53 -1.08
N VAL A 35 7.33 41.52 -1.53
CA VAL A 35 6.92 41.16 -2.88
C VAL A 35 7.56 42.05 -3.94
N VAL A 36 7.40 43.39 -3.84
CA VAL A 36 7.95 44.35 -4.80
C VAL A 36 9.47 44.30 -4.89
N LYS A 37 10.16 44.13 -3.73
CA LYS A 37 11.60 43.92 -3.69
C LYS A 37 12.03 42.61 -4.36
N SER A 38 11.35 41.50 -4.03
CA SER A 38 11.63 40.16 -4.51
C SER A 38 11.57 39.95 -6.02
N PHE A 39 10.63 40.63 -6.71
CA PHE A 39 10.52 40.56 -8.17
C PHE A 39 11.59 41.31 -8.98
N ASP A 40 12.26 42.33 -8.40
CA ASP A 40 13.31 43.09 -9.07
C ASP A 40 14.60 42.29 -9.37
N ARG A 41 15.28 42.57 -10.52
CA ARG A 41 16.47 41.87 -10.98
C ARG A 41 17.73 42.23 -10.18
N SER A 42 17.72 43.38 -9.49
CA SER A 42 18.85 43.83 -8.66
C SER A 42 18.91 43.17 -7.29
N THR A 43 17.79 42.56 -6.84
CA THR A 43 17.68 41.90 -5.54
C THR A 43 18.30 40.52 -5.54
N LYS A 44 19.38 40.31 -4.77
CA LYS A 44 20.09 39.03 -4.71
C LYS A 44 19.26 37.90 -4.06
N VAL A 45 19.15 36.76 -4.76
CA VAL A 45 18.22 35.68 -4.40
C VAL A 45 18.50 35.02 -3.05
N ILE A 46 19.78 34.70 -2.79
CA ILE A 46 20.22 34.03 -1.58
C ILE A 46 21.62 34.50 -1.18
N ASP A 47 21.85 34.68 0.14
CA ASP A 47 23.16 34.62 0.74
C ASP A 47 23.22 33.35 1.58
N PHE A 48 24.13 32.42 1.24
CA PHE A 48 24.07 31.07 1.77
C PHE A 48 24.71 30.96 3.16
N HIS A 49 24.02 30.28 4.08
CA HIS A 49 24.39 30.18 5.48
C HIS A 49 24.10 28.78 5.94
N TYR A 50 25.06 28.13 6.64
CA TYR A 50 24.90 26.79 7.18
C TYR A 50 23.79 26.71 8.25
N PRO A 51 23.04 25.60 8.38
CA PRO A 51 21.94 25.43 9.34
C PRO A 51 22.21 25.92 10.75
N ASN A 52 23.37 25.54 11.33
CA ASN A 52 23.74 25.86 12.70
C ASN A 52 23.87 27.36 12.98
N GLU A 53 24.55 28.12 12.10
CA GLU A 53 24.77 29.55 12.28
C GLU A 53 23.47 30.36 12.30
N LEU A 54 22.58 30.08 11.32
CA LEU A 54 21.31 30.74 11.14
C LEU A 54 20.35 30.56 12.33
N LEU A 55 20.38 29.37 12.96
CA LEU A 55 19.69 29.09 14.20
C LEU A 55 20.20 29.91 15.38
N GLN A 56 21.52 29.85 15.63
CA GLN A 56 22.17 30.45 16.79
C GLN A 56 22.01 31.96 16.91
N GLU A 57 21.96 32.65 15.75
CA GLU A 57 21.73 34.07 15.61
C GLU A 57 20.52 34.66 16.33
N TYR A 58 19.38 33.95 16.34
CA TYR A 58 18.11 34.53 16.75
C TYR A 58 17.38 33.60 17.72
N ASN A 59 16.48 34.18 18.54
CA ASN A 59 15.56 33.43 19.38
C ASN A 59 14.45 32.73 18.56
N TRP A 60 14.61 31.42 18.29
CA TRP A 60 13.55 30.56 17.77
C TRP A 60 12.85 29.69 18.82
N GLU A 61 13.22 29.79 20.11
CA GLU A 61 12.74 28.94 21.20
C GLU A 61 11.24 29.04 21.51
N LEU A 62 10.57 27.93 21.89
CA LEU A 62 9.12 27.91 22.00
C LEU A 62 8.69 28.27 23.43
N ALA A 63 8.16 29.49 23.61
CA ALA A 63 7.71 30.04 24.88
C ALA A 63 6.56 29.31 25.59
N ASP A 64 6.71 29.06 26.91
CA ASP A 64 5.66 28.69 27.82
C ASP A 64 4.59 29.77 28.06
N GLN A 65 5.02 31.01 28.32
CA GLN A 65 4.19 32.21 28.39
C GLN A 65 3.84 32.77 27.01
N PRO A 66 2.73 33.47 26.81
CA PRO A 66 2.50 34.29 25.61
C PRO A 66 3.56 35.38 25.41
N GLN A 67 4.30 35.36 24.29
CA GLN A 67 5.10 36.46 23.81
C GLN A 67 4.27 37.67 23.37
N ASN A 68 4.83 38.89 23.51
CA ASN A 68 4.10 40.12 23.23
C ASN A 68 4.19 40.48 21.75
N LEU A 69 3.10 41.02 21.17
CA LEU A 69 2.83 41.17 19.75
C LEU A 69 3.95 41.84 18.95
N GLU A 70 4.66 42.81 19.58
CA GLU A 70 5.83 43.49 19.00
C GLU A 70 6.90 42.53 18.52
N GLU A 71 7.16 41.46 19.30
CA GLU A 71 8.12 40.42 19.01
C GLU A 71 7.62 39.59 17.85
N ILE A 72 6.31 39.26 17.81
CA ILE A 72 5.68 38.44 16.80
C ILE A 72 5.77 39.09 15.42
N LEU A 73 5.56 40.43 15.36
CA LEU A 73 5.81 41.25 14.18
C LEU A 73 7.26 41.25 13.72
N MET A 74 8.21 41.36 14.66
CA MET A 74 9.64 41.23 14.37
C MET A 74 10.02 39.84 13.86
N HIS A 75 9.44 38.75 14.43
CA HIS A 75 9.70 37.37 14.01
C HIS A 75 9.32 37.15 12.55
N CYS A 76 8.16 37.73 12.14
CA CYS A 76 7.73 37.79 10.75
C CYS A 76 8.73 38.50 9.86
N GLN A 77 9.13 39.73 10.24
CA GLN A 77 10.08 40.55 9.50
C GLN A 77 11.45 39.88 9.34
N THR A 78 12.00 39.31 10.43
CA THR A 78 13.27 38.59 10.46
C THR A 78 13.25 37.36 9.57
N THR A 79 12.14 36.59 9.61
CA THR A 79 11.95 35.43 8.73
C THR A 79 11.93 35.82 7.27
N LEU A 80 11.21 36.90 6.92
CA LEU A 80 11.10 37.44 5.57
C LEU A 80 12.41 38.01 5.01
N LYS A 81 13.27 38.59 5.88
CA LYS A 81 14.66 38.90 5.58
C LYS A 81 15.45 37.67 5.14
N TYR A 82 15.49 36.63 5.99
CA TYR A 82 16.31 35.44 5.82
C TYR A 82 15.84 34.57 4.64
N ALA A 83 14.52 34.42 4.47
CA ALA A 83 13.86 33.65 3.44
C ALA A 83 14.14 34.06 1.99
N ILE A 84 14.11 33.08 1.06
CA ILE A 84 14.51 33.22 -0.33
C ILE A 84 13.63 34.21 -1.11
N LYS A 85 14.22 34.97 -2.05
CA LYS A 85 13.48 35.88 -2.91
C LYS A 85 13.05 35.13 -4.18
N THR A 86 11.83 34.54 -4.16
CA THR A 86 11.42 33.53 -5.14
C THR A 86 10.63 34.13 -6.31
N GLY A 87 10.43 35.46 -6.31
CA GLY A 87 9.93 36.21 -7.47
C GLY A 87 10.90 36.42 -8.61
N HIS A 88 12.20 36.13 -8.39
CA HIS A 88 13.29 36.61 -9.24
C HIS A 88 13.24 36.14 -10.72
N PRO A 89 13.58 36.95 -11.71
CA PRO A 89 13.53 36.53 -13.13
C PRO A 89 14.57 35.50 -13.55
N ARG A 90 15.78 35.52 -12.97
CA ARG A 90 16.91 34.71 -13.43
C ARG A 90 17.06 33.42 -12.64
N TYR A 91 15.95 32.98 -12.03
CA TYR A 91 15.88 31.90 -11.08
C TYR A 91 15.10 30.75 -11.72
N PHE A 92 15.82 29.68 -12.11
CA PHE A 92 15.28 28.56 -12.86
C PHE A 92 15.53 27.24 -12.14
N ASN A 93 15.81 27.29 -10.82
CA ASN A 93 16.26 26.14 -10.03
C ASN A 93 15.23 25.01 -9.96
N GLN A 94 13.94 25.39 -9.79
CA GLN A 94 12.81 24.49 -9.67
C GLN A 94 11.82 24.66 -10.82
N LEU A 95 11.10 23.56 -11.16
CA LEU A 95 10.10 23.51 -12.23
C LEU A 95 8.95 24.50 -12.07
N SER A 96 8.50 24.72 -10.81
CA SER A 96 7.45 25.68 -10.47
C SER A 96 7.97 26.99 -9.88
N THR A 97 9.19 27.42 -10.24
CA THR A 97 9.68 28.82 -10.12
C THR A 97 8.64 29.95 -10.27
N GLY A 98 8.73 31.00 -9.43
CA GLY A 98 7.92 32.22 -9.52
C GLY A 98 6.57 32.19 -8.82
N LEU A 99 5.85 33.32 -8.90
CA LEU A 99 4.68 33.63 -8.10
C LEU A 99 3.77 34.49 -8.97
N ASP A 100 2.43 34.35 -8.85
CA ASP A 100 1.48 35.15 -9.60
C ASP A 100 0.50 35.88 -8.69
N MET A 101 0.19 37.16 -9.01
CA MET A 101 -0.45 38.13 -8.13
C MET A 101 -1.87 37.77 -7.75
N VAL A 102 -2.67 37.33 -8.74
CA VAL A 102 -4.08 37.02 -8.55
C VAL A 102 -4.17 35.68 -7.83
N GLY A 103 -3.28 34.73 -8.15
CA GLY A 103 -3.09 33.45 -7.45
C GLY A 103 -2.76 33.62 -5.97
N LEU A 104 -1.83 34.54 -5.65
CA LEU A 104 -1.45 34.93 -4.30
C LEU A 104 -2.64 35.46 -3.50
N ALA A 105 -3.37 36.45 -4.07
CA ALA A 105 -4.57 37.02 -3.50
C ALA A 105 -5.67 35.99 -3.24
N ALA A 106 -5.86 35.07 -4.21
CA ALA A 106 -6.77 33.94 -4.15
C ALA A 106 -6.39 32.92 -3.07
N ASP A 107 -5.09 32.59 -2.92
CA ASP A 107 -4.62 31.68 -1.91
C ASP A 107 -4.74 32.29 -0.49
N TRP A 108 -4.63 33.63 -0.33
CA TRP A 108 -5.02 34.29 0.90
C TRP A 108 -6.51 34.16 1.24
N LEU A 109 -7.41 34.32 0.24
CA LEU A 109 -8.85 34.12 0.42
C LEU A 109 -9.21 32.69 0.78
N THR A 110 -8.53 31.72 0.13
CA THR A 110 -8.65 30.28 0.32
C THR A 110 -8.50 29.88 1.78
N SER A 111 -7.34 30.25 2.37
CA SER A 111 -7.00 30.06 3.78
C SER A 111 -7.92 30.81 4.73
N THR A 112 -8.35 32.04 4.36
CA THR A 112 -9.23 32.90 5.15
C THR A 112 -10.64 32.35 5.25
N ALA A 113 -11.17 31.75 4.17
CA ALA A 113 -12.43 31.04 4.17
C ALA A 113 -12.46 29.81 5.08
N ASN A 114 -11.34 29.08 5.19
CA ASN A 114 -11.04 28.23 6.34
C ASN A 114 -11.96 26.99 6.47
N THR A 115 -12.09 26.21 5.37
CA THR A 115 -12.94 25.02 5.36
C THR A 115 -12.40 24.03 4.34
N ASN A 116 -12.97 22.81 4.30
CA ASN A 116 -12.43 21.64 3.63
C ASN A 116 -13.53 20.96 2.82
N MET A 117 -13.15 20.17 1.79
CA MET A 117 -14.07 19.57 0.83
C MET A 117 -14.51 18.16 1.23
N PHE A 118 -14.54 17.88 2.55
CA PHE A 118 -15.10 16.66 3.13
C PHE A 118 -16.59 16.43 2.82
N THR A 119 -17.43 17.49 2.89
CA THR A 119 -18.83 17.40 2.50
C THR A 119 -19.34 18.74 1.98
N TYR A 120 -20.42 18.74 1.17
CA TYR A 120 -21.03 19.91 0.57
C TYR A 120 -21.58 20.90 1.61
N GLU A 121 -22.15 20.39 2.71
CA GLU A 121 -22.69 21.17 3.82
C GLU A 121 -21.73 22.20 4.41
N ILE A 122 -20.45 21.83 4.56
CA ILE A 122 -19.44 22.69 5.18
C ILE A 122 -18.60 23.46 4.17
N ALA A 123 -18.69 23.17 2.85
CA ALA A 123 -17.97 23.95 1.85
C ALA A 123 -18.70 24.18 0.51
N PRO A 124 -19.84 24.88 0.45
CA PRO A 124 -20.81 24.79 -0.66
C PRO A 124 -20.22 25.16 -2.01
N VAL A 125 -19.87 26.45 -2.22
CA VAL A 125 -19.28 26.98 -3.44
C VAL A 125 -18.05 26.21 -3.90
N PHE A 126 -17.13 25.87 -2.96
CA PHE A 126 -15.84 25.28 -3.27
C PHE A 126 -15.98 23.90 -3.92
N VAL A 127 -16.94 23.09 -3.43
CA VAL A 127 -17.29 21.80 -4.00
C VAL A 127 -17.82 21.94 -5.44
N LEU A 128 -18.66 22.95 -5.69
CA LEU A 128 -19.15 23.31 -7.02
C LEU A 128 -18.04 23.78 -7.97
N LEU A 129 -17.04 24.54 -7.47
CA LEU A 129 -15.86 24.93 -8.22
C LEU A 129 -15.04 23.73 -8.67
N GLU A 130 -14.83 22.72 -7.78
CA GLU A 130 -14.11 21.49 -8.10
C GLU A 130 -14.71 20.77 -9.30
N TYR A 131 -16.07 20.69 -9.33
CA TYR A 131 -16.85 20.08 -10.38
C TYR A 131 -16.58 20.73 -11.75
N VAL A 132 -16.83 22.06 -11.85
CA VAL A 132 -16.70 22.80 -13.09
C VAL A 132 -15.26 22.80 -13.61
N THR A 133 -14.28 22.98 -12.70
CA THR A 133 -12.86 23.02 -13.05
C THR A 133 -12.39 21.69 -13.62
N LEU A 134 -12.71 20.57 -12.94
CA LEU A 134 -12.33 19.23 -13.35
C LEU A 134 -13.05 18.79 -14.61
N LYS A 135 -14.33 19.21 -14.77
CA LYS A 135 -15.10 19.01 -15.97
C LYS A 135 -14.44 19.70 -17.16
N LYS A 136 -14.03 20.97 -16.97
CA LYS A 136 -13.38 21.75 -18.00
C LYS A 136 -12.01 21.15 -18.38
N MET A 137 -11.26 20.63 -17.40
CA MET A 137 -10.02 19.92 -17.66
C MET A 137 -10.20 18.63 -18.48
N ARG A 138 -11.26 17.85 -18.21
CA ARG A 138 -11.64 16.70 -19.01
C ARG A 138 -12.01 17.03 -20.46
N GLU A 139 -12.68 18.19 -20.66
CA GLU A 139 -12.97 18.75 -21.97
C GLU A 139 -11.68 19.09 -22.73
N ILE A 140 -10.71 19.76 -22.05
CA ILE A 140 -9.41 20.13 -22.61
C ILE A 140 -8.58 18.90 -23.00
N ILE A 141 -8.64 17.81 -22.21
CA ILE A 141 -8.11 16.50 -22.60
C ILE A 141 -8.72 15.98 -23.90
N GLY A 142 -10.06 15.91 -24.00
CA GLY A 142 -10.73 15.27 -25.13
C GLY A 142 -11.80 14.28 -24.77
N TRP A 143 -12.16 14.16 -23.48
CA TRP A 143 -13.17 13.23 -23.04
C TRP A 143 -14.56 13.86 -23.17
N PRO A 144 -15.58 13.14 -23.66
CA PRO A 144 -16.83 13.72 -24.16
C PRO A 144 -17.55 14.57 -23.13
N GLY A 145 -17.72 15.89 -23.40
CA GLY A 145 -18.59 16.76 -22.62
C GLY A 145 -18.09 17.01 -21.22
N GLY A 146 -16.79 16.76 -20.98
CA GLY A 146 -16.15 16.76 -19.67
C GLY A 146 -16.52 15.60 -18.77
N SER A 147 -17.05 14.50 -19.34
CA SER A 147 -17.48 13.30 -18.62
C SER A 147 -16.32 12.52 -18.00
N GLY A 148 -16.59 11.85 -16.87
CA GLY A 148 -15.58 11.10 -16.11
C GLY A 148 -15.48 11.56 -14.69
N ASP A 149 -14.50 11.00 -13.98
CA ASP A 149 -14.24 11.19 -12.57
C ASP A 149 -12.96 12.01 -12.38
N GLY A 150 -12.75 12.56 -11.18
CA GLY A 150 -11.63 13.46 -10.94
C GLY A 150 -11.46 13.82 -9.49
N ILE A 151 -10.20 14.02 -9.06
CA ILE A 151 -9.89 14.61 -7.76
C ILE A 151 -8.66 15.53 -7.78
N PHE A 152 -8.75 16.72 -7.14
CA PHE A 152 -7.60 17.52 -6.75
C PHE A 152 -6.81 16.94 -5.58
N SER A 153 -5.49 16.76 -5.80
CA SER A 153 -4.56 15.96 -5.01
C SER A 153 -3.40 16.84 -4.53
N PRO A 154 -2.82 16.66 -3.36
CA PRO A 154 -1.72 17.51 -2.88
C PRO A 154 -0.37 17.05 -3.45
N GLY A 155 -0.15 17.27 -4.76
CA GLY A 155 1.09 16.94 -5.46
C GLY A 155 1.08 15.61 -6.18
N GLY A 156 1.88 15.52 -7.28
CA GLY A 156 1.90 14.43 -8.26
C GLY A 156 2.12 13.06 -7.69
N ALA A 157 2.97 12.98 -6.65
CA ALA A 157 3.34 11.77 -5.95
C ALA A 157 2.14 11.05 -5.37
N ILE A 158 1.20 11.82 -4.80
CA ILE A 158 -0.02 11.31 -4.21
C ILE A 158 -1.01 10.95 -5.31
N SER A 159 -1.06 11.74 -6.41
CA SER A 159 -1.87 11.41 -7.58
C SER A 159 -1.50 10.09 -8.21
N ASN A 160 -0.18 9.84 -8.38
CA ASN A 160 0.32 8.58 -8.91
C ASN A 160 -0.06 7.39 -8.02
N MET A 161 0.10 7.54 -6.69
CA MET A 161 -0.30 6.53 -5.72
C MET A 161 -1.79 6.22 -5.77
N TYR A 162 -2.65 7.25 -5.78
CA TYR A 162 -4.09 7.07 -5.94
C TYR A 162 -4.46 6.40 -7.26
N ALA A 163 -3.84 6.81 -8.39
CA ALA A 163 -4.05 6.21 -9.70
C ALA A 163 -3.69 4.73 -9.76
N MET A 164 -2.55 4.32 -9.17
CA MET A 164 -2.14 2.94 -9.05
C MET A 164 -3.10 2.08 -8.24
N MET A 165 -3.60 2.63 -7.12
CA MET A 165 -4.59 2.01 -6.27
C MET A 165 -5.92 1.76 -6.98
N ILE A 166 -6.41 2.74 -7.76
CA ILE A 166 -7.57 2.62 -8.62
C ILE A 166 -7.38 1.57 -9.72
N ALA A 167 -6.23 1.62 -10.42
CA ALA A 167 -5.87 0.68 -11.48
C ALA A 167 -5.85 -0.78 -11.03
N ARG A 168 -5.37 -1.05 -9.80
CA ARG A 168 -5.50 -2.32 -9.13
C ARG A 168 -6.93 -2.71 -8.80
N PHE A 169 -7.69 -1.81 -8.15
CA PHE A 169 -9.04 -2.04 -7.67
C PHE A 169 -10.04 -2.32 -8.81
N LYS A 170 -9.80 -1.69 -9.98
CA LYS A 170 -10.49 -1.97 -11.22
C LYS A 170 -10.32 -3.38 -11.77
N MET A 171 -9.17 -4.05 -11.52
CA MET A 171 -8.98 -5.43 -11.88
C MET A 171 -9.55 -6.39 -10.85
N PHE A 172 -9.15 -6.22 -9.58
CA PHE A 172 -9.69 -6.99 -8.47
C PHE A 172 -10.00 -6.09 -7.28
N PRO A 173 -11.23 -5.97 -6.77
CA PRO A 173 -11.54 -5.08 -5.66
C PRO A 173 -11.09 -5.70 -4.34
N GLU A 174 -10.89 -7.04 -4.33
CA GLU A 174 -10.67 -7.88 -3.15
C GLU A 174 -9.44 -7.54 -2.30
N VAL A 175 -8.57 -6.64 -2.80
CA VAL A 175 -7.47 -6.02 -2.07
C VAL A 175 -7.93 -5.35 -0.78
N LYS A 176 -9.13 -4.72 -0.78
CA LYS A 176 -9.67 -4.00 0.36
C LYS A 176 -9.86 -4.94 1.56
N GLU A 177 -10.64 -6.02 1.38
CA GLU A 177 -10.75 -7.07 2.36
C GLU A 177 -9.45 -7.83 2.65
N LYS A 178 -8.78 -8.35 1.60
CA LYS A 178 -7.85 -9.46 1.79
C LYS A 178 -6.38 -9.14 1.57
N GLY A 179 -6.08 -7.98 0.95
CA GLY A 179 -4.72 -7.52 0.70
C GLY A 179 -4.04 -8.17 -0.49
N MET A 180 -2.93 -7.55 -0.93
CA MET A 180 -2.22 -7.86 -2.17
C MET A 180 -1.67 -9.29 -2.24
N ALA A 181 -1.34 -9.87 -1.06
CA ALA A 181 -1.01 -11.26 -0.86
C ALA A 181 -2.04 -12.28 -1.35
N ALA A 182 -3.34 -11.92 -1.41
CA ALA A 182 -4.39 -12.81 -1.84
C ALA A 182 -4.76 -12.66 -3.32
N LEU A 183 -3.84 -12.12 -4.15
CA LEU A 183 -4.06 -11.85 -5.55
C LEU A 183 -2.88 -12.31 -6.40
N PRO A 184 -3.03 -12.59 -7.71
CA PRO A 184 -1.92 -12.85 -8.63
C PRO A 184 -0.87 -11.74 -8.68
N ARG A 185 0.38 -12.03 -9.12
CA ARG A 185 1.35 -10.97 -9.34
C ARG A 185 0.98 -9.95 -10.43
N LEU A 186 0.62 -8.75 -9.97
CA LEU A 186 0.32 -7.56 -10.72
C LEU A 186 1.59 -6.89 -11.27
N ILE A 187 1.78 -6.91 -12.60
CA ILE A 187 2.94 -6.37 -13.27
C ILE A 187 2.58 -5.02 -13.89
N ALA A 188 3.48 -4.05 -13.73
CA ALA A 188 3.33 -2.69 -14.18
C ALA A 188 4.48 -2.29 -15.08
N PHE A 189 4.22 -1.46 -16.10
CA PHE A 189 5.19 -1.08 -17.11
C PHE A 189 5.38 0.42 -17.09
N THR A 190 6.62 0.87 -17.30
CA THR A 190 7.00 2.26 -17.13
C THR A 190 8.29 2.51 -17.89
N SER A 191 8.53 3.77 -18.29
CA SER A 191 9.71 4.18 -19.03
C SER A 191 11.00 4.19 -18.22
N GLU A 192 12.13 3.93 -18.89
CA GLU A 192 13.48 3.86 -18.32
C GLU A 192 13.94 5.17 -17.65
N HIS A 193 13.45 6.33 -18.14
CA HIS A 193 13.72 7.65 -17.59
C HIS A 193 12.67 8.15 -16.58
N SER A 194 11.76 7.28 -16.10
CA SER A 194 10.67 7.63 -15.17
C SER A 194 11.07 8.24 -13.82
N HIS A 195 10.27 9.22 -13.34
CA HIS A 195 10.35 9.79 -12.00
C HIS A 195 10.08 8.86 -10.81
N PHE A 196 10.77 9.11 -9.67
CA PHE A 196 10.81 8.27 -8.47
C PHE A 196 9.47 8.04 -7.75
N SER A 197 8.42 8.81 -8.08
CA SER A 197 7.10 8.73 -7.47
C SER A 197 6.43 7.38 -7.65
N LEU A 198 6.66 6.75 -8.81
CA LEU A 198 6.18 5.44 -9.18
C LEU A 198 6.81 4.35 -8.31
N LYS A 199 8.15 4.37 -8.16
CA LYS A 199 8.87 3.57 -7.17
C LYS A 199 8.32 3.71 -5.75
N LYS A 200 8.14 4.96 -5.26
CA LYS A 200 7.57 5.23 -3.95
C LYS A 200 6.17 4.66 -3.76
N GLY A 201 5.29 4.88 -4.77
CA GLY A 201 3.94 4.32 -4.83
C GLY A 201 3.93 2.81 -4.75
N ALA A 202 4.76 2.14 -5.57
CA ALA A 202 4.88 0.71 -5.65
C ALA A 202 5.28 0.05 -4.32
N ALA A 203 6.25 0.66 -3.61
CA ALA A 203 6.61 0.30 -2.25
C ALA A 203 5.48 0.48 -1.26
N ALA A 204 4.86 1.70 -1.23
CA ALA A 204 3.78 2.05 -0.33
C ALA A 204 2.59 1.09 -0.45
N LEU A 205 2.09 0.92 -1.68
CA LEU A 205 0.89 0.17 -2.01
C LEU A 205 1.08 -1.34 -1.90
N GLY A 206 2.31 -1.80 -1.57
CA GLY A 206 2.65 -3.19 -1.31
C GLY A 206 2.79 -4.04 -2.54
N ILE A 207 3.06 -3.45 -3.71
CA ILE A 207 3.20 -4.18 -4.97
C ILE A 207 4.69 -4.42 -5.29
N GLY A 208 5.57 -3.54 -4.77
CA GLY A 208 7.02 -3.65 -4.83
C GLY A 208 7.63 -3.18 -6.13
N THR A 209 8.84 -2.59 -6.08
CA THR A 209 9.53 -2.05 -7.26
C THR A 209 9.94 -3.09 -8.29
N ASP A 210 10.24 -4.34 -7.86
CA ASP A 210 10.57 -5.44 -8.75
C ASP A 210 9.43 -5.81 -9.72
N SER A 211 8.18 -5.80 -9.24
CA SER A 211 6.97 -5.94 -10.05
C SER A 211 6.74 -4.82 -11.08
N VAL A 212 7.37 -3.64 -10.89
CA VAL A 212 7.42 -2.57 -11.87
C VAL A 212 8.58 -2.75 -12.86
N ILE A 213 8.25 -2.98 -14.14
CA ILE A 213 9.20 -3.30 -15.19
C ILE A 213 9.48 -2.04 -16.00
N LEU A 214 10.76 -1.76 -16.26
CA LEU A 214 11.27 -0.58 -16.94
C LEU A 214 11.58 -0.89 -18.40
N ILE A 215 10.93 -0.19 -19.34
CA ILE A 215 11.11 -0.47 -20.76
C ILE A 215 12.09 0.57 -21.31
N LYS A 216 12.96 0.14 -22.24
CA LYS A 216 14.05 0.92 -22.78
C LYS A 216 13.64 2.16 -23.59
N CYS A 217 14.43 3.24 -23.49
CA CYS A 217 14.21 4.47 -24.22
C CYS A 217 15.26 4.72 -25.30
N ASP A 218 14.80 5.25 -26.45
CA ASP A 218 15.60 5.64 -27.60
C ASP A 218 16.49 6.86 -27.34
N GLU A 219 17.32 7.24 -28.34
CA GLU A 219 18.20 8.39 -28.33
C GLU A 219 17.49 9.71 -28.00
N ARG A 220 16.22 9.86 -28.47
CA ARG A 220 15.46 11.09 -28.36
C ARG A 220 14.87 11.21 -26.95
N GLY A 221 14.51 10.05 -26.33
CA GLY A 221 14.11 9.97 -24.93
C GLY A 221 12.81 9.22 -24.70
N LYS A 222 12.28 8.51 -25.71
CA LYS A 222 10.97 7.90 -25.65
C LYS A 222 10.95 6.37 -25.72
N MET A 223 9.98 5.77 -24.99
CA MET A 223 9.81 4.36 -24.74
C MET A 223 9.61 3.48 -25.98
N ILE A 224 10.56 2.55 -26.26
CA ILE A 224 10.61 1.74 -27.47
C ILE A 224 9.45 0.71 -27.59
N PRO A 225 8.58 0.73 -28.62
CA PRO A 225 7.43 -0.17 -28.71
C PRO A 225 7.76 -1.67 -28.70
N SER A 226 8.86 -2.09 -29.36
CA SER A 226 9.26 -3.51 -29.41
C SER A 226 9.52 -4.11 -28.04
N ASP A 227 10.37 -3.44 -27.23
CA ASP A 227 10.65 -3.83 -25.86
C ASP A 227 9.37 -3.82 -25.00
N LEU A 228 8.48 -2.83 -25.20
CA LEU A 228 7.19 -2.74 -24.50
C LEU A 228 6.32 -3.96 -24.74
N GLU A 229 6.09 -4.31 -26.03
CA GLU A 229 5.34 -5.49 -26.40
C GLU A 229 6.01 -6.76 -25.91
N ARG A 230 7.36 -6.85 -25.97
CA ARG A 230 8.09 -7.98 -25.45
C ARG A 230 7.88 -8.22 -23.95
N ARG A 231 7.95 -7.16 -23.11
CA ARG A 231 7.74 -7.29 -21.68
C ARG A 231 6.32 -7.70 -21.33
N ILE A 232 5.31 -7.13 -22.03
CA ILE A 232 3.94 -7.56 -21.89
C ILE A 232 3.75 -9.04 -22.28
N LEU A 233 4.34 -9.46 -23.42
CA LEU A 233 4.34 -10.83 -23.89
C LEU A 233 4.96 -11.80 -22.88
N GLU A 234 6.16 -11.48 -22.35
CA GLU A 234 6.85 -12.27 -21.33
C GLU A 234 6.01 -12.48 -20.08
N ALA A 235 5.48 -11.35 -19.53
CA ALA A 235 4.66 -11.34 -18.34
C ALA A 235 3.39 -12.20 -18.47
N LYS A 236 2.65 -11.98 -19.58
CA LYS A 236 1.38 -12.63 -19.84
C LYS A 236 1.54 -14.10 -20.19
N GLN A 237 2.68 -14.50 -20.80
CA GLN A 237 3.06 -15.90 -20.94
C GLN A 237 3.36 -16.60 -19.61
N LYS A 238 4.17 -15.98 -18.73
CA LYS A 238 4.65 -16.59 -17.50
C LYS A 238 3.64 -16.72 -16.35
N GLY A 239 2.33 -16.59 -16.62
CA GLY A 239 1.26 -16.59 -15.63
C GLY A 239 1.19 -15.40 -14.70
N PHE A 240 1.74 -14.24 -15.10
CA PHE A 240 1.66 -13.00 -14.35
C PHE A 240 0.60 -12.10 -15.01
N VAL A 241 0.14 -11.06 -14.31
CA VAL A 241 -0.95 -10.23 -14.81
C VAL A 241 -0.43 -8.85 -15.15
N PRO A 242 -0.33 -8.42 -16.41
CA PRO A 242 -0.18 -7.01 -16.76
C PRO A 242 -1.42 -6.20 -16.39
N PHE A 243 -1.29 -5.21 -15.48
CA PHE A 243 -2.44 -4.41 -15.06
C PHE A 243 -2.28 -2.93 -15.41
N LEU A 244 -1.08 -2.37 -15.26
CA LEU A 244 -0.82 -0.95 -15.46
C LEU A 244 0.28 -0.70 -16.46
N VAL A 245 0.04 0.14 -17.46
CA VAL A 245 1.07 0.72 -18.29
C VAL A 245 1.06 2.23 -18.11
N SER A 246 2.20 2.77 -17.62
CA SER A 246 2.39 4.19 -17.37
C SER A 246 3.24 4.79 -18.47
N ALA A 247 2.61 5.64 -19.29
CA ALA A 247 3.20 6.37 -20.39
C ALA A 247 3.48 7.81 -19.98
N THR A 248 4.71 8.29 -20.24
CA THR A 248 5.19 9.57 -19.72
C THR A 248 5.23 10.63 -20.81
N ALA A 249 4.21 11.51 -20.82
CA ALA A 249 4.14 12.65 -21.70
C ALA A 249 4.87 13.83 -21.05
N GLY A 250 6.20 13.89 -21.23
CA GLY A 250 7.03 15.02 -20.86
C GLY A 250 7.85 14.66 -19.66
N THR A 251 8.84 13.76 -19.83
CA THR A 251 9.70 13.22 -18.77
C THR A 251 10.41 14.28 -17.94
N THR A 252 10.44 14.20 -16.60
CA THR A 252 10.79 15.35 -15.76
C THR A 252 12.27 15.72 -15.87
N VAL A 253 13.13 14.71 -16.15
CA VAL A 253 14.53 14.86 -16.50
C VAL A 253 14.79 15.60 -17.82
N TYR A 254 14.07 15.28 -18.91
CA TYR A 254 14.48 15.62 -20.28
C TYR A 254 13.42 16.35 -21.08
N GLY A 255 12.13 16.25 -20.68
CA GLY A 255 10.99 16.83 -21.36
C GLY A 255 10.45 15.97 -22.48
N ALA A 256 10.69 14.63 -22.46
CA ALA A 256 10.49 13.79 -23.61
C ALA A 256 9.13 13.09 -23.62
N PHE A 257 8.57 12.91 -24.83
CA PHE A 257 7.22 12.47 -25.10
C PHE A 257 7.09 11.04 -25.62
N ASP A 258 6.70 10.08 -24.75
CA ASP A 258 6.28 8.75 -25.17
C ASP A 258 5.15 8.76 -26.24
N PRO A 259 5.03 7.77 -27.14
CA PRO A 259 4.07 7.83 -28.24
C PRO A 259 2.70 7.30 -27.83
N LEU A 260 1.82 8.20 -27.34
CA LEU A 260 0.54 7.86 -26.73
C LEU A 260 -0.39 7.03 -27.60
N LEU A 261 -0.64 7.46 -28.87
CA LEU A 261 -1.43 6.72 -29.84
C LEU A 261 -0.99 5.27 -30.05
N ALA A 262 0.33 5.08 -30.30
CA ALA A 262 0.97 3.79 -30.47
C ALA A 262 0.77 2.89 -29.26
N VAL A 263 1.06 3.43 -28.06
CA VAL A 263 0.92 2.71 -26.80
C VAL A 263 -0.53 2.34 -26.52
N ALA A 264 -1.50 3.22 -26.87
CA ALA A 264 -2.92 3.03 -26.66
C ALA A 264 -3.49 1.79 -27.35
N ASP A 265 -3.05 1.52 -28.60
CA ASP A 265 -3.40 0.31 -29.33
C ASP A 265 -2.84 -0.96 -28.65
N ILE A 266 -1.62 -0.89 -28.09
CA ILE A 266 -0.98 -1.98 -27.35
C ILE A 266 -1.76 -2.24 -26.05
N CYS A 267 -2.18 -1.15 -25.35
CA CYS A 267 -3.03 -1.19 -24.17
C CYS A 267 -4.34 -1.91 -24.44
N LYS A 268 -5.00 -1.55 -25.55
CA LYS A 268 -6.23 -2.15 -26.03
C LYS A 268 -6.07 -3.62 -26.39
N LYS A 269 -4.98 -3.99 -27.10
CA LYS A 269 -4.66 -5.36 -27.47
C LYS A 269 -4.53 -6.31 -26.29
N TYR A 270 -3.85 -5.88 -25.21
CA TYR A 270 -3.54 -6.74 -24.08
C TYR A 270 -4.40 -6.44 -22.85
N LYS A 271 -5.47 -5.65 -23.03
CA LYS A 271 -6.40 -5.21 -22.00
C LYS A 271 -5.81 -4.54 -20.75
N ILE A 272 -4.97 -3.50 -20.94
CA ILE A 272 -4.12 -2.96 -19.88
C ILE A 272 -4.58 -1.53 -19.61
N TRP A 273 -4.75 -1.13 -18.32
CA TRP A 273 -5.08 0.23 -17.95
C TRP A 273 -3.95 1.21 -18.29
N MET A 274 -4.31 2.35 -18.92
CA MET A 274 -3.37 3.30 -19.45
C MET A 274 -3.29 4.53 -18.56
N HIS A 275 -2.18 4.69 -17.83
CA HIS A 275 -1.87 5.90 -17.10
C HIS A 275 -0.99 6.81 -17.93
N VAL A 276 -1.43 8.05 -18.13
CA VAL A 276 -0.65 9.11 -18.77
C VAL A 276 -0.24 10.11 -17.73
N ASP A 277 1.05 10.09 -17.36
CA ASP A 277 1.66 11.15 -16.59
C ASP A 277 1.99 12.33 -17.51
N ALA A 278 1.28 13.45 -17.32
CA ALA A 278 1.61 14.73 -17.89
C ALA A 278 2.00 15.78 -16.86
N ALA A 279 2.62 15.40 -15.71
CA ALA A 279 2.94 16.32 -14.64
C ALA A 279 3.90 17.48 -15.00
N TRP A 280 4.94 17.21 -15.81
CA TRP A 280 5.69 18.23 -16.52
C TRP A 280 5.31 18.41 -18.00
N GLY A 281 4.14 17.90 -18.44
CA GLY A 281 3.68 18.04 -19.83
C GLY A 281 2.46 18.91 -20.02
N GLY A 282 1.57 18.99 -19.00
CA GLY A 282 0.21 19.57 -19.03
C GLY A 282 -0.03 20.84 -19.82
N GLY A 283 0.89 21.81 -19.68
CA GLY A 283 0.83 23.15 -20.28
C GLY A 283 0.59 23.15 -21.77
N LEU A 284 1.19 22.16 -22.46
CA LEU A 284 1.23 22.04 -23.90
C LEU A 284 -0.18 21.85 -24.49
N LEU A 285 -1.12 21.26 -23.70
CA LEU A 285 -2.49 20.99 -24.11
C LEU A 285 -3.25 22.25 -24.52
N MET A 286 -2.93 23.40 -23.89
CA MET A 286 -3.54 24.69 -24.14
C MET A 286 -3.27 25.25 -25.54
N SER A 287 -2.08 24.97 -26.10
CA SER A 287 -1.60 25.68 -27.29
C SER A 287 -2.06 24.97 -28.55
N ARG A 288 -2.98 25.60 -29.30
CA ARG A 288 -3.62 24.97 -30.45
C ARG A 288 -2.70 24.93 -31.66
N LYS A 289 -1.66 25.79 -31.63
CA LYS A 289 -0.50 25.76 -32.51
C LYS A 289 0.35 24.50 -32.39
N HIS A 290 0.56 23.96 -31.17
CA HIS A 290 1.52 22.89 -30.91
C HIS A 290 0.93 21.57 -30.40
N LYS A 291 -0.40 21.47 -30.20
CA LYS A 291 -1.11 20.35 -29.59
C LYS A 291 -0.86 18.94 -30.16
N TRP A 292 -0.47 18.87 -31.45
CA TRP A 292 -0.26 17.68 -32.26
C TRP A 292 0.69 16.65 -31.64
N LYS A 293 1.64 17.10 -30.80
CA LYS A 293 2.56 16.24 -30.07
C LYS A 293 1.86 15.22 -29.16
N LEU A 294 0.67 15.56 -28.61
CA LEU A 294 0.03 14.78 -27.57
C LEU A 294 -1.14 13.93 -28.11
N SER A 295 -1.13 13.62 -29.42
CA SER A 295 -2.18 12.85 -30.07
C SER A 295 -2.21 11.40 -29.58
N GLY A 296 -3.38 10.92 -29.11
CA GLY A 296 -3.52 9.67 -28.38
C GLY A 296 -3.96 9.84 -26.95
N VAL A 297 -3.89 11.06 -26.39
CA VAL A 297 -4.37 11.37 -25.03
C VAL A 297 -5.85 11.02 -24.80
N GLU A 298 -6.67 11.06 -25.86
CA GLU A 298 -8.10 10.79 -25.88
C GLU A 298 -8.45 9.33 -25.54
N ARG A 299 -7.48 8.40 -25.69
CA ARG A 299 -7.62 7.01 -25.31
C ARG A 299 -7.33 6.72 -23.83
N ALA A 300 -6.57 7.59 -23.14
CA ALA A 300 -6.03 7.34 -21.81
C ALA A 300 -7.09 7.13 -20.71
N ASN A 301 -6.77 6.31 -19.67
CA ASN A 301 -7.75 5.94 -18.66
C ASN A 301 -7.60 6.78 -17.40
N SER A 302 -6.37 6.93 -16.88
CA SER A 302 -6.07 7.86 -15.79
C SER A 302 -5.00 8.86 -16.19
N VAL A 303 -5.24 10.16 -16.00
CA VAL A 303 -4.31 11.20 -16.37
C VAL A 303 -3.92 11.97 -15.12
N THR A 304 -2.60 12.11 -14.86
CA THR A 304 -2.05 13.01 -13.85
C THR A 304 -1.57 14.27 -14.54
N TRP A 305 -2.20 15.40 -14.22
CA TRP A 305 -1.86 16.74 -14.68
C TRP A 305 -1.48 17.62 -13.49
N ASN A 306 -0.33 18.34 -13.52
CA ASN A 306 -0.04 19.37 -12.52
C ASN A 306 -0.34 20.78 -13.05
N PRO A 307 -1.31 21.51 -12.52
CA PRO A 307 -1.46 22.93 -12.80
C PRO A 307 -0.35 23.79 -12.19
N HIS A 308 0.17 23.47 -10.99
CA HIS A 308 1.09 24.36 -10.26
C HIS A 308 2.40 24.66 -10.99
N LYS A 309 3.02 23.63 -11.60
CA LYS A 309 4.15 23.78 -12.50
C LYS A 309 3.86 24.57 -13.78
N MET A 310 2.69 24.33 -14.41
CA MET A 310 2.50 24.68 -15.81
C MET A 310 1.63 25.91 -16.01
N MET A 311 0.68 26.19 -15.09
CA MET A 311 -0.24 27.31 -15.16
C MET A 311 0.16 28.43 -14.21
N GLY A 312 1.14 28.18 -13.30
CA GLY A 312 1.63 29.13 -12.32
C GLY A 312 1.05 29.05 -10.93
N VAL A 313 0.14 28.08 -10.67
CA VAL A 313 -0.73 28.08 -9.49
C VAL A 313 0.08 27.87 -8.18
N PRO A 314 -0.14 28.57 -7.06
CA PRO A 314 0.50 28.29 -5.77
C PRO A 314 0.61 26.82 -5.35
N LEU A 315 1.77 26.45 -4.77
CA LEU A 315 2.40 25.14 -4.88
C LEU A 315 1.63 23.92 -4.35
N GLN A 316 1.90 22.73 -4.96
CA GLN A 316 1.27 21.45 -4.66
C GLN A 316 -0.22 21.34 -5.04
N CYS A 317 -0.59 21.77 -6.26
CA CYS A 317 -1.89 21.44 -6.85
C CYS A 317 -1.71 20.46 -8.00
N SER A 318 -2.15 19.21 -7.81
CA SER A 318 -2.12 18.15 -8.80
C SER A 318 -3.52 17.63 -9.08
N ALA A 319 -3.87 17.34 -10.34
CA ALA A 319 -5.20 16.94 -10.72
C ALA A 319 -5.12 15.54 -11.32
N LEU A 320 -5.92 14.62 -10.76
CA LEU A 320 -6.07 13.25 -11.19
C LEU A 320 -7.39 13.08 -11.89
N LEU A 321 -7.38 12.87 -13.21
CA LEU A 321 -8.58 12.68 -14.02
C LEU A 321 -8.72 11.22 -14.43
N VAL A 322 -9.85 10.58 -14.08
CA VAL A 322 -10.09 9.16 -14.34
C VAL A 322 -11.30 8.97 -15.24
N ARG A 323 -11.15 8.18 -16.33
CA ARG A 323 -12.14 7.99 -17.36
C ARG A 323 -13.48 7.40 -16.89
N GLU A 324 -13.44 6.36 -16.02
CA GLU A 324 -14.62 5.62 -15.62
C GLU A 324 -15.23 6.17 -14.33
N GLU A 325 -16.52 6.54 -14.37
CA GLU A 325 -17.28 7.05 -13.24
C GLU A 325 -17.45 6.08 -12.07
N GLY A 326 -17.32 6.57 -10.82
CA GLY A 326 -17.73 5.86 -9.60
C GLY A 326 -16.61 5.16 -8.88
N LEU A 327 -15.49 4.87 -9.57
CA LEU A 327 -14.35 4.15 -9.05
C LEU A 327 -13.78 4.67 -7.73
N MET A 328 -13.59 6.01 -7.61
CA MET A 328 -12.87 6.60 -6.49
C MET A 328 -13.55 6.40 -5.15
N GLN A 329 -14.90 6.59 -5.08
CA GLN A 329 -15.68 6.33 -3.88
C GLN A 329 -15.54 4.89 -3.42
N ASN A 330 -15.87 3.93 -4.32
CA ASN A 330 -15.89 2.51 -4.01
C ASN A 330 -14.52 1.99 -3.60
N CYS A 331 -13.47 2.46 -4.30
CA CYS A 331 -12.08 2.13 -4.03
C CYS A 331 -11.61 2.51 -2.63
N ASN A 332 -11.94 3.74 -2.18
CA ASN A 332 -11.32 4.32 -0.99
C ASN A 332 -12.23 4.29 0.23
N GLN A 333 -13.56 4.23 0.07
CA GLN A 333 -14.51 4.35 1.15
C GLN A 333 -14.83 3.00 1.79
N MET A 334 -14.83 2.92 3.15
CA MET A 334 -15.10 1.70 3.89
C MET A 334 -16.49 1.10 3.66
N HIS A 335 -17.53 1.95 3.69
CA HIS A 335 -18.90 1.53 3.52
C HIS A 335 -19.77 2.65 2.93
N ALA A 336 -20.11 3.76 3.61
CA ALA A 336 -19.89 4.13 5.00
C ALA A 336 -21.09 4.98 5.46
N SER A 337 -21.52 4.82 6.72
CA SER A 337 -22.90 5.10 7.11
C SER A 337 -23.04 6.45 7.79
N TYR A 338 -21.95 7.25 7.82
CA TYR A 338 -21.92 8.56 8.44
C TYR A 338 -21.99 9.65 7.37
N LEU A 339 -20.92 9.81 6.57
CA LEU A 339 -20.84 10.75 5.46
C LEU A 339 -21.85 10.53 4.33
N PHE A 340 -22.06 9.27 3.94
CA PHE A 340 -22.77 8.90 2.72
C PHE A 340 -24.16 8.30 3.01
N GLN A 341 -24.72 8.56 4.21
CA GLN A 341 -26.10 8.22 4.54
C GLN A 341 -27.17 8.88 3.65
N GLN A 342 -28.29 8.17 3.43
CA GLN A 342 -29.30 8.55 2.46
C GLN A 342 -30.42 9.41 3.05
N ASP A 343 -30.32 9.75 4.36
CA ASP A 343 -31.30 10.56 5.06
C ASP A 343 -30.89 12.04 5.12
N LYS A 344 -29.82 12.45 4.39
CA LYS A 344 -29.37 13.82 4.25
C LYS A 344 -30.38 14.84 3.70
N HIS A 345 -30.16 16.12 4.04
CA HIS A 345 -30.88 17.30 3.52
C HIS A 345 -30.90 17.45 2.00
N TYR A 346 -29.80 17.09 1.32
CA TYR A 346 -29.76 16.91 -0.13
C TYR A 346 -29.60 15.42 -0.45
N ASP A 347 -30.14 14.98 -1.60
CA ASP A 347 -29.90 13.65 -2.16
C ASP A 347 -28.42 13.32 -2.41
N LEU A 348 -28.01 12.06 -2.13
CA LEU A 348 -26.61 11.64 -2.15
C LEU A 348 -25.91 11.66 -3.52
N SER A 349 -26.64 11.79 -4.65
CA SER A 349 -26.05 11.84 -5.99
C SER A 349 -25.03 12.95 -6.24
N TYR A 350 -25.14 14.10 -5.54
CA TYR A 350 -24.21 15.21 -5.62
C TYR A 350 -22.85 14.95 -4.97
N ASP A 351 -22.73 13.90 -4.14
CA ASP A 351 -21.49 13.51 -3.49
C ASP A 351 -20.46 12.99 -4.52
N THR A 352 -19.14 13.25 -4.36
CA THR A 352 -18.44 14.08 -3.37
C THR A 352 -18.37 13.40 -2.01
N GLY A 353 -18.11 12.07 -2.03
CA GLY A 353 -17.97 11.23 -0.84
C GLY A 353 -16.52 11.12 -0.43
N ASP A 354 -16.13 9.97 0.15
CA ASP A 354 -14.76 9.77 0.58
C ASP A 354 -13.92 9.16 -0.58
N LYS A 355 -13.32 10.03 -1.42
CA LYS A 355 -12.77 9.66 -2.70
C LYS A 355 -11.24 9.55 -2.69
N ALA A 356 -10.61 9.73 -1.51
CA ALA A 356 -9.18 9.59 -1.33
C ALA A 356 -8.83 8.82 -0.07
N LEU A 357 -7.56 8.39 0.08
CA LEU A 357 -7.05 7.87 1.34
C LEU A 357 -7.12 8.88 2.48
N GLN A 358 -6.73 10.14 2.23
CA GLN A 358 -6.85 11.22 3.19
C GLN A 358 -8.31 11.53 3.53
N CYS A 359 -8.61 11.81 4.82
CA CYS A 359 -9.95 12.16 5.26
C CYS A 359 -10.01 13.68 5.39
N GLY A 360 -10.64 14.33 4.40
CA GLY A 360 -10.79 15.79 4.33
C GLY A 360 -9.59 16.46 3.72
N ARG A 361 -9.83 17.51 2.92
CA ARG A 361 -8.79 18.18 2.18
C ARG A 361 -9.18 19.62 1.92
N HIS A 362 -8.21 20.54 1.90
CA HIS A 362 -8.46 21.97 1.83
C HIS A 362 -8.95 22.46 0.46
N VAL A 363 -9.64 23.62 0.44
CA VAL A 363 -10.35 24.17 -0.71
C VAL A 363 -9.46 24.80 -1.81
N ASP A 364 -8.35 24.10 -2.16
CA ASP A 364 -7.28 24.47 -3.06
C ASP A 364 -7.70 24.81 -4.51
N VAL A 365 -8.90 24.38 -4.94
CA VAL A 365 -9.48 24.67 -6.25
C VAL A 365 -9.63 26.17 -6.55
N PHE A 366 -9.94 27.02 -5.55
CA PHE A 366 -10.40 28.39 -5.77
C PHE A 366 -9.37 29.24 -6.51
N LYS A 367 -8.07 29.11 -6.15
CA LYS A 367 -6.97 29.80 -6.78
C LYS A 367 -6.83 29.50 -8.28
N LEU A 368 -6.97 28.22 -8.66
CA LEU A 368 -6.82 27.80 -10.05
C LEU A 368 -8.01 28.29 -10.86
N TRP A 369 -9.22 28.20 -10.29
CA TRP A 369 -10.44 28.68 -10.91
C TRP A 369 -10.39 30.20 -11.15
N LEU A 370 -9.98 30.98 -10.13
CA LEU A 370 -9.90 32.42 -10.20
C LEU A 370 -8.82 32.88 -11.18
N MET A 371 -7.68 32.16 -11.23
CA MET A 371 -6.63 32.35 -12.22
C MET A 371 -7.08 32.04 -13.63
N TRP A 372 -7.84 30.95 -13.84
CA TRP A 372 -8.41 30.61 -15.13
C TRP A 372 -9.42 31.65 -15.60
N ARG A 373 -10.27 32.20 -14.70
CA ARG A 373 -11.08 33.38 -14.99
C ARG A 373 -10.26 34.61 -15.41
N ALA A 374 -9.24 34.96 -14.63
CA ALA A 374 -8.40 36.13 -14.84
C ALA A 374 -7.44 36.10 -16.03
N LYS A 375 -6.74 34.96 -16.27
CA LYS A 375 -5.83 34.81 -17.40
C LYS A 375 -6.46 34.20 -18.65
N GLY A 376 -7.41 33.26 -18.48
CA GLY A 376 -7.97 32.48 -19.57
C GLY A 376 -7.05 31.47 -20.22
N THR A 377 -7.64 30.60 -21.05
CA THR A 377 -6.94 29.62 -21.89
C THR A 377 -5.96 30.30 -22.84
N THR A 378 -6.34 31.50 -23.34
CA THR A 378 -5.53 32.27 -24.28
C THR A 378 -4.25 32.79 -23.64
N GLY A 379 -4.34 33.31 -22.39
CA GLY A 379 -3.19 33.66 -21.57
C GLY A 379 -2.26 32.52 -21.23
N PHE A 380 -2.80 31.34 -20.91
CA PHE A 380 -1.98 30.14 -20.75
C PHE A 380 -1.25 29.69 -22.02
N GLU A 381 -1.93 29.74 -23.19
CA GLU A 381 -1.32 29.50 -24.49
C GLU A 381 -0.15 30.43 -24.81
N ALA A 382 -0.37 31.76 -24.59
CA ALA A 382 0.61 32.82 -24.76
C ALA A 382 1.91 32.54 -24.00
N HIS A 383 1.77 32.17 -22.70
CA HIS A 383 2.84 31.85 -21.79
C HIS A 383 3.68 30.68 -22.31
N VAL A 384 3.01 29.56 -22.64
CA VAL A 384 3.63 28.33 -23.13
C VAL A 384 4.40 28.57 -24.43
N ASP A 385 3.78 29.27 -25.41
CA ASP A 385 4.43 29.61 -26.67
C ASP A 385 5.66 30.50 -26.49
N LYS A 386 5.59 31.47 -25.55
CA LYS A 386 6.69 32.38 -25.27
C LYS A 386 7.88 31.67 -24.64
N CYS A 387 7.62 30.69 -23.75
CA CYS A 387 8.62 29.78 -23.24
C CYS A 387 9.29 28.92 -24.32
N LEU A 388 8.51 28.34 -25.25
CA LEU A 388 9.03 27.55 -26.37
C LEU A 388 9.90 28.39 -27.33
N GLU A 389 9.48 29.65 -27.58
CA GLU A 389 10.26 30.63 -28.32
C GLU A 389 11.63 30.89 -27.71
N LEU A 390 11.67 31.12 -26.39
CA LEU A 390 12.86 31.39 -25.61
C LEU A 390 13.85 30.21 -25.65
N ALA A 391 13.31 28.97 -25.57
CA ALA A 391 14.05 27.73 -25.74
C ALA A 391 14.70 27.63 -27.13
N GLU A 392 13.93 27.95 -28.21
CA GLU A 392 14.48 27.99 -29.56
C GLU A 392 15.55 29.08 -29.77
N TYR A 393 15.39 30.25 -29.12
CA TYR A 393 16.39 31.32 -29.07
C TYR A 393 17.70 30.83 -28.44
N LEU A 394 17.59 30.22 -27.24
CA LEU A 394 18.68 29.66 -26.46
C LEU A 394 19.43 28.58 -27.27
N TYR A 395 18.66 27.69 -27.93
CA TYR A 395 19.16 26.63 -28.79
C TYR A 395 20.04 27.16 -29.91
N ASN A 396 19.56 28.20 -30.64
CA ASN A 396 20.24 28.78 -31.78
C ASN A 396 21.61 29.33 -31.38
N ILE A 397 21.71 29.91 -30.17
CA ILE A 397 22.96 30.35 -29.56
C ILE A 397 23.90 29.15 -29.33
N ILE A 398 23.50 28.17 -28.49
CA ILE A 398 24.35 27.05 -28.07
C ILE A 398 24.70 26.08 -29.20
N LYS A 399 23.83 25.97 -30.22
CA LYS A 399 24.05 25.27 -31.47
C LYS A 399 25.29 25.77 -32.20
N ASN A 400 25.49 27.11 -32.22
CA ASN A 400 26.53 27.75 -32.99
C ASN A 400 27.57 28.32 -32.01
N ARG A 401 28.03 27.50 -31.04
CA ARG A 401 29.11 27.87 -30.14
C ARG A 401 29.87 26.62 -29.68
N GLU A 402 31.21 26.71 -29.59
CA GLU A 402 32.08 25.69 -29.02
C GLU A 402 31.84 25.36 -27.54
N GLY A 403 32.04 24.07 -27.17
CA GLY A 403 31.94 23.60 -25.79
C GLY A 403 30.56 23.49 -25.20
N TYR A 404 29.53 23.29 -26.05
CA TYR A 404 28.16 23.04 -25.66
C TYR A 404 27.63 21.78 -26.33
N GLU A 405 27.34 20.72 -25.54
CA GLU A 405 26.91 19.44 -26.07
C GLU A 405 25.54 19.10 -25.46
N MET A 406 24.48 19.12 -26.28
CA MET A 406 23.18 18.55 -25.93
C MET A 406 23.15 17.07 -25.54
N VAL A 407 22.36 16.73 -24.49
CA VAL A 407 22.33 15.39 -23.94
C VAL A 407 21.40 14.47 -24.74
N PHE A 408 20.21 14.97 -25.15
CA PHE A 408 19.27 14.22 -25.97
C PHE A 408 19.39 14.56 -27.46
N ASP A 409 18.91 13.64 -28.33
CA ASP A 409 18.98 13.80 -29.78
C ASP A 409 18.10 14.95 -30.32
N GLY A 410 18.58 15.67 -31.36
CA GLY A 410 18.02 16.90 -31.91
C GLY A 410 17.66 18.05 -30.97
N LYS A 411 16.79 18.95 -31.47
CA LYS A 411 16.50 20.27 -30.91
C LYS A 411 15.54 20.17 -29.70
N PRO A 412 15.37 21.19 -28.84
CA PRO A 412 14.43 21.19 -27.72
C PRO A 412 13.03 20.63 -27.91
N GLN A 413 12.40 20.28 -26.78
CA GLN A 413 11.27 19.40 -26.66
C GLN A 413 9.90 20.02 -27.02
N HIS A 414 9.09 20.68 -26.16
CA HIS A 414 9.20 21.22 -24.80
C HIS A 414 10.40 22.12 -24.46
N THR A 415 10.48 22.62 -23.21
CA THR A 415 11.26 23.82 -22.88
C THR A 415 12.54 23.47 -22.16
N ASN A 416 12.77 22.16 -21.92
CA ASN A 416 13.99 21.60 -21.36
C ASN A 416 15.19 21.71 -22.30
N VAL A 417 16.26 22.39 -21.86
CA VAL A 417 17.54 22.39 -22.55
C VAL A 417 18.52 21.62 -21.65
N CYS A 418 18.76 20.33 -21.98
CA CYS A 418 19.69 19.48 -21.25
C CYS A 418 21.05 19.44 -21.90
N PHE A 419 22.07 20.06 -21.28
CA PHE A 419 23.36 20.25 -21.92
C PHE A 419 24.54 19.96 -21.00
N TRP A 420 25.69 19.65 -21.62
CA TRP A 420 26.98 19.67 -20.97
C TRP A 420 27.71 20.90 -21.47
N TYR A 421 28.48 21.52 -20.57
CA TYR A 421 29.36 22.62 -20.85
C TYR A 421 30.81 22.20 -20.65
N ILE A 422 31.67 22.50 -21.63
CA ILE A 422 33.05 22.08 -21.66
C ILE A 422 33.90 23.33 -21.41
N PRO A 423 34.63 23.51 -20.31
CA PRO A 423 35.56 24.63 -20.10
C PRO A 423 36.58 24.81 -21.23
N PRO A 424 37.01 26.01 -21.65
CA PRO A 424 38.06 26.26 -22.65
C PRO A 424 39.19 25.23 -22.71
N SER A 425 39.94 25.05 -21.61
CA SER A 425 41.10 24.19 -21.50
C SER A 425 40.83 22.71 -21.80
N LEU A 426 39.59 22.24 -21.57
CA LEU A 426 39.16 20.87 -21.82
C LEU A 426 38.81 20.59 -23.28
N ARG A 427 38.45 21.65 -24.07
CA ARG A 427 37.85 21.54 -25.40
C ARG A 427 38.77 20.88 -26.43
N THR A 428 40.09 21.01 -26.24
CA THR A 428 41.10 20.74 -27.27
C THR A 428 41.60 19.30 -27.21
N LEU A 429 41.12 18.51 -26.23
CA LEU A 429 41.63 17.18 -25.94
C LEU A 429 40.85 16.12 -26.73
N GLU A 430 41.57 15.20 -27.41
CA GLU A 430 40.97 14.05 -28.09
C GLU A 430 40.24 13.07 -27.16
N ASP A 431 39.20 12.37 -27.66
CA ASP A 431 38.62 11.23 -26.98
C ASP A 431 39.60 10.07 -26.71
N ASN A 432 40.00 9.90 -25.44
CA ASN A 432 40.68 8.72 -24.91
C ASN A 432 39.85 8.05 -23.79
N GLU A 433 38.55 8.36 -23.72
CA GLU A 433 37.53 7.59 -23.02
C GLU A 433 37.39 7.91 -21.53
N GLU A 434 38.31 8.73 -20.97
CA GLU A 434 38.37 9.02 -19.54
C GLU A 434 38.05 10.49 -19.25
N ARG A 435 37.77 11.28 -20.31
CA ARG A 435 37.38 12.69 -20.26
C ARG A 435 36.22 13.06 -19.35
N MET A 436 35.37 12.08 -18.99
CA MET A 436 34.32 12.18 -17.99
C MET A 436 34.82 12.63 -16.62
N SER A 437 36.10 12.29 -16.31
CA SER A 437 36.81 12.63 -15.08
C SER A 437 36.86 14.12 -14.83
N ARG A 438 37.18 14.90 -15.89
CA ARG A 438 37.21 16.34 -15.84
C ARG A 438 35.80 16.90 -15.88
N LEU A 439 34.97 16.36 -16.80
CA LEU A 439 33.62 16.83 -17.08
C LEU A 439 32.69 16.82 -15.87
N SER A 440 32.78 15.77 -15.01
CA SER A 440 31.94 15.62 -13.83
C SER A 440 32.01 16.80 -12.86
N LYS A 441 33.22 17.37 -12.64
CA LYS A 441 33.46 18.42 -11.67
C LYS A 441 32.93 19.79 -12.09
N VAL A 442 32.69 19.99 -13.40
CA VAL A 442 32.36 21.29 -13.97
C VAL A 442 31.08 21.90 -13.39
N ALA A 443 29.96 21.16 -13.49
CA ALA A 443 28.67 21.59 -12.98
C ALA A 443 28.63 21.95 -11.48
N PRO A 444 29.25 21.19 -10.56
CA PRO A 444 29.44 21.62 -9.18
C PRO A 444 30.18 22.94 -9.04
N VAL A 445 31.33 23.12 -9.73
CA VAL A 445 32.11 24.35 -9.64
C VAL A 445 31.33 25.57 -10.15
N ILE A 446 30.66 25.43 -11.31
CA ILE A 446 29.82 26.47 -11.88
C ILE A 446 28.63 26.81 -10.98
N LYS A 447 27.99 25.79 -10.37
CA LYS A 447 26.88 25.96 -9.44
C LYS A 447 27.27 26.79 -8.22
N ALA A 448 28.45 26.51 -7.64
CA ALA A 448 29.02 27.28 -6.56
C ALA A 448 29.21 28.75 -6.93
N ARG A 449 29.85 29.02 -8.11
CA ARG A 449 30.09 30.38 -8.58
C ARG A 449 28.79 31.15 -8.84
N MET A 450 27.84 30.50 -9.56
CA MET A 450 26.51 31.00 -9.86
C MET A 450 25.72 31.42 -8.64
N MET A 451 25.68 30.56 -7.61
CA MET A 451 25.01 30.85 -6.36
C MET A 451 25.72 31.92 -5.54
N GLU A 452 27.06 31.84 -5.42
CA GLU A 452 27.85 32.78 -4.64
C GLU A 452 27.79 34.23 -5.14
N TYR A 453 27.69 34.45 -6.47
CA TYR A 453 27.44 35.78 -7.02
C TYR A 453 25.95 36.09 -7.20
N GLY A 454 25.06 35.09 -7.02
CA GLY A 454 23.60 35.21 -7.04
C GLY A 454 23.01 35.63 -8.37
N THR A 455 23.75 35.42 -9.48
CA THR A 455 23.42 36.02 -10.77
C THR A 455 22.38 35.25 -11.55
N THR A 456 22.29 33.93 -11.35
CA THR A 456 21.29 33.06 -11.92
C THR A 456 21.34 31.75 -11.17
N MET A 457 20.34 30.87 -11.36
CA MET A 457 20.30 29.54 -10.79
C MET A 457 19.79 28.58 -11.86
N VAL A 458 20.62 27.61 -12.31
CA VAL A 458 20.15 26.53 -13.17
C VAL A 458 20.42 25.20 -12.47
N SER A 459 19.46 24.25 -12.60
CA SER A 459 19.55 22.88 -12.08
C SER A 459 20.62 22.02 -12.73
N TYR A 460 21.37 21.23 -11.92
CA TYR A 460 22.40 20.32 -12.41
C TYR A 460 22.11 18.92 -11.87
N GLN A 461 22.32 17.86 -12.67
CA GLN A 461 22.13 16.50 -12.18
C GLN A 461 22.98 15.53 -13.01
N PRO A 462 23.49 14.44 -12.46
CA PRO A 462 23.85 13.27 -13.25
C PRO A 462 22.69 12.27 -13.27
N LEU A 463 22.62 11.43 -14.31
CA LEU A 463 21.50 10.52 -14.51
C LEU A 463 22.01 9.21 -15.09
N GLY A 464 21.81 8.09 -14.35
CA GLY A 464 22.42 6.79 -14.67
C GLY A 464 23.92 6.85 -14.89
N ASP A 465 24.37 6.42 -16.07
CA ASP A 465 25.76 6.40 -16.47
C ASP A 465 26.24 7.77 -16.96
N LYS A 466 25.30 8.70 -17.26
CA LYS A 466 25.63 10.01 -17.80
C LYS A 466 26.04 10.99 -16.70
N VAL A 467 27.30 11.47 -16.77
CA VAL A 467 27.86 12.47 -15.88
C VAL A 467 27.17 13.83 -15.92
N ASN A 468 27.37 14.60 -14.83
CA ASN A 468 26.73 15.85 -14.43
C ASN A 468 26.41 16.86 -15.55
N PHE A 469 25.12 17.03 -15.90
CA PHE A 469 24.68 17.94 -16.92
C PHE A 469 23.73 19.01 -16.37
N PHE A 470 23.65 20.14 -17.08
CA PHE A 470 22.75 21.23 -16.79
C PHE A 470 21.36 20.97 -17.36
N ARG A 471 20.31 21.19 -16.58
CA ARG A 471 18.95 21.12 -17.06
C ARG A 471 18.34 22.52 -16.95
N MET A 472 18.48 23.31 -18.03
CA MET A 472 17.88 24.63 -18.12
C MET A 472 16.40 24.56 -18.49
N VAL A 473 15.49 25.11 -17.65
CA VAL A 473 14.06 25.06 -17.92
C VAL A 473 13.44 26.44 -17.89
N ILE A 474 12.75 26.83 -18.99
CA ILE A 474 11.99 28.06 -19.05
C ILE A 474 10.56 27.76 -18.62
N SER A 475 10.24 28.03 -17.35
CA SER A 475 8.86 28.19 -16.86
C SER A 475 8.63 29.50 -16.13
N ASN A 476 9.58 30.45 -16.18
CA ASN A 476 9.51 31.70 -15.44
C ASN A 476 8.87 32.80 -16.32
N PRO A 477 7.80 33.51 -15.92
CA PRO A 477 7.14 34.51 -16.77
C PRO A 477 7.96 35.77 -16.97
N ALA A 478 8.90 36.10 -16.06
CA ALA A 478 9.64 37.35 -16.11
C ALA A 478 10.97 37.24 -16.85
N ALA A 479 11.37 36.03 -17.28
CA ALA A 479 12.53 35.80 -18.14
C ALA A 479 12.45 36.48 -19.51
N THR A 480 13.59 37.02 -19.98
CA THR A 480 13.73 37.69 -21.28
C THR A 480 14.95 37.21 -22.03
N HIS A 481 15.04 37.56 -23.34
CA HIS A 481 16.14 37.29 -24.26
C HIS A 481 17.49 37.73 -23.70
N GLN A 482 17.52 38.93 -23.06
CA GLN A 482 18.68 39.53 -22.42
C GLN A 482 19.28 38.63 -21.34
N ASP A 483 18.42 37.95 -20.56
CA ASP A 483 18.81 37.08 -19.47
C ASP A 483 19.46 35.80 -20.01
N ILE A 484 18.95 35.27 -21.15
CA ILE A 484 19.53 34.13 -21.86
C ILE A 484 20.92 34.46 -22.39
N ASP A 485 21.07 35.60 -23.09
CA ASP A 485 22.34 36.07 -23.62
C ASP A 485 23.39 36.26 -22.51
N PHE A 486 22.95 36.84 -21.38
CA PHE A 486 23.70 37.00 -20.16
C PHE A 486 24.18 35.68 -19.56
N LEU A 487 23.27 34.68 -19.45
CA LEU A 487 23.56 33.34 -18.96
C LEU A 487 24.65 32.63 -19.75
N ILE A 488 24.59 32.67 -21.09
CA ILE A 488 25.58 32.07 -21.97
C ILE A 488 26.96 32.69 -21.79
N GLU A 489 27.02 34.04 -21.72
CA GLU A 489 28.22 34.80 -21.44
C GLU A 489 28.82 34.51 -20.07
N GLU A 490 27.98 34.51 -19.02
CA GLU A 490 28.34 34.27 -17.63
C GLU A 490 29.00 32.91 -17.43
N ILE A 491 28.47 31.86 -18.11
CA ILE A 491 28.99 30.51 -18.02
C ILE A 491 30.42 30.44 -18.58
N GLU A 492 30.71 31.11 -19.72
CA GLU A 492 32.06 31.23 -20.27
C GLU A 492 33.01 31.99 -19.33
N ARG A 493 32.56 33.16 -18.84
CA ARG A 493 33.30 34.00 -17.89
C ARG A 493 33.73 33.33 -16.58
N LEU A 494 32.88 32.43 -16.06
CA LEU A 494 33.19 31.57 -14.93
C LEU A 494 34.01 30.34 -15.29
N GLY A 495 33.65 29.62 -16.37
CA GLY A 495 34.31 28.39 -16.83
C GLY A 495 35.76 28.50 -17.25
N GLN A 496 36.17 29.62 -17.88
CA GLN A 496 37.55 29.87 -18.27
C GLN A 496 38.57 29.87 -17.12
N ASP A 497 39.84 29.47 -17.35
CA ASP A 497 40.36 28.76 -18.50
C ASP A 497 40.20 27.21 -18.35
N ASN B 1 -9.29 52.46 -12.99
CA ASN B 1 -10.54 51.70 -12.61
C ASN B 1 -10.55 50.26 -13.16
N TYR B 2 -11.29 49.33 -12.52
CA TYR B 2 -11.06 47.90 -12.70
C TYR B 2 -11.94 47.30 -13.79
N ALA B 3 -12.74 48.16 -14.47
CA ALA B 3 -13.24 47.95 -15.81
C ALA B 3 -12.14 47.80 -16.86
N PHE B 4 -11.04 48.59 -16.73
CA PHE B 4 -10.04 48.75 -17.77
C PHE B 4 -8.80 47.90 -17.54
N LEU B 5 -8.76 47.16 -16.42
CA LEU B 5 -7.56 46.54 -15.91
C LEU B 5 -7.72 45.03 -15.85
N HIS B 6 -6.66 44.28 -16.19
CA HIS B 6 -6.66 42.84 -16.28
C HIS B 6 -5.48 42.30 -15.49
N ALA B 7 -5.45 40.98 -15.19
CA ALA B 7 -4.38 40.38 -14.40
C ALA B 7 -3.03 40.36 -15.13
N THR B 8 -3.04 40.49 -16.47
CA THR B 8 -1.84 40.63 -17.30
C THR B 8 -1.23 42.02 -17.24
N ASP B 9 -1.99 43.03 -16.77
CA ASP B 9 -1.50 44.38 -16.54
C ASP B 9 -0.75 44.54 -15.22
N LEU B 10 -0.93 43.62 -14.26
CA LEU B 10 -0.16 43.48 -13.04
C LEU B 10 1.29 43.03 -13.26
N LEU B 11 2.12 42.98 -12.19
CA LEU B 11 3.50 42.50 -12.26
C LEU B 11 3.64 41.07 -12.82
N PRO B 12 4.62 40.77 -13.69
CA PRO B 12 5.88 41.50 -13.81
C PRO B 12 5.88 42.43 -15.04
N ALA B 13 4.72 42.98 -15.44
CA ALA B 13 4.65 44.08 -16.40
C ALA B 13 5.39 45.35 -15.96
N CYS B 14 5.90 46.14 -16.91
CA CYS B 14 6.70 47.33 -16.61
C CYS B 14 5.87 48.53 -16.12
N ASP B 15 4.55 48.51 -16.36
CA ASP B 15 3.59 49.37 -15.68
C ASP B 15 2.96 48.71 -14.44
N GLY B 16 3.38 47.49 -14.07
CA GLY B 16 2.64 46.54 -13.22
C GLY B 16 2.51 46.93 -11.78
N GLU B 17 3.56 47.56 -11.22
CA GLU B 17 3.73 47.83 -9.81
C GLU B 17 2.55 48.55 -9.16
N ARG B 18 2.15 49.71 -9.70
CA ARG B 18 1.07 50.55 -9.19
C ARG B 18 -0.30 49.86 -9.13
N PRO B 19 -0.84 49.20 -10.18
CA PRO B 19 -2.09 48.44 -10.11
C PRO B 19 -1.91 47.24 -9.17
N THR B 20 -0.73 46.60 -9.12
CA THR B 20 -0.48 45.48 -8.21
C THR B 20 -0.60 45.91 -6.75
N LEU B 21 0.04 47.04 -6.37
CA LEU B 21 -0.02 47.67 -5.07
C LEU B 21 -1.45 48.04 -4.64
N ALA B 22 -2.29 48.51 -5.59
CA ALA B 22 -3.70 48.75 -5.41
C ALA B 22 -4.50 47.46 -5.20
N PHE B 23 -4.44 46.50 -6.14
CA PHE B 23 -5.31 45.33 -6.18
C PHE B 23 -5.24 44.46 -4.92
N LEU B 24 -4.02 44.17 -4.41
CA LEU B 24 -3.82 43.37 -3.21
C LEU B 24 -4.46 43.99 -1.96
N GLN B 25 -4.43 45.34 -1.85
CA GLN B 25 -5.04 46.09 -0.77
C GLN B 25 -6.56 46.06 -0.81
N ASP B 26 -7.15 46.26 -2.01
CA ASP B 26 -8.58 46.15 -2.23
C ASP B 26 -9.12 44.75 -1.91
N VAL B 27 -8.37 43.68 -2.27
CA VAL B 27 -8.72 42.31 -1.91
C VAL B 27 -8.66 42.12 -0.39
N MET B 28 -7.58 42.62 0.25
CA MET B 28 -7.39 42.59 1.69
C MET B 28 -8.48 43.32 2.49
N ASN B 29 -9.04 44.43 1.95
CA ASN B 29 -10.20 45.10 2.52
C ASN B 29 -11.43 44.18 2.60
N ILE B 30 -11.72 43.41 1.53
CA ILE B 30 -12.83 42.47 1.50
C ILE B 30 -12.61 41.36 2.55
N LEU B 31 -11.36 40.86 2.66
CA LEU B 31 -11.00 39.86 3.66
C LEU B 31 -11.17 40.35 5.10
N LEU B 32 -10.74 41.57 5.44
CA LEU B 32 -10.98 42.15 6.76
C LEU B 32 -12.47 42.31 7.11
N GLN B 33 -13.27 42.79 6.14
CA GLN B 33 -14.71 42.93 6.27
C GLN B 33 -15.47 41.62 6.48
N TYR B 34 -15.00 40.52 5.84
CA TYR B 34 -15.41 39.17 6.16
C TYR B 34 -14.98 38.66 7.55
N VAL B 35 -13.70 38.86 7.92
CA VAL B 35 -13.14 38.43 9.19
C VAL B 35 -13.85 38.96 10.43
N VAL B 36 -14.03 40.30 10.56
CA VAL B 36 -14.60 40.92 11.76
C VAL B 36 -16.03 40.44 12.08
N LYS B 37 -16.88 40.40 11.05
CA LYS B 37 -18.29 40.08 11.10
C LYS B 37 -18.61 38.63 11.48
N SER B 38 -17.67 37.71 11.22
CA SER B 38 -17.74 36.30 11.63
C SER B 38 -17.98 36.05 13.12
N PHE B 39 -17.42 36.87 14.04
CA PHE B 39 -17.29 36.47 15.45
C PHE B 39 -18.41 37.03 16.33
N ASP B 40 -19.61 37.18 15.75
CA ASP B 40 -20.80 37.74 16.35
C ASP B 40 -21.89 36.68 16.50
N ARG B 41 -22.62 36.70 17.65
CA ARG B 41 -23.71 35.79 17.93
C ARG B 41 -25.04 36.18 17.25
N SER B 42 -25.26 37.47 16.92
CA SER B 42 -26.47 37.91 16.23
C SER B 42 -26.60 37.40 14.80
N THR B 43 -25.50 37.40 14.04
CA THR B 43 -25.39 36.76 12.73
C THR B 43 -25.71 35.27 12.74
N LYS B 44 -26.63 34.81 11.86
CA LYS B 44 -27.02 33.41 11.74
C LYS B 44 -25.91 32.45 11.33
N VAL B 45 -25.88 31.26 11.96
CA VAL B 45 -24.81 30.27 11.81
C VAL B 45 -24.73 29.71 10.38
N ILE B 46 -25.90 29.45 9.75
CA ILE B 46 -26.00 28.85 8.44
C ILE B 46 -27.23 29.36 7.71
N ASP B 47 -27.12 29.55 6.37
CA ASP B 47 -28.27 29.72 5.50
C ASP B 47 -28.08 28.75 4.32
N PHE B 48 -29.06 27.85 4.10
CA PHE B 48 -28.86 26.63 3.32
C PHE B 48 -29.26 26.82 1.85
N HIS B 49 -28.39 26.36 0.91
CA HIS B 49 -28.63 26.48 -0.53
C HIS B 49 -28.35 25.18 -1.25
N TYR B 50 -29.31 24.69 -2.07
CA TYR B 50 -29.11 23.53 -2.94
C TYR B 50 -28.12 23.81 -4.10
N PRO B 51 -27.23 22.88 -4.50
CA PRO B 51 -26.41 22.93 -5.72
C PRO B 51 -26.86 23.76 -6.91
N ASN B 52 -27.92 23.28 -7.60
CA ASN B 52 -28.47 23.84 -8.83
C ASN B 52 -28.90 25.30 -8.73
N GLU B 53 -29.50 25.73 -7.61
CA GLU B 53 -29.84 27.14 -7.39
C GLU B 53 -28.64 28.06 -7.52
N LEU B 54 -27.51 27.73 -6.87
CA LEU B 54 -26.28 28.52 -6.92
C LEU B 54 -25.66 28.58 -8.32
N LEU B 55 -25.71 27.45 -9.05
CA LEU B 55 -25.25 27.35 -10.43
C LEU B 55 -26.06 28.11 -11.47
N GLN B 56 -27.38 28.28 -11.27
CA GLN B 56 -28.16 29.25 -12.01
C GLN B 56 -28.10 30.70 -11.55
N GLU B 57 -27.98 30.95 -10.23
CA GLU B 57 -27.77 32.27 -9.66
C GLU B 57 -26.50 32.99 -10.09
N TYR B 58 -25.38 32.27 -10.30
CA TYR B 58 -24.12 32.91 -10.61
C TYR B 58 -23.38 32.08 -11.66
N ASN B 59 -22.73 32.77 -12.61
CA ASN B 59 -21.79 32.16 -13.53
C ASN B 59 -20.50 31.65 -12.89
N TRP B 60 -20.28 30.31 -12.92
CA TRP B 60 -19.07 29.69 -12.39
C TRP B 60 -18.21 29.10 -13.51
N GLU B 61 -18.65 29.23 -14.78
CA GLU B 61 -17.94 28.72 -15.93
C GLU B 61 -16.59 29.39 -16.24
N LEU B 62 -15.61 28.58 -16.70
CA LEU B 62 -14.22 28.96 -16.81
C LEU B 62 -13.90 29.58 -18.18
N ALA B 63 -12.96 30.56 -18.21
CA ALA B 63 -12.90 31.56 -19.24
C ALA B 63 -11.85 31.25 -20.32
N ASP B 64 -12.14 31.63 -21.58
CA ASP B 64 -11.23 31.52 -22.71
C ASP B 64 -10.40 32.80 -22.88
N GLN B 65 -11.08 33.94 -23.06
CA GLN B 65 -10.52 35.28 -22.98
C GLN B 65 -10.26 35.73 -21.54
N PRO B 66 -9.20 36.50 -21.21
CA PRO B 66 -9.01 37.07 -19.88
C PRO B 66 -10.15 37.99 -19.44
N GLN B 67 -10.52 37.96 -18.14
CA GLN B 67 -11.61 38.75 -17.61
C GLN B 67 -11.09 39.89 -16.74
N ASN B 68 -11.62 41.11 -16.93
CA ASN B 68 -11.19 42.32 -16.25
C ASN B 68 -11.42 42.30 -14.74
N LEU B 69 -10.52 42.97 -13.98
CA LEU B 69 -10.36 42.86 -12.54
C LEU B 69 -11.62 43.06 -11.70
N GLU B 70 -12.57 43.93 -12.13
CA GLU B 70 -13.83 44.14 -11.40
C GLU B 70 -14.69 42.88 -11.33
N GLU B 71 -14.64 42.02 -12.36
CA GLU B 71 -15.31 40.74 -12.36
C GLU B 71 -14.70 39.81 -11.31
N ILE B 72 -13.36 39.85 -11.18
CA ILE B 72 -12.59 39.05 -10.25
C ILE B 72 -12.87 39.45 -8.80
N LEU B 73 -13.00 40.77 -8.51
CA LEU B 73 -13.45 41.28 -7.22
C LEU B 73 -14.86 40.86 -6.86
N MET B 74 -15.80 40.87 -7.83
CA MET B 74 -17.13 40.34 -7.67
C MET B 74 -17.15 38.84 -7.36
N HIS B 75 -16.32 38.04 -8.06
CA HIS B 75 -16.18 36.62 -7.85
C HIS B 75 -15.73 36.28 -6.43
N CYS B 76 -14.74 37.04 -5.91
CA CYS B 76 -14.29 36.96 -4.53
C CYS B 76 -15.38 37.25 -3.52
N GLN B 77 -16.08 38.40 -3.71
CA GLN B 77 -17.15 38.88 -2.85
C GLN B 77 -18.30 37.90 -2.78
N THR B 78 -18.75 37.45 -3.96
CA THR B 78 -19.82 36.47 -4.17
C THR B 78 -19.52 35.16 -3.48
N THR B 79 -18.29 34.66 -3.63
CA THR B 79 -17.84 33.42 -2.98
C THR B 79 -17.89 33.51 -1.47
N LEU B 80 -17.35 34.62 -0.91
CA LEU B 80 -17.34 34.87 0.54
C LEU B 80 -18.73 35.08 1.14
N LYS B 81 -19.66 35.67 0.36
CA LYS B 81 -21.07 35.74 0.70
C LYS B 81 -21.73 34.38 0.89
N TYR B 82 -21.66 33.49 -0.12
CA TYR B 82 -22.33 32.20 -0.11
C TYR B 82 -21.67 31.16 0.81
N ALA B 83 -20.33 31.22 0.97
CA ALA B 83 -19.56 30.36 1.84
C ALA B 83 -19.88 30.42 3.34
N ILE B 84 -19.70 29.28 4.04
CA ILE B 84 -20.09 29.11 5.44
C ILE B 84 -18.97 29.63 6.33
N LYS B 85 -19.32 30.48 7.33
CA LYS B 85 -18.35 31.05 8.24
C LYS B 85 -17.99 30.06 9.36
N THR B 86 -16.70 29.67 9.45
CA THR B 86 -16.26 28.58 10.33
C THR B 86 -15.66 29.11 11.62
N GLY B 87 -15.66 30.46 11.79
CA GLY B 87 -15.31 31.16 13.02
C GLY B 87 -16.38 31.20 14.09
N HIS B 88 -17.66 30.89 13.77
CA HIS B 88 -18.81 31.20 14.61
C HIS B 88 -18.79 30.58 16.03
N PRO B 89 -19.31 31.25 17.06
CA PRO B 89 -19.37 30.70 18.42
C PRO B 89 -20.37 29.56 18.56
N ARG B 90 -21.47 29.55 17.80
CA ARG B 90 -22.58 28.63 17.97
C ARG B 90 -22.56 27.52 16.94
N TYR B 91 -21.34 27.18 16.46
CA TYR B 91 -21.11 26.23 15.40
C TYR B 91 -20.27 25.07 15.97
N PHE B 92 -20.95 23.94 16.24
CA PHE B 92 -20.40 22.71 16.79
C PHE B 92 -20.72 21.54 15.87
N ASN B 93 -20.87 21.80 14.55
CA ASN B 93 -21.27 20.80 13.57
C ASN B 93 -20.11 19.88 13.15
N GLN B 94 -18.86 20.34 13.40
CA GLN B 94 -17.66 19.64 13.00
C GLN B 94 -16.61 19.81 14.10
N LEU B 95 -15.67 18.85 14.22
CA LEU B 95 -14.57 18.87 15.19
C LEU B 95 -13.64 20.07 15.01
N SER B 96 -13.30 20.39 13.75
CA SER B 96 -12.70 21.67 13.36
C SER B 96 -13.72 22.79 13.44
N THR B 97 -13.57 23.72 14.39
CA THR B 97 -14.30 24.98 14.40
C THR B 97 -13.44 26.05 15.04
N GLY B 98 -13.56 27.32 14.59
CA GLY B 98 -12.80 28.46 15.11
C GLY B 98 -11.63 28.86 14.25
N LEU B 99 -10.95 29.96 14.62
CA LEU B 99 -9.95 30.62 13.80
C LEU B 99 -9.23 31.69 14.63
N ASP B 100 -7.94 31.46 14.98
CA ASP B 100 -7.09 32.45 15.60
C ASP B 100 -6.29 33.31 14.62
N MET B 101 -6.09 34.60 15.00
CA MET B 101 -5.56 35.66 14.18
C MET B 101 -4.09 35.51 13.79
N VAL B 102 -3.25 34.99 14.70
CA VAL B 102 -1.82 34.88 14.49
C VAL B 102 -1.52 33.75 13.49
N GLY B 103 -2.26 32.62 13.59
CA GLY B 103 -2.19 31.51 12.64
C GLY B 103 -2.57 31.91 11.24
N LEU B 104 -3.64 32.72 11.11
CA LEU B 104 -4.11 33.31 9.87
C LEU B 104 -3.02 34.13 9.18
N ALA B 105 -2.43 35.11 9.93
CA ALA B 105 -1.36 35.97 9.50
C ALA B 105 -0.10 35.20 9.08
N ALA B 106 0.23 34.12 9.83
CA ALA B 106 1.30 33.19 9.53
C ALA B 106 1.08 32.40 8.25
N ASP B 107 -0.14 31.89 8.04
CA ASP B 107 -0.49 31.14 6.84
C ASP B 107 -0.52 32.06 5.59
N TRP B 108 -0.93 33.35 5.74
CA TRP B 108 -0.74 34.38 4.74
C TRP B 108 0.72 34.67 4.35
N LEU B 109 1.61 34.78 5.36
CA LEU B 109 3.05 34.90 5.18
C LEU B 109 3.63 33.72 4.45
N THR B 110 3.23 32.50 4.86
CA THR B 110 3.60 31.21 4.25
C THR B 110 3.33 31.19 2.75
N SER B 111 2.08 31.55 2.35
CA SER B 111 1.67 31.62 0.96
C SER B 111 2.37 32.71 0.13
N THR B 112 3.06 33.65 0.81
CA THR B 112 3.80 34.73 0.16
C THR B 112 5.27 34.36 0.06
N ALA B 113 5.82 33.74 1.11
CA ALA B 113 7.15 33.18 1.12
C ALA B 113 7.36 31.99 0.16
N ASN B 114 6.32 31.15 -0.04
CA ASN B 114 6.11 30.47 -1.32
C ASN B 114 7.19 29.42 -1.66
N THR B 115 7.46 28.48 -0.74
CA THR B 115 8.57 27.55 -0.89
C THR B 115 8.25 26.18 -0.31
N ASN B 116 9.14 25.21 -0.56
CA ASN B 116 8.93 23.79 -0.42
C ASN B 116 9.94 23.25 0.60
N MET B 117 9.47 22.55 1.65
CA MET B 117 10.27 22.21 2.81
C MET B 117 10.94 20.84 2.64
N PHE B 118 10.96 20.32 1.40
CA PHE B 118 11.63 19.09 1.00
C PHE B 118 13.17 19.24 0.98
N THR B 119 13.70 20.49 0.94
CA THR B 119 15.11 20.74 1.27
C THR B 119 15.36 22.12 1.86
N TYR B 120 16.43 22.25 2.65
CA TYR B 120 16.94 23.44 3.29
C TYR B 120 17.34 24.55 2.29
N GLU B 121 17.84 24.15 1.11
CA GLU B 121 18.39 25.03 0.08
C GLU B 121 17.45 26.14 -0.38
N ILE B 122 16.14 25.84 -0.50
CA ILE B 122 15.11 26.82 -0.86
C ILE B 122 14.16 27.17 0.29
N ALA B 123 14.12 26.40 1.39
CA ALA B 123 13.31 26.72 2.57
C ALA B 123 14.10 26.89 3.89
N PRO B 124 15.02 27.85 4.01
CA PRO B 124 16.09 27.85 5.01
C PRO B 124 15.59 27.81 6.45
N VAL B 125 14.90 28.89 6.89
CA VAL B 125 14.41 29.09 8.25
C VAL B 125 13.40 28.02 8.65
N PHE B 126 12.52 27.66 7.71
CA PHE B 126 11.40 26.76 7.92
C PHE B 126 11.83 25.35 8.33
N VAL B 127 12.93 24.83 7.75
CA VAL B 127 13.52 23.56 8.13
C VAL B 127 13.99 23.57 9.60
N LEU B 128 14.64 24.67 10.05
CA LEU B 128 15.06 24.86 11.43
C LEU B 128 13.87 24.95 12.39
N LEU B 129 12.80 25.68 11.98
CA LEU B 129 11.56 25.79 12.72
C LEU B 129 10.84 24.46 12.92
N GLU B 130 10.85 23.58 11.89
CA GLU B 130 10.39 22.21 11.98
C GLU B 130 11.11 21.44 13.08
N TYR B 131 12.47 21.47 13.05
CA TYR B 131 13.33 20.78 13.97
C TYR B 131 13.04 21.16 15.44
N VAL B 132 13.11 22.47 15.75
CA VAL B 132 12.92 22.97 17.12
C VAL B 132 11.53 22.69 17.66
N THR B 133 10.48 22.81 16.82
CA THR B 133 9.10 22.55 17.22
C THR B 133 8.87 21.09 17.53
N LEU B 134 9.31 20.19 16.63
CA LEU B 134 9.19 18.75 16.82
C LEU B 134 10.04 18.22 17.97
N LYS B 135 11.23 18.80 18.22
CA LYS B 135 12.03 18.50 19.39
C LYS B 135 11.28 18.80 20.68
N LYS B 136 10.68 20.01 20.78
CA LYS B 136 9.90 20.39 21.94
C LYS B 136 8.70 19.47 22.17
N MET B 137 7.97 19.11 21.08
CA MET B 137 6.87 18.17 21.14
C MET B 137 7.25 16.77 21.64
N ARG B 138 8.41 16.23 21.20
CA ARG B 138 8.94 14.95 21.65
C ARG B 138 9.36 14.96 23.12
N GLU B 139 9.92 16.10 23.60
CA GLU B 139 10.20 16.33 25.00
C GLU B 139 8.94 16.23 25.86
N ILE B 140 7.87 16.92 25.42
CA ILE B 140 6.57 17.01 26.09
C ILE B 140 5.93 15.64 26.31
N ILE B 141 6.04 14.71 25.32
CA ILE B 141 5.59 13.33 25.44
C ILE B 141 6.26 12.56 26.57
N GLY B 142 7.58 12.74 26.77
CA GLY B 142 8.35 11.95 27.74
C GLY B 142 9.60 11.32 27.19
N TRP B 143 9.95 11.59 25.92
CA TRP B 143 11.15 11.02 25.32
C TRP B 143 12.36 11.93 25.58
N PRO B 144 13.51 11.40 26.04
CA PRO B 144 14.56 12.18 26.69
C PRO B 144 15.14 13.28 25.81
N GLY B 145 14.86 14.57 26.14
CA GLY B 145 15.55 15.74 25.59
C GLY B 145 15.13 16.05 24.18
N GLY B 146 13.99 15.49 23.74
CA GLY B 146 13.35 15.78 22.47
C GLY B 146 13.92 14.98 21.33
N SER B 147 14.71 13.94 21.64
CA SER B 147 15.28 13.01 20.68
C SER B 147 14.25 12.06 20.07
N GLY B 148 14.47 11.63 18.81
CA GLY B 148 13.53 10.88 18.00
C GLY B 148 13.32 11.51 16.65
N ASP B 149 12.47 10.87 15.83
CA ASP B 149 12.14 11.29 14.49
C ASP B 149 10.73 11.88 14.46
N GLY B 150 10.43 12.67 13.42
CA GLY B 150 9.17 13.41 13.33
C GLY B 150 8.94 13.95 11.94
N ILE B 151 7.67 13.96 11.52
CA ILE B 151 7.27 14.55 10.25
C ILE B 151 5.97 15.33 10.42
N PHE B 152 5.89 16.53 9.81
CA PHE B 152 4.64 17.21 9.53
C PHE B 152 3.87 16.60 8.36
N SER B 153 2.60 16.25 8.62
CA SER B 153 1.70 15.50 7.77
C SER B 153 0.46 16.36 7.52
N PRO B 154 -0.19 16.32 6.36
CA PRO B 154 -1.35 17.17 6.08
C PRO B 154 -2.58 16.79 6.89
N GLY B 155 -2.78 15.50 7.25
CA GLY B 155 -3.94 15.08 8.03
C GLY B 155 -3.72 13.75 8.67
N GLY B 156 -4.55 13.43 9.69
CA GLY B 156 -4.41 12.24 10.56
C GLY B 156 -4.44 10.93 9.82
N ALA B 157 -5.25 10.88 8.74
CA ALA B 157 -5.39 9.74 7.86
C ALA B 157 -4.08 9.36 7.18
N ILE B 158 -3.36 10.37 6.65
CA ILE B 158 -2.03 10.21 6.09
C ILE B 158 -1.01 9.88 7.17
N SER B 159 -1.14 10.47 8.38
CA SER B 159 -0.30 10.14 9.52
C SER B 159 -0.41 8.68 9.95
N ASN B 160 -1.63 8.12 9.98
CA ASN B 160 -1.88 6.71 10.25
C ASN B 160 -1.19 5.80 9.23
N MET B 161 -1.23 6.18 7.95
CA MET B 161 -0.59 5.48 6.86
C MET B 161 0.93 5.48 6.98
N TYR B 162 1.53 6.66 7.29
CA TYR B 162 2.97 6.77 7.54
C TYR B 162 3.42 5.90 8.70
N ALA B 163 2.67 5.92 9.81
CA ALA B 163 2.93 5.11 10.99
C ALA B 163 2.89 3.61 10.69
N MET B 164 1.84 3.16 9.97
CA MET B 164 1.68 1.78 9.54
C MET B 164 2.77 1.32 8.58
N MET B 165 3.19 2.20 7.65
CA MET B 165 4.31 1.98 6.75
C MET B 165 5.64 1.77 7.48
N ILE B 166 5.97 2.65 8.46
CA ILE B 166 7.15 2.54 9.31
C ILE B 166 7.14 1.26 10.13
N ALA B 167 5.98 0.93 10.75
CA ALA B 167 5.74 -0.26 11.54
C ALA B 167 6.04 -1.53 10.76
N ARG B 168 5.53 -1.62 9.51
CA ARG B 168 5.81 -2.67 8.56
C ARG B 168 7.31 -2.78 8.24
N PHE B 169 7.93 -1.63 7.86
CA PHE B 169 9.31 -1.53 7.44
C PHE B 169 10.30 -1.93 8.53
N LYS B 170 9.97 -1.58 9.80
CA LYS B 170 10.72 -1.97 10.98
C LYS B 170 10.83 -3.50 11.12
N MET B 171 9.68 -4.22 11.05
CA MET B 171 9.65 -5.66 11.12
C MET B 171 10.21 -6.35 9.87
N PHE B 172 9.82 -5.89 8.66
CA PHE B 172 10.28 -6.43 7.40
C PHE B 172 10.73 -5.31 6.45
N PRO B 173 12.02 -5.14 6.15
CA PRO B 173 12.46 -4.08 5.23
C PRO B 173 12.08 -4.37 3.78
N GLU B 174 12.08 -5.67 3.41
CA GLU B 174 11.87 -6.23 2.08
C GLU B 174 10.73 -5.69 1.21
N VAL B 175 9.66 -5.13 1.81
CA VAL B 175 8.45 -4.65 1.11
C VAL B 175 8.73 -3.73 -0.06
N LYS B 176 9.78 -2.87 0.04
CA LYS B 176 10.13 -1.87 -0.95
C LYS B 176 10.36 -2.46 -2.35
N GLU B 177 11.37 -3.35 -2.48
CA GLU B 177 11.54 -4.16 -3.68
C GLU B 177 10.46 -5.24 -3.87
N LYS B 178 10.11 -5.98 -2.81
CA LYS B 178 9.44 -7.27 -2.95
C LYS B 178 7.92 -7.24 -2.99
N GLY B 179 7.29 -6.27 -2.31
CA GLY B 179 5.83 -6.18 -2.12
C GLY B 179 5.25 -7.22 -1.18
N MET B 180 4.00 -6.98 -0.75
CA MET B 180 3.30 -7.65 0.34
C MET B 180 3.18 -9.16 0.22
N ALA B 181 3.09 -9.67 -1.02
CA ALA B 181 2.99 -11.08 -1.37
C ALA B 181 4.12 -11.94 -0.83
N ALA B 182 5.35 -11.41 -0.80
CA ALA B 182 6.54 -12.07 -0.31
C ALA B 182 6.49 -12.39 1.18
N LEU B 183 5.92 -11.48 1.99
CA LEU B 183 6.11 -11.42 3.42
C LEU B 183 5.12 -12.29 4.22
N PRO B 184 5.44 -12.71 5.45
CA PRO B 184 4.50 -13.31 6.41
C PRO B 184 3.25 -12.45 6.65
N ARG B 185 2.11 -13.06 7.04
CA ARG B 185 0.89 -12.32 7.32
C ARG B 185 1.02 -11.38 8.53
N LEU B 186 1.17 -10.08 8.23
CA LEU B 186 1.08 -8.96 9.13
C LEU B 186 -0.30 -8.73 9.77
N ILE B 187 -0.40 -8.92 11.10
CA ILE B 187 -1.62 -8.72 11.85
C ILE B 187 -1.47 -7.45 12.68
N ALA B 188 -2.53 -6.62 12.69
CA ALA B 188 -2.59 -5.39 13.44
C ALA B 188 -3.75 -5.43 14.41
N PHE B 189 -3.62 -4.75 15.56
CA PHE B 189 -4.63 -4.76 16.61
C PHE B 189 -5.05 -3.34 16.94
N THR B 190 -6.35 -3.13 17.14
CA THR B 190 -6.91 -1.80 17.34
C THR B 190 -8.22 -1.92 18.10
N SER B 191 -8.66 -0.83 18.76
CA SER B 191 -9.90 -0.79 19.52
C SER B 191 -11.15 -0.84 18.64
N GLU B 192 -12.24 -1.48 19.13
CA GLU B 192 -13.49 -1.65 18.41
C GLU B 192 -14.18 -0.33 18.01
N HIS B 193 -13.94 0.76 18.75
CA HIS B 193 -14.42 2.10 18.42
C HIS B 193 -13.45 2.94 17.58
N SER B 194 -12.29 2.38 17.16
CA SER B 194 -11.25 3.12 16.42
C SER B 194 -11.67 3.67 15.04
N HIS B 195 -11.13 4.85 14.68
CA HIS B 195 -11.54 5.62 13.51
C HIS B 195 -11.23 4.95 12.17
N PHE B 196 -12.12 5.10 11.16
CA PHE B 196 -12.08 4.39 9.89
C PHE B 196 -10.84 4.58 9.03
N SER B 197 -10.09 5.68 9.19
CA SER B 197 -8.82 5.92 8.51
C SER B 197 -7.77 4.83 8.67
N LEU B 198 -7.72 4.18 9.85
CA LEU B 198 -6.80 3.09 10.14
C LEU B 198 -7.09 1.86 9.26
N LYS B 199 -8.39 1.55 9.10
CA LYS B 199 -8.92 0.58 8.16
C LYS B 199 -8.65 0.93 6.69
N LYS B 200 -8.79 2.23 6.31
CA LYS B 200 -8.46 2.70 4.97
C LYS B 200 -6.97 2.51 4.64
N GLY B 201 -6.08 2.83 5.61
CA GLY B 201 -4.63 2.62 5.49
C GLY B 201 -4.26 1.19 5.19
N ALA B 202 -4.91 0.26 5.93
CA ALA B 202 -4.77 -1.18 5.79
C ALA B 202 -5.10 -1.68 4.39
N ALA B 203 -6.24 -1.22 3.83
CA ALA B 203 -6.64 -1.48 2.47
C ALA B 203 -5.63 -0.91 1.47
N ALA B 204 -5.29 0.40 1.60
CA ALA B 204 -4.41 1.14 0.73
C ALA B 204 -3.04 0.48 0.57
N LEU B 205 -2.35 0.21 1.71
CA LEU B 205 -0.98 -0.25 1.73
C LEU B 205 -0.81 -1.73 1.35
N GLY B 206 -1.91 -2.41 0.96
CA GLY B 206 -1.93 -3.79 0.50
C GLY B 206 -1.99 -4.84 1.58
N ILE B 207 -2.20 -4.42 2.84
CA ILE B 207 -2.22 -5.31 4.00
C ILE B 207 -3.58 -6.00 4.15
N GLY B 208 -4.66 -5.27 3.80
CA GLY B 208 -6.03 -5.73 3.79
C GLY B 208 -6.72 -5.64 5.13
N THR B 209 -7.99 -5.21 5.11
CA THR B 209 -8.84 -4.94 6.27
C THR B 209 -9.07 -6.14 7.19
N ASP B 210 -9.19 -7.36 6.63
CA ASP B 210 -9.36 -8.62 7.37
C ASP B 210 -8.27 -8.83 8.43
N SER B 211 -7.03 -8.43 8.12
CA SER B 211 -5.83 -8.70 8.91
C SER B 211 -5.62 -7.63 9.98
N VAL B 212 -6.59 -6.72 10.13
CA VAL B 212 -6.60 -5.70 11.16
C VAL B 212 -7.73 -6.01 12.13
N ILE B 213 -7.35 -6.51 13.32
CA ILE B 213 -8.26 -7.06 14.29
C ILE B 213 -8.77 -5.94 15.20
N LEU B 214 -10.09 -5.79 15.26
CA LEU B 214 -10.80 -5.02 16.24
C LEU B 214 -10.93 -5.80 17.54
N ILE B 215 -10.52 -5.21 18.67
CA ILE B 215 -10.69 -5.86 19.95
C ILE B 215 -11.76 -5.10 20.72
N LYS B 216 -12.59 -5.86 21.46
CA LYS B 216 -13.85 -5.40 21.98
C LYS B 216 -13.72 -4.38 23.10
N CYS B 217 -14.67 -3.43 23.18
CA CYS B 217 -14.66 -2.36 24.16
C CYS B 217 -15.71 -2.53 25.23
N ASP B 218 -15.53 -1.86 26.38
CA ASP B 218 -16.49 -1.83 27.46
C ASP B 218 -17.71 -0.90 27.19
N GLU B 219 -18.33 -0.32 28.25
CA GLU B 219 -19.34 0.71 28.12
C GLU B 219 -18.81 2.09 27.74
N ARG B 220 -17.50 2.35 27.91
CA ARG B 220 -16.92 3.68 27.92
C ARG B 220 -16.18 3.94 26.62
N GLY B 221 -16.02 2.88 25.80
CA GLY B 221 -15.27 2.90 24.54
C GLY B 221 -13.83 2.48 24.71
N LYS B 222 -13.49 1.76 25.81
CA LYS B 222 -12.13 1.41 26.16
C LYS B 222 -11.84 -0.06 25.90
N MET B 223 -10.72 -0.38 25.23
CA MET B 223 -10.40 -1.72 24.76
C MET B 223 -10.11 -2.73 25.88
N ILE B 224 -10.78 -3.90 25.88
CA ILE B 224 -10.59 -4.97 26.85
C ILE B 224 -9.21 -5.65 26.79
N PRO B 225 -8.32 -5.58 27.80
CA PRO B 225 -6.97 -6.14 27.74
C PRO B 225 -6.89 -7.65 27.53
N SER B 226 -7.70 -8.44 28.26
CA SER B 226 -7.74 -9.89 28.11
C SER B 226 -8.01 -10.42 26.72
N ASP B 227 -9.07 -9.93 26.03
CA ASP B 227 -9.36 -10.28 24.65
C ASP B 227 -8.22 -9.88 23.70
N LEU B 228 -7.58 -8.71 23.94
CA LEU B 228 -6.41 -8.25 23.18
C LEU B 228 -5.25 -9.22 23.30
N GLU B 229 -4.82 -9.53 24.56
CA GLU B 229 -3.74 -10.46 24.81
C GLU B 229 -4.03 -11.87 24.28
N ARG B 230 -5.28 -12.35 24.46
CA ARG B 230 -5.74 -13.61 23.91
C ARG B 230 -5.72 -13.69 22.39
N ARG B 231 -6.22 -12.67 21.69
CA ARG B 231 -6.16 -12.55 20.25
C ARG B 231 -4.75 -12.43 19.69
N ILE B 232 -3.82 -11.74 20.39
CA ILE B 232 -2.40 -11.76 20.09
C ILE B 232 -1.82 -13.16 20.21
N LEU B 233 -2.11 -13.87 21.33
CA LEU B 233 -1.73 -15.26 21.53
C LEU B 233 -2.23 -16.19 20.40
N GLU B 234 -3.54 -16.13 20.09
CA GLU B 234 -4.18 -16.86 19.01
C GLU B 234 -3.52 -16.68 17.65
N ALA B 235 -3.24 -15.41 17.28
CA ALA B 235 -2.61 -14.99 16.04
C ALA B 235 -1.20 -15.56 15.94
N LYS B 236 -0.37 -15.31 16.97
CA LYS B 236 1.02 -15.71 16.99
C LYS B 236 1.19 -17.23 17.08
N GLN B 237 0.21 -17.95 17.68
CA GLN B 237 0.12 -19.40 17.65
C GLN B 237 -0.10 -19.97 16.26
N LYS B 238 -1.03 -19.38 15.48
CA LYS B 238 -1.38 -19.87 14.14
C LYS B 238 -0.33 -19.63 13.05
N GLY B 239 0.85 -19.07 13.41
CA GLY B 239 1.88 -18.62 12.47
C GLY B 239 1.64 -17.31 11.77
N PHE B 240 0.84 -16.41 12.34
CA PHE B 240 0.73 -15.03 11.87
C PHE B 240 1.62 -14.11 12.70
N VAL B 241 1.88 -12.88 12.23
CA VAL B 241 2.82 -11.96 12.86
C VAL B 241 2.09 -10.73 13.41
N PRO B 242 1.94 -10.56 14.71
CA PRO B 242 1.55 -9.27 15.28
C PRO B 242 2.64 -8.22 15.15
N PHE B 243 2.39 -7.12 14.42
CA PHE B 243 3.41 -6.11 14.18
C PHE B 243 3.01 -4.80 14.86
N LEU B 244 1.73 -4.40 14.71
CA LEU B 244 1.23 -3.11 15.15
C LEU B 244 0.10 -3.27 16.16
N VAL B 245 0.18 -2.55 17.29
CA VAL B 245 -0.96 -2.32 18.18
C VAL B 245 -1.23 -0.83 18.23
N SER B 246 -2.44 -0.43 17.80
CA SER B 246 -2.84 0.97 17.70
C SER B 246 -3.86 1.32 18.77
N ALA B 247 -3.38 1.94 19.86
CA ALA B 247 -4.15 2.24 21.04
C ALA B 247 -4.60 3.69 21.03
N THR B 248 -5.81 3.98 21.54
CA THR B 248 -6.47 5.26 21.26
C THR B 248 -6.52 6.09 22.53
N ALA B 249 -6.09 7.36 22.41
CA ALA B 249 -6.22 8.36 23.45
C ALA B 249 -7.13 9.46 22.93
N GLY B 250 -8.40 9.43 23.38
CA GLY B 250 -9.42 10.36 22.97
C GLY B 250 -10.07 9.90 21.68
N THR B 251 -10.93 8.87 21.76
CA THR B 251 -11.74 8.41 20.63
C THR B 251 -12.69 9.48 20.09
N THR B 252 -12.88 9.55 18.76
CA THR B 252 -13.47 10.73 18.12
C THR B 252 -14.97 10.87 18.36
N VAL B 253 -15.64 9.79 18.80
CA VAL B 253 -17.02 9.86 19.26
C VAL B 253 -17.09 10.07 20.78
N TYR B 254 -16.61 9.11 21.62
CA TYR B 254 -16.91 9.13 23.05
C TYR B 254 -15.83 9.81 23.88
N GLY B 255 -14.64 10.07 23.29
CA GLY B 255 -13.52 10.70 23.97
C GLY B 255 -12.74 9.75 24.85
N ALA B 256 -12.71 8.45 24.49
CA ALA B 256 -12.26 7.39 25.37
C ALA B 256 -10.76 7.18 25.39
N PHE B 257 -10.22 6.72 26.54
CA PHE B 257 -8.81 6.52 26.79
C PHE B 257 -8.47 5.06 27.07
N ASP B 258 -7.88 4.36 26.08
CA ASP B 258 -7.36 3.01 26.22
C ASP B 258 -6.32 2.83 27.35
N PRO B 259 -6.08 1.62 27.85
CA PRO B 259 -5.15 1.40 28.95
C PRO B 259 -3.72 1.25 28.44
N LEU B 260 -3.00 2.40 28.30
CA LEU B 260 -1.66 2.49 27.75
C LEU B 260 -0.63 1.66 28.53
N LEU B 261 -0.69 1.70 29.88
CA LEU B 261 0.16 0.92 30.78
C LEU B 261 0.12 -0.58 30.47
N ALA B 262 -1.12 -1.13 30.33
CA ALA B 262 -1.38 -2.51 29.98
C ALA B 262 -0.80 -2.85 28.62
N VAL B 263 -1.14 -2.03 27.60
CA VAL B 263 -0.71 -2.22 26.22
C VAL B 263 0.82 -2.18 26.10
N ALA B 264 1.49 -1.29 26.85
CA ALA B 264 2.94 -1.14 26.88
C ALA B 264 3.63 -2.42 27.37
N ASP B 265 3.11 -3.03 28.45
CA ASP B 265 3.62 -4.30 28.96
C ASP B 265 3.31 -5.49 28.04
N ILE B 266 2.22 -5.43 27.25
CA ILE B 266 1.94 -6.38 26.17
C ILE B 266 2.93 -6.21 25.01
N CYS B 267 3.23 -4.95 24.62
CA CYS B 267 4.21 -4.58 23.62
C CYS B 267 5.60 -5.11 23.90
N LYS B 268 6.06 -5.00 25.16
CA LYS B 268 7.21 -5.72 25.64
C LYS B 268 7.09 -7.24 25.49
N LYS B 269 6.01 -7.83 26.07
CA LYS B 269 5.83 -9.27 26.18
C LYS B 269 5.88 -10.05 24.87
N TYR B 270 5.26 -9.51 23.80
CA TYR B 270 5.22 -10.11 22.48
C TYR B 270 5.97 -9.30 21.41
N LYS B 271 6.88 -8.39 21.82
CA LYS B 271 7.70 -7.58 20.92
C LYS B 271 6.99 -6.82 19.78
N ILE B 272 6.02 -5.95 20.12
CA ILE B 272 5.04 -5.37 19.19
C ILE B 272 5.26 -3.85 19.14
N TRP B 273 5.19 -3.22 17.94
CA TRP B 273 5.29 -1.77 17.82
C TRP B 273 4.01 -1.07 18.32
N MET B 274 4.18 -0.08 19.21
CA MET B 274 3.10 0.65 19.82
C MET B 274 2.78 1.96 19.12
N HIS B 275 1.57 2.08 18.56
CA HIS B 275 1.06 3.33 18.03
C HIS B 275 0.04 3.89 19.00
N VAL B 276 0.29 5.10 19.51
CA VAL B 276 -0.66 5.85 20.30
C VAL B 276 -1.28 6.92 19.45
N ASP B 277 -2.54 6.67 19.03
CA ASP B 277 -3.34 7.67 18.37
C ASP B 277 -3.97 8.61 19.40
N ALA B 278 -3.30 9.75 19.63
CA ALA B 278 -3.79 10.83 20.45
C ALA B 278 -4.18 12.05 19.61
N ALA B 279 -4.77 11.86 18.42
CA ALA B 279 -5.13 12.95 17.53
C ALA B 279 -6.11 13.95 18.14
N TRP B 280 -7.14 13.43 18.83
CA TRP B 280 -8.20 14.21 19.45
C TRP B 280 -8.02 14.28 20.97
N GLY B 281 -6.97 13.62 21.52
CA GLY B 281 -6.56 13.72 22.91
C GLY B 281 -5.34 14.57 23.18
N GLY B 282 -4.53 14.89 22.15
CA GLY B 282 -3.23 15.55 22.21
C GLY B 282 -3.13 16.83 23.01
N GLY B 283 -4.16 17.70 22.94
CA GLY B 283 -4.26 18.98 23.66
C GLY B 283 -3.94 18.90 25.13
N LEU B 284 -4.31 17.78 25.79
CA LEU B 284 -4.14 17.58 27.22
C LEU B 284 -2.66 17.49 27.62
N LEU B 285 -1.77 17.06 26.69
CA LEU B 285 -0.33 16.91 26.91
C LEU B 285 0.38 18.19 27.34
N MET B 286 -0.17 19.37 26.96
CA MET B 286 0.26 20.69 27.40
C MET B 286 0.09 20.92 28.90
N SER B 287 -0.97 20.35 29.50
CA SER B 287 -1.45 20.71 30.84
C SER B 287 -0.72 19.92 31.90
N ARG B 288 -0.49 20.52 33.07
CA ARG B 288 0.17 19.88 34.19
C ARG B 288 -0.78 19.67 35.37
N LYS B 289 -1.97 20.29 35.33
CA LYS B 289 -3.08 19.94 36.19
C LYS B 289 -3.64 18.54 35.97
N HIS B 290 -3.79 18.14 34.69
CA HIS B 290 -4.54 16.96 34.30
C HIS B 290 -3.72 15.84 33.67
N LYS B 291 -2.38 15.92 33.73
CA LYS B 291 -1.46 15.02 33.03
C LYS B 291 -1.65 13.52 33.28
N TRP B 292 -2.18 13.16 34.48
CA TRP B 292 -2.48 11.81 34.91
C TRP B 292 -3.38 11.04 33.95
N LYS B 293 -4.23 11.76 33.19
CA LYS B 293 -5.08 11.23 32.15
C LYS B 293 -4.33 10.44 31.07
N LEU B 294 -3.07 10.82 30.79
CA LEU B 294 -2.31 10.29 29.67
C LEU B 294 -1.28 9.26 30.16
N SER B 295 -1.48 8.66 31.34
CA SER B 295 -0.55 7.73 31.97
C SER B 295 -0.17 6.51 31.13
N GLY B 296 1.15 6.36 30.82
CA GLY B 296 1.67 5.35 29.90
C GLY B 296 2.22 5.89 28.60
N VAL B 297 1.91 7.15 28.24
CA VAL B 297 2.34 7.79 27.00
C VAL B 297 3.85 7.81 26.76
N GLU B 298 4.66 7.86 27.84
CA GLU B 298 6.11 7.93 27.82
C GLU B 298 6.79 6.71 27.20
N ARG B 299 6.12 5.54 27.14
CA ARG B 299 6.70 4.31 26.64
C ARG B 299 6.26 3.97 25.23
N ALA B 300 5.47 4.85 24.58
CA ALA B 300 4.99 4.69 23.22
C ALA B 300 6.11 4.72 22.16
N ASN B 301 5.91 4.03 21.01
CA ASN B 301 6.91 4.00 19.95
C ASN B 301 6.60 5.02 18.87
N SER B 302 5.32 5.15 18.47
CA SER B 302 4.88 6.21 17.57
C SER B 302 3.62 6.91 18.04
N VAL B 303 3.60 8.25 18.02
CA VAL B 303 2.51 9.05 18.56
C VAL B 303 1.95 9.92 17.44
N THR B 304 0.61 9.92 17.23
CA THR B 304 -0.06 10.89 16.34
C THR B 304 -0.65 12.00 17.18
N TRP B 305 -0.31 13.26 16.87
CA TRP B 305 -0.84 14.47 17.49
C TRP B 305 -1.41 15.40 16.42
N ASN B 306 -2.68 15.87 16.52
CA ASN B 306 -3.20 16.90 15.61
C ASN B 306 -3.32 18.27 16.30
N PRO B 307 -2.49 19.26 15.97
CA PRO B 307 -2.65 20.62 16.46
C PRO B 307 -3.86 21.35 15.90
N HIS B 308 -4.22 21.13 14.62
CA HIS B 308 -5.35 21.80 13.99
C HIS B 308 -6.69 21.53 14.68
N LYS B 309 -6.94 20.26 15.08
CA LYS B 309 -8.03 19.94 15.98
C LYS B 309 -7.97 20.56 17.38
N MET B 310 -6.81 20.51 18.06
CA MET B 310 -6.76 20.69 19.50
C MET B 310 -6.19 22.00 20.01
N MET B 311 -5.43 22.75 19.19
CA MET B 311 -4.86 24.03 19.56
C MET B 311 -5.38 25.19 18.71
N GLY B 312 -6.34 24.90 17.81
CA GLY B 312 -7.04 25.91 17.00
C GLY B 312 -6.31 26.37 15.76
N VAL B 313 -5.35 25.56 15.25
CA VAL B 313 -4.45 25.96 14.18
C VAL B 313 -5.17 25.90 12.82
N PRO B 314 -5.20 26.94 11.96
CA PRO B 314 -5.73 26.88 10.59
C PRO B 314 -5.43 25.64 9.76
N LEU B 315 -6.43 25.16 9.01
CA LEU B 315 -6.59 23.75 8.63
C LEU B 315 -5.46 23.10 7.85
N GLN B 316 -5.30 21.76 8.06
CA GLN B 316 -4.15 20.95 7.67
C GLN B 316 -2.92 21.18 8.55
N CYS B 317 -2.68 20.26 9.50
CA CYS B 317 -1.50 20.19 10.36
C CYS B 317 -1.64 19.00 11.31
N SER B 318 -1.03 17.86 10.97
CA SER B 318 -0.94 16.65 11.77
C SER B 318 0.51 16.30 11.99
N ALA B 319 0.92 15.87 13.19
CA ALA B 319 2.30 15.56 13.47
C ALA B 319 2.41 14.11 13.94
N LEU B 320 3.34 13.37 13.30
CA LEU B 320 3.66 11.99 13.59
C LEU B 320 5.04 11.91 14.23
N LEU B 321 5.09 11.60 15.53
CA LEU B 321 6.30 11.61 16.33
C LEU B 321 6.73 10.17 16.58
N VAL B 322 7.96 9.80 16.17
CA VAL B 322 8.48 8.44 16.25
C VAL B 322 9.70 8.36 17.15
N ARG B 323 9.73 7.39 18.10
CA ARG B 323 10.68 7.34 19.19
C ARG B 323 12.15 7.21 18.74
N GLU B 324 12.42 6.39 17.71
CA GLU B 324 13.77 6.06 17.29
C GLU B 324 14.19 6.96 16.12
N GLU B 325 15.34 7.65 16.25
CA GLU B 325 15.95 8.40 15.16
C GLU B 325 16.33 7.60 13.92
N GLY B 326 16.09 8.18 12.72
CA GLY B 326 16.61 7.70 11.44
C GLY B 326 15.65 6.91 10.60
N LEU B 327 14.62 6.30 11.23
CA LEU B 327 13.67 5.41 10.59
C LEU B 327 13.00 5.94 9.32
N MET B 328 12.54 7.20 9.32
CA MET B 328 11.77 7.79 8.24
C MET B 328 12.55 7.93 6.94
N GLN B 329 13.83 8.35 7.04
CA GLN B 329 14.75 8.45 5.91
C GLN B 329 14.90 7.09 5.20
N ASN B 330 15.31 6.07 6.00
CA ASN B 330 15.57 4.70 5.55
C ASN B 330 14.34 4.04 4.92
N CYS B 331 13.18 4.26 5.57
CA CYS B 331 11.87 3.76 5.20
C CYS B 331 11.40 4.20 3.81
N ASN B 332 11.68 5.47 3.44
CA ASN B 332 11.00 6.11 2.34
C ASN B 332 11.91 6.38 1.14
N GLN B 333 13.26 6.41 1.32
CA GLN B 333 14.18 6.56 0.19
C GLN B 333 14.15 5.35 -0.76
N MET B 334 14.14 5.61 -2.08
CA MET B 334 14.14 4.55 -3.09
C MET B 334 15.44 4.46 -3.89
N HIS B 335 16.43 5.32 -3.59
CA HIS B 335 17.83 5.06 -3.91
C HIS B 335 18.72 5.41 -2.73
N ALA B 336 19.95 4.87 -2.69
CA ALA B 336 21.06 5.39 -1.90
C ALA B 336 21.46 6.82 -2.25
N SER B 337 21.50 7.14 -3.57
CA SER B 337 21.70 8.49 -4.08
C SER B 337 20.59 8.80 -5.09
N TYR B 338 19.67 9.76 -4.87
CA TYR B 338 19.57 10.72 -3.77
C TYR B 338 20.60 11.85 -3.81
N LEU B 339 20.13 13.10 -4.04
CA LEU B 339 20.95 14.16 -4.58
C LEU B 339 21.21 15.29 -3.57
N PHE B 340 20.94 15.04 -2.28
CA PHE B 340 21.30 15.98 -1.21
C PHE B 340 22.63 15.67 -0.54
N GLN B 341 23.34 14.62 -1.00
CA GLN B 341 24.64 14.23 -0.48
C GLN B 341 25.49 13.62 -1.60
N GLN B 342 26.83 13.82 -1.64
CA GLN B 342 27.66 14.47 -0.63
C GLN B 342 28.19 15.82 -1.11
N ASP B 343 27.89 16.19 -2.37
CA ASP B 343 28.31 17.45 -3.00
C ASP B 343 27.76 18.71 -2.31
N LYS B 344 26.46 18.71 -1.95
CA LYS B 344 25.79 19.82 -1.30
C LYS B 344 26.37 20.22 0.06
N HIS B 345 26.45 21.55 0.33
CA HIS B 345 27.14 22.09 1.50
C HIS B 345 26.54 21.70 2.84
N TYR B 346 25.20 21.75 2.97
CA TYR B 346 24.47 21.46 4.20
C TYR B 346 24.63 20.03 4.73
N ASP B 347 24.71 19.91 6.08
CA ASP B 347 24.80 18.64 6.78
C ASP B 347 23.61 17.69 6.57
N LEU B 348 23.87 16.37 6.60
CA LEU B 348 22.89 15.31 6.51
C LEU B 348 21.84 15.36 7.62
N SER B 349 22.26 15.68 8.86
CA SER B 349 21.45 15.53 10.07
C SER B 349 20.14 16.33 10.09
N TYR B 350 20.14 17.56 9.53
CA TYR B 350 18.94 18.38 9.40
C TYR B 350 18.30 18.34 8.00
N ASP B 351 18.95 17.71 7.00
CA ASP B 351 18.38 17.56 5.68
C ASP B 351 19.16 16.49 4.86
N THR B 352 18.74 15.20 4.76
CA THR B 352 17.54 14.50 5.23
C THR B 352 16.20 15.03 4.74
N GLY B 353 16.08 15.20 3.41
CA GLY B 353 14.85 15.64 2.77
C GLY B 353 13.96 14.52 2.28
N ASP B 354 14.56 13.41 1.82
CA ASP B 354 13.86 12.30 1.20
C ASP B 354 13.31 11.29 2.23
N LYS B 355 12.55 11.78 3.21
CA LYS B 355 12.10 11.02 4.36
C LYS B 355 10.59 10.84 4.39
N ALA B 356 9.90 11.21 3.29
CA ALA B 356 8.46 11.04 3.15
C ALA B 356 8.11 10.51 1.76
N LEU B 357 6.90 9.94 1.60
CA LEU B 357 6.39 9.53 0.29
C LEU B 357 6.19 10.68 -0.70
N GLN B 358 5.63 11.81 -0.24
CA GLN B 358 5.46 13.00 -1.07
C GLN B 358 6.79 13.64 -1.49
N CYS B 359 6.83 14.17 -2.74
CA CYS B 359 8.05 14.76 -3.30
C CYS B 359 8.07 16.29 -3.23
N GLY B 360 7.05 16.92 -2.60
CA GLY B 360 7.21 18.23 -1.99
C GLY B 360 6.44 18.32 -0.70
N ARG B 361 6.85 19.23 0.19
CA ARG B 361 6.32 19.33 1.54
C ARG B 361 5.86 20.74 1.86
N HIS B 362 4.59 20.87 2.31
CA HIS B 362 4.02 22.11 2.81
C HIS B 362 4.68 22.62 4.09
N VAL B 363 4.77 23.95 4.27
CA VAL B 363 5.34 24.57 5.46
C VAL B 363 4.27 24.71 6.55
N ASP B 364 3.73 23.57 7.03
CA ASP B 364 2.65 23.53 8.01
C ASP B 364 3.10 23.98 9.42
N VAL B 365 4.41 23.93 9.70
CA VAL B 365 5.01 24.36 10.96
C VAL B 365 4.81 25.82 11.33
N PHE B 366 4.88 26.77 10.36
CA PHE B 366 5.06 28.18 10.69
C PHE B 366 3.91 28.78 11.48
N LYS B 367 2.66 28.42 11.09
CA LYS B 367 1.44 28.76 11.81
C LYS B 367 1.44 28.31 13.26
N LEU B 368 1.86 27.05 13.50
CA LEU B 368 1.83 26.43 14.81
C LEU B 368 2.89 27.06 15.69
N TRP B 369 4.11 27.25 15.15
CA TRP B 369 5.21 27.87 15.86
C TRP B 369 4.91 29.30 16.27
N LEU B 370 4.34 30.12 15.35
CA LEU B 370 4.08 31.52 15.64
C LEU B 370 2.93 31.70 16.63
N MET B 371 1.92 30.80 16.58
CA MET B 371 0.91 30.67 17.59
C MET B 371 1.45 30.25 18.96
N TRP B 372 2.37 29.27 19.01
CA TRP B 372 2.99 28.81 20.23
C TRP B 372 3.83 29.90 20.89
N ARG B 373 4.51 30.77 20.10
CA ARG B 373 5.09 32.02 20.58
C ARG B 373 4.04 32.96 21.19
N ALA B 374 3.03 33.33 20.40
CA ALA B 374 2.04 34.32 20.76
C ALA B 374 1.05 33.95 21.89
N LYS B 375 0.63 32.67 21.97
CA LYS B 375 -0.28 32.15 22.99
C LYS B 375 0.40 31.41 24.15
N GLY B 376 1.47 30.65 23.86
CA GLY B 376 2.15 29.79 24.82
C GLY B 376 1.42 28.54 25.29
N THR B 377 2.18 27.69 26.01
CA THR B 377 1.70 26.51 26.73
C THR B 377 0.66 26.87 27.78
N THR B 378 0.83 28.03 28.43
CA THR B 378 -0.07 28.56 29.46
C THR B 378 -1.44 28.87 28.88
N GLY B 379 -1.48 29.50 27.68
CA GLY B 379 -2.69 29.67 26.89
C GLY B 379 -3.35 28.38 26.47
N PHE B 380 -2.58 27.40 25.95
CA PHE B 380 -3.12 26.10 25.58
C PHE B 380 -3.76 25.35 26.77
N GLU B 381 -3.08 25.35 27.94
CA GLU B 381 -3.61 24.87 29.21
C GLU B 381 -4.92 25.52 29.62
N ALA B 382 -4.96 26.88 29.67
CA ALA B 382 -6.12 27.67 30.06
C ALA B 382 -7.33 27.39 29.17
N HIS B 383 -7.09 27.29 27.84
CA HIS B 383 -8.08 26.95 26.82
C HIS B 383 -8.73 25.60 27.12
N VAL B 384 -7.88 24.57 27.30
CA VAL B 384 -8.30 23.21 27.62
C VAL B 384 -9.08 23.15 28.93
N ASP B 385 -8.58 23.80 29.99
CA ASP B 385 -9.19 23.80 31.31
C ASP B 385 -10.57 24.49 31.31
N LYS B 386 -10.72 25.59 30.55
CA LYS B 386 -12.00 26.22 30.31
C LYS B 386 -13.01 25.36 29.55
N CYS B 387 -12.57 24.66 28.49
CA CYS B 387 -13.40 23.70 27.78
C CYS B 387 -13.88 22.55 28.66
N LEU B 388 -13.02 22.03 29.55
CA LEU B 388 -13.37 21.00 30.51
C LEU B 388 -14.34 21.51 31.58
N GLU B 389 -14.22 22.79 32.00
CA GLU B 389 -15.18 23.43 32.89
C GLU B 389 -16.59 23.54 32.31
N LEU B 390 -16.71 23.92 31.02
CA LEU B 390 -17.98 23.93 30.32
C LEU B 390 -18.63 22.55 30.21
N ALA B 391 -17.83 21.50 29.90
CA ALA B 391 -18.29 20.12 29.86
C ALA B 391 -18.80 19.57 31.21
N GLU B 392 -18.08 19.87 32.32
CA GLU B 392 -18.54 19.61 33.67
C GLU B 392 -19.87 20.28 33.99
N TYR B 393 -19.99 21.59 33.65
CA TYR B 393 -21.20 22.36 33.83
C TYR B 393 -22.38 21.76 33.07
N LEU B 394 -22.18 21.47 31.77
CA LEU B 394 -23.16 20.91 30.86
C LEU B 394 -23.75 19.60 31.36
N TYR B 395 -22.87 18.64 31.75
CA TYR B 395 -23.27 17.34 32.28
C TYR B 395 -24.11 17.49 33.56
N ASN B 396 -23.66 18.39 34.46
CA ASN B 396 -24.30 18.67 35.73
C ASN B 396 -25.73 19.19 35.55
N ILE B 397 -25.96 20.05 34.53
CA ILE B 397 -27.29 20.47 34.14
C ILE B 397 -28.11 19.32 33.55
N ILE B 398 -27.73 18.81 32.36
CA ILE B 398 -28.59 17.93 31.58
C ILE B 398 -28.95 16.61 32.26
N LYS B 399 -28.01 15.98 33.00
CA LYS B 399 -28.21 14.70 33.65
C LYS B 399 -29.37 14.70 34.65
N ASN B 400 -29.54 15.83 35.36
CA ASN B 400 -30.49 15.97 36.46
C ASN B 400 -31.74 16.73 36.01
N ARG B 401 -31.75 17.21 34.75
CA ARG B 401 -32.91 17.76 34.07
C ARG B 401 -33.67 16.69 33.29
N GLU B 402 -35.01 16.79 33.24
CA GLU B 402 -35.85 15.72 32.73
C GLU B 402 -35.70 15.46 31.22
N GLY B 403 -35.76 14.17 30.81
CA GLY B 403 -35.75 13.77 29.40
C GLY B 403 -34.40 13.77 28.71
N TYR B 404 -33.29 13.61 29.46
CA TYR B 404 -31.97 13.38 28.89
C TYR B 404 -31.40 12.03 29.31
N GLU B 405 -30.84 11.27 28.35
CA GLU B 405 -30.25 9.97 28.59
C GLU B 405 -28.87 9.92 27.94
N MET B 406 -27.87 9.28 28.58
CA MET B 406 -26.51 9.28 28.06
C MET B 406 -26.23 8.03 27.22
N VAL B 407 -25.38 8.18 26.19
CA VAL B 407 -24.92 7.05 25.37
C VAL B 407 -23.86 6.19 26.06
N PHE B 408 -22.99 6.78 26.91
CA PHE B 408 -22.03 6.03 27.71
C PHE B 408 -22.06 6.42 29.19
N ASP B 409 -21.58 5.49 30.04
CA ASP B 409 -21.45 5.61 31.48
C ASP B 409 -20.55 6.75 31.99
N GLY B 410 -20.97 7.42 33.09
CA GLY B 410 -20.25 8.50 33.77
C GLY B 410 -19.98 9.80 33.03
N LYS B 411 -19.14 10.65 33.66
CA LYS B 411 -18.72 11.96 33.21
C LYS B 411 -18.04 12.01 31.82
N PRO B 412 -18.17 13.07 31.01
CA PRO B 412 -17.49 13.19 29.72
C PRO B 412 -15.97 13.16 29.92
N GLN B 413 -15.25 12.43 29.05
CA GLN B 413 -13.93 11.95 29.40
C GLN B 413 -12.73 12.92 29.50
N HIS B 414 -12.43 13.91 28.62
CA HIS B 414 -13.11 14.47 27.44
C HIS B 414 -14.18 15.54 27.64
N THR B 415 -14.40 16.36 26.58
CA THR B 415 -15.52 17.29 26.48
C THR B 415 -16.64 16.78 25.57
N ASN B 416 -16.46 15.63 24.90
CA ASN B 416 -17.48 14.96 24.11
C ASN B 416 -18.70 14.50 24.91
N VAL B 417 -19.86 15.18 24.77
CA VAL B 417 -21.10 14.78 25.41
C VAL B 417 -22.01 14.11 24.37
N CYS B 418 -21.98 12.76 24.33
CA CYS B 418 -22.88 11.90 23.57
C CYS B 418 -24.19 11.57 24.26
N PHE B 419 -25.30 12.23 23.88
CA PHE B 419 -26.55 12.13 24.61
C PHE B 419 -27.75 11.89 23.68
N TRP B 420 -28.84 11.37 24.27
CA TRP B 420 -30.14 11.33 23.67
C TRP B 420 -31.03 12.29 24.44
N TYR B 421 -31.96 12.93 23.72
CA TYR B 421 -33.00 13.77 24.27
C TYR B 421 -34.35 13.14 23.99
N ILE B 422 -35.24 13.13 25.00
CA ILE B 422 -36.52 12.47 24.98
C ILE B 422 -37.61 13.55 24.94
N PRO B 423 -38.34 13.78 23.84
CA PRO B 423 -39.45 14.74 23.77
C PRO B 423 -40.56 14.45 24.79
N PRO B 424 -41.33 15.40 25.34
CA PRO B 424 -42.35 15.20 26.38
C PRO B 424 -43.23 13.97 26.18
N SER B 425 -43.85 13.83 24.99
CA SER B 425 -44.77 12.74 24.64
C SER B 425 -44.17 11.34 24.85
N LEU B 426 -42.89 11.18 24.52
CA LEU B 426 -42.14 9.94 24.60
C LEU B 426 -41.79 9.53 26.03
N ARG B 427 -41.69 10.49 26.98
CA ARG B 427 -41.03 10.33 28.28
C ARG B 427 -41.64 9.25 29.17
N THR B 428 -42.97 9.10 29.12
CA THR B 428 -43.75 8.12 29.90
C THR B 428 -43.54 6.67 29.46
N LEU B 429 -43.08 6.45 28.21
CA LEU B 429 -43.01 5.13 27.59
C LEU B 429 -41.72 4.39 27.97
N GLU B 430 -41.60 4.02 29.25
CA GLU B 430 -40.52 3.25 29.85
C GLU B 430 -40.27 1.85 29.27
N ASP B 431 -41.36 1.12 28.90
CA ASP B 431 -41.40 -0.04 28.00
C ASP B 431 -40.19 -0.27 27.07
N ASN B 432 -39.61 -1.50 27.11
CA ASN B 432 -38.46 -1.88 26.31
C ASN B 432 -38.67 -1.82 24.79
N GLU B 433 -37.65 -1.27 24.09
CA GLU B 433 -37.31 -1.55 22.69
C GLU B 433 -38.11 -0.75 21.68
N GLU B 434 -39.44 -0.69 21.83
CA GLU B 434 -40.39 -0.10 20.88
C GLU B 434 -40.14 1.39 20.65
N ARG B 435 -39.83 2.13 21.74
CA ARG B 435 -39.44 3.53 21.74
C ARG B 435 -38.25 3.93 20.86
N MET B 436 -37.39 2.96 20.45
CA MET B 436 -36.36 3.12 19.44
C MET B 436 -36.83 3.77 18.14
N SER B 437 -38.06 3.39 17.70
CA SER B 437 -38.63 3.79 16.42
C SER B 437 -38.76 5.30 16.32
N ARG B 438 -39.34 5.94 17.37
CA ARG B 438 -39.44 7.39 17.42
C ARG B 438 -38.09 8.04 17.67
N LEU B 439 -37.30 7.46 18.61
CA LEU B 439 -36.04 8.03 19.06
C LEU B 439 -35.03 8.21 17.95
N SER B 440 -34.95 7.21 17.05
CA SER B 440 -34.07 7.20 15.89
C SER B 440 -34.34 8.31 14.87
N LYS B 441 -35.52 8.95 14.94
CA LYS B 441 -35.92 10.04 14.07
C LYS B 441 -35.82 11.43 14.70
N VAL B 442 -35.66 11.53 16.03
CA VAL B 442 -35.64 12.80 16.76
C VAL B 442 -34.47 13.69 16.33
N ALA B 443 -33.23 13.15 16.41
CA ALA B 443 -32.02 13.83 15.99
C ALA B 443 -31.98 14.39 14.56
N PRO B 444 -32.47 13.72 13.51
CA PRO B 444 -32.70 14.34 12.21
C PRO B 444 -33.63 15.55 12.25
N VAL B 445 -34.82 15.43 12.87
CA VAL B 445 -35.84 16.48 12.88
C VAL B 445 -35.33 17.76 13.57
N ILE B 446 -34.64 17.58 14.72
CA ILE B 446 -34.01 18.66 15.46
C ILE B 446 -32.92 19.36 14.65
N LYS B 447 -32.01 18.58 14.00
CA LYS B 447 -30.96 19.10 13.14
C LYS B 447 -31.47 19.90 11.95
N ALA B 448 -32.54 19.41 11.29
CA ALA B 448 -33.23 20.07 10.21
C ALA B 448 -33.74 21.45 10.63
N ARG B 449 -34.50 21.50 11.74
CA ARG B 449 -35.06 22.73 12.27
C ARG B 449 -33.99 23.71 12.76
N MET B 450 -32.92 23.21 13.41
CA MET B 450 -31.73 23.97 13.76
C MET B 450 -31.05 24.66 12.58
N MET B 451 -30.81 23.92 11.48
CA MET B 451 -30.23 24.45 10.25
C MET B 451 -31.15 25.46 9.56
N GLU B 452 -32.48 25.21 9.56
CA GLU B 452 -33.46 26.14 9.04
C GLU B 452 -33.45 27.49 9.78
N TYR B 453 -33.54 27.46 11.13
CA TYR B 453 -33.54 28.64 11.98
C TYR B 453 -32.21 29.40 11.98
N GLY B 454 -31.08 28.67 11.98
CA GLY B 454 -29.73 29.22 11.95
C GLY B 454 -29.23 29.69 13.29
N THR B 455 -29.79 29.12 14.38
CA THR B 455 -29.67 29.64 15.74
C THR B 455 -28.51 29.03 16.50
N THR B 456 -28.38 27.70 16.45
CA THR B 456 -27.21 26.97 16.91
C THR B 456 -27.12 25.70 16.08
N MET B 457 -25.89 25.22 15.81
CA MET B 457 -25.62 23.99 15.09
C MET B 457 -24.85 22.98 15.91
N VAL B 458 -25.45 21.83 16.29
CA VAL B 458 -24.72 20.74 16.94
C VAL B 458 -24.79 19.49 16.06
N SER B 459 -23.67 18.74 16.00
CA SER B 459 -23.55 17.44 15.35
C SER B 459 -24.40 16.31 15.94
N TYR B 460 -24.85 15.37 15.08
CA TYR B 460 -25.58 14.18 15.45
C TYR B 460 -24.90 12.99 14.75
N GLN B 461 -25.04 11.76 15.27
CA GLN B 461 -24.61 10.56 14.56
C GLN B 461 -25.25 9.31 15.16
N PRO B 462 -25.47 8.25 14.41
CA PRO B 462 -25.55 6.92 14.96
C PRO B 462 -24.17 6.28 15.01
N LEU B 463 -23.96 5.33 15.94
CA LEU B 463 -22.72 4.58 16.02
C LEU B 463 -23.03 3.11 16.26
N GLY B 464 -23.15 2.33 15.17
CA GLY B 464 -23.29 0.87 15.22
C GLY B 464 -24.65 0.49 15.75
N ASP B 465 -24.71 -0.14 16.95
CA ASP B 465 -25.95 -0.46 17.62
C ASP B 465 -26.74 0.81 17.98
N LYS B 466 -26.01 1.83 18.50
CA LYS B 466 -26.57 3.04 19.08
C LYS B 466 -27.26 3.95 18.07
N VAL B 467 -28.60 3.98 18.09
CA VAL B 467 -29.43 4.87 17.28
C VAL B 467 -29.16 6.36 17.46
N ASN B 468 -29.42 7.14 16.39
CA ASN B 468 -29.06 8.53 16.15
C ASN B 468 -29.06 9.46 17.38
N PHE B 469 -27.88 9.81 17.90
CA PHE B 469 -27.71 10.59 19.10
C PHE B 469 -26.96 11.88 18.83
N PHE B 470 -27.11 12.85 19.75
CA PHE B 470 -26.50 14.16 19.69
C PHE B 470 -25.06 14.07 20.15
N ARG B 471 -24.11 14.71 19.46
CA ARG B 471 -22.72 14.72 19.88
C ARG B 471 -22.24 16.15 20.05
N MET B 472 -22.32 16.65 21.29
CA MET B 472 -21.87 17.98 21.66
C MET B 472 -20.37 18.03 21.88
N VAL B 473 -19.62 18.82 21.08
CA VAL B 473 -18.18 18.97 21.22
C VAL B 473 -17.80 20.39 21.61
N ILE B 474 -16.78 20.55 22.47
CA ILE B 474 -16.35 21.84 22.99
C ILE B 474 -14.88 22.01 22.64
N SER B 475 -14.60 22.14 21.33
CA SER B 475 -13.32 22.60 20.78
C SER B 475 -13.37 24.03 20.25
N ASN B 476 -14.55 24.67 20.25
CA ASN B 476 -14.72 26.06 19.88
C ASN B 476 -14.04 27.08 20.84
N PRO B 477 -13.18 28.01 20.39
CA PRO B 477 -12.50 28.97 21.27
C PRO B 477 -13.44 30.09 21.71
N ALA B 478 -14.51 30.39 20.94
CA ALA B 478 -15.41 31.48 21.21
C ALA B 478 -16.68 31.04 21.95
N ALA B 479 -16.78 29.75 22.34
CA ALA B 479 -17.71 29.27 23.36
C ALA B 479 -17.63 29.97 24.72
N THR B 480 -18.79 30.11 25.37
CA THR B 480 -18.92 30.63 26.74
C THR B 480 -20.21 30.06 27.29
N HIS B 481 -20.50 30.26 28.60
CA HIS B 481 -21.60 29.63 29.32
C HIS B 481 -22.96 29.88 28.70
N GLN B 482 -23.20 31.11 28.19
CA GLN B 482 -24.47 31.58 27.68
C GLN B 482 -24.98 30.74 26.50
N ASP B 483 -24.06 30.30 25.62
CA ASP B 483 -24.37 29.46 24.47
C ASP B 483 -24.83 28.07 24.89
N ILE B 484 -24.21 27.51 25.95
CA ILE B 484 -24.51 26.21 26.52
C ILE B 484 -25.93 26.20 27.07
N ASP B 485 -26.26 27.23 27.89
CA ASP B 485 -27.57 27.49 28.46
C ASP B 485 -28.64 27.63 27.38
N PHE B 486 -28.34 28.41 26.32
CA PHE B 486 -29.19 28.61 25.16
C PHE B 486 -29.49 27.31 24.44
N LEU B 487 -28.45 26.49 24.15
CA LEU B 487 -28.57 25.19 23.51
C LEU B 487 -29.44 24.20 24.29
N ILE B 488 -29.30 24.14 25.64
CA ILE B 488 -30.10 23.26 26.48
C ILE B 488 -31.59 23.61 26.38
N GLU B 489 -31.91 24.92 26.49
CA GLU B 489 -33.24 25.45 26.32
C GLU B 489 -33.79 25.21 24.92
N GLU B 490 -32.96 25.47 23.88
CA GLU B 490 -33.32 25.31 22.48
C GLU B 490 -33.70 23.87 22.13
N ILE B 491 -32.96 22.88 22.68
CA ILE B 491 -33.27 21.47 22.46
C ILE B 491 -34.64 21.12 23.04
N GLU B 492 -34.92 21.52 24.31
CA GLU B 492 -36.23 21.29 24.88
C GLU B 492 -37.39 22.01 24.18
N ARG B 493 -37.23 23.34 23.92
CA ARG B 493 -38.21 24.20 23.28
C ARG B 493 -38.60 23.74 21.87
N LEU B 494 -37.61 23.29 21.07
CA LEU B 494 -37.84 22.69 19.78
C LEU B 494 -38.37 21.26 19.82
N GLY B 495 -37.86 20.43 20.76
CA GLY B 495 -38.17 19.01 20.84
C GLY B 495 -39.40 18.68 21.65
N GLN B 496 -40.59 19.01 21.11
CA GLN B 496 -41.84 18.91 21.81
C GLN B 496 -43.00 19.02 20.82
N ASP B 497 -44.23 18.57 21.16
CA ASP B 497 -44.55 17.68 22.25
C ASP B 497 -44.20 16.18 21.92
N GLU C 1 27.39 -23.57 -19.81
CA GLU C 1 26.68 -22.50 -20.58
C GLU C 1 27.14 -21.07 -20.29
N VAL C 2 26.61 -20.41 -19.22
CA VAL C 2 27.11 -19.15 -18.71
C VAL C 2 28.60 -19.16 -18.34
N GLN C 3 29.39 -18.27 -18.99
CA GLN C 3 30.81 -18.09 -18.71
C GLN C 3 31.17 -16.61 -18.59
N LEU C 4 31.88 -16.23 -17.51
CA LEU C 4 32.38 -14.88 -17.28
C LEU C 4 33.90 -14.88 -17.26
N VAL C 5 34.55 -14.02 -18.08
CA VAL C 5 36.01 -13.95 -18.16
C VAL C 5 36.47 -12.52 -17.87
N GLU C 6 37.20 -12.32 -16.76
CA GLU C 6 37.70 -11.04 -16.31
C GLU C 6 39.15 -10.81 -16.75
N SER C 7 39.47 -9.57 -17.16
CA SER C 7 40.81 -9.22 -17.63
C SER C 7 41.13 -7.82 -17.16
N GLY C 8 42.39 -7.37 -17.32
CA GLY C 8 42.83 -6.00 -17.02
C GLY C 8 43.77 -5.89 -15.85
N GLY C 9 43.93 -6.97 -15.06
CA GLY C 9 44.79 -7.01 -13.88
C GLY C 9 46.28 -6.81 -14.10
N GLY C 10 47.04 -6.67 -13.00
CA GLY C 10 48.49 -6.47 -13.03
C GLY C 10 48.98 -5.68 -11.84
N LEU C 11 50.30 -5.38 -11.83
CA LEU C 11 50.98 -4.59 -10.82
C LEU C 11 50.79 -3.11 -11.12
N VAL C 12 50.25 -2.33 -10.18
CA VAL C 12 49.91 -0.94 -10.41
C VAL C 12 50.38 -0.08 -9.23
N GLN C 13 50.83 1.16 -9.49
CA GLN C 13 51.28 2.07 -8.46
C GLN C 13 50.10 2.70 -7.71
N PRO C 14 50.13 2.93 -6.39
CA PRO C 14 49.03 3.57 -5.67
C PRO C 14 48.78 5.00 -6.16
N GLY C 15 47.49 5.39 -6.22
CA GLY C 15 47.06 6.69 -6.72
C GLY C 15 46.71 6.68 -8.20
N ARG C 16 47.09 5.62 -8.93
CA ARG C 16 46.86 5.51 -10.36
C ARG C 16 45.54 4.80 -10.65
N SER C 17 44.94 5.08 -11.82
CA SER C 17 43.68 4.49 -12.26
C SER C 17 43.86 3.26 -13.15
N LEU C 18 42.92 2.30 -13.08
CA LEU C 18 43.00 1.02 -13.77
C LEU C 18 41.60 0.55 -14.14
N ARG C 19 41.40 -0.02 -15.35
CA ARG C 19 40.10 -0.51 -15.77
C ARG C 19 40.10 -2.03 -15.96
N LEU C 20 39.22 -2.73 -15.23
CA LEU C 20 39.00 -4.16 -15.36
C LEU C 20 37.81 -4.43 -16.25
N SER C 21 37.92 -5.36 -17.21
CA SER C 21 36.82 -5.78 -18.06
C SER C 21 36.32 -7.16 -17.66
N CYS C 22 35.01 -7.44 -17.86
CA CYS C 22 34.41 -8.74 -17.64
C CYS C 22 33.57 -9.02 -18.87
N SER C 23 33.96 -10.04 -19.66
CA SER C 23 33.31 -10.37 -20.91
C SER C 23 32.43 -11.58 -20.72
N ALA C 24 31.11 -11.40 -20.90
CA ALA C 24 30.12 -12.42 -20.64
C ALA C 24 29.83 -13.28 -21.87
N SER C 25 29.22 -14.46 -21.66
CA SER C 25 28.86 -15.37 -22.71
C SER C 25 27.89 -16.38 -22.16
N GLY C 26 26.87 -16.80 -22.95
CA GLY C 26 25.92 -17.85 -22.59
C GLY C 26 24.61 -17.36 -22.05
N PHE C 27 24.37 -16.04 -22.10
CA PHE C 27 23.13 -15.43 -21.67
C PHE C 27 22.97 -14.07 -22.33
N THR C 28 21.73 -13.54 -22.37
CA THR C 28 21.42 -12.27 -23.01
C THR C 28 21.62 -11.13 -22.02
N PHE C 29 22.87 -10.63 -21.96
CA PHE C 29 23.45 -9.76 -20.95
C PHE C 29 22.61 -8.58 -20.46
N GLY C 30 21.90 -7.89 -21.39
CA GLY C 30 21.16 -6.65 -21.10
C GLY C 30 19.99 -6.80 -20.16
N ASP C 31 19.49 -8.04 -19.98
CA ASP C 31 18.38 -8.32 -19.09
C ASP C 31 18.83 -8.77 -17.70
N TYR C 32 20.14 -8.77 -17.39
CA TYR C 32 20.63 -9.31 -16.13
C TYR C 32 21.45 -8.33 -15.30
N ALA C 33 21.25 -8.38 -13.96
CA ALA C 33 22.13 -7.79 -12.97
C ALA C 33 23.52 -8.42 -12.94
N MET C 34 24.55 -7.59 -12.65
CA MET C 34 25.93 -8.00 -12.57
C MET C 34 26.55 -7.44 -11.29
N SER C 35 27.33 -8.25 -10.56
CA SER C 35 27.86 -7.87 -9.26
C SER C 35 29.36 -8.12 -9.21
N TRP C 36 30.12 -7.22 -8.57
CA TRP C 36 31.55 -7.31 -8.41
C TRP C 36 31.94 -7.67 -6.98
N PHE C 37 32.80 -8.70 -6.83
CA PHE C 37 33.34 -9.14 -5.56
C PHE C 37 34.86 -9.12 -5.62
N ARG C 38 35.54 -9.08 -4.47
CA ARG C 38 36.99 -9.10 -4.40
C ARG C 38 37.48 -10.06 -3.33
N LEU C 39 38.48 -10.89 -3.68
CA LEU C 39 39.10 -11.88 -2.82
C LEU C 39 40.54 -11.45 -2.55
N ALA C 40 40.86 -11.13 -1.29
CA ALA C 40 42.21 -10.79 -0.89
C ALA C 40 42.87 -12.07 -0.34
N PRO C 41 44.14 -12.35 -0.61
CA PRO C 41 44.78 -13.64 -0.32
C PRO C 41 44.73 -14.07 1.14
N GLY C 42 43.88 -15.08 1.44
CA GLY C 42 43.64 -15.62 2.79
C GLY C 42 42.87 -14.71 3.71
N LYS C 43 42.18 -13.69 3.16
CA LYS C 43 41.30 -12.80 3.90
C LYS C 43 39.83 -12.88 3.47
N GLY C 44 39.44 -13.93 2.71
CA GLY C 44 38.06 -14.14 2.28
C GLY C 44 37.53 -13.21 1.21
N LEU C 45 36.24 -13.37 0.88
CA LEU C 45 35.54 -12.53 -0.09
C LEU C 45 34.86 -11.30 0.51
N GLU C 46 34.79 -10.23 -0.30
CA GLU C 46 34.18 -8.96 0.02
C GLU C 46 33.36 -8.48 -1.17
N TRP C 47 32.19 -7.85 -0.93
CA TRP C 47 31.42 -7.18 -1.96
C TRP C 47 31.97 -5.81 -2.36
N VAL C 48 32.08 -5.53 -3.67
CA VAL C 48 32.55 -4.25 -4.17
C VAL C 48 31.37 -3.40 -4.60
N GLY C 49 30.54 -3.89 -5.54
CA GLY C 49 29.39 -3.15 -6.00
C GLY C 49 28.49 -4.01 -6.83
N LEU C 50 27.35 -3.45 -7.25
CA LEU C 50 26.28 -4.17 -7.91
C LEU C 50 25.67 -3.24 -8.93
N ILE C 51 25.38 -3.72 -10.15
CA ILE C 51 24.59 -2.96 -11.09
C ILE C 51 23.42 -3.83 -11.52
N LYS C 52 22.20 -3.27 -11.44
CA LYS C 52 20.98 -4.01 -11.67
C LYS C 52 20.65 -4.22 -13.14
N SER C 53 19.67 -5.10 -13.43
CA SER C 53 19.07 -5.23 -14.75
C SER C 53 18.38 -3.94 -15.19
N ARG C 54 18.52 -3.53 -16.47
CA ARG C 54 17.91 -2.32 -16.98
C ARG C 54 16.39 -2.41 -17.13
N ALA C 55 15.86 -3.65 -17.10
CA ALA C 55 14.44 -3.90 -17.03
C ALA C 55 13.87 -3.70 -15.62
N ILE C 56 14.72 -3.68 -14.58
CA ILE C 56 14.26 -3.62 -13.19
C ILE C 56 14.73 -2.37 -12.44
N ASP C 57 16.02 -1.98 -12.57
CA ASP C 57 16.39 -0.58 -12.47
C ASP C 57 17.48 -0.22 -13.51
N GLY C 58 18.76 -0.34 -13.11
CA GLY C 58 19.93 -0.16 -13.96
C GLY C 58 20.96 0.79 -13.41
N THR C 59 20.75 1.37 -12.20
CA THR C 59 21.72 2.29 -11.58
C THR C 59 22.69 1.55 -10.66
N PRO C 60 24.00 1.85 -10.64
CA PRO C 60 24.94 1.08 -9.84
C PRO C 60 24.86 1.41 -8.35
N GLN C 61 25.03 0.39 -7.50
CA GLN C 61 25.15 0.46 -6.06
C GLN C 61 26.58 0.06 -5.67
N TYR C 62 27.20 0.73 -4.70
CA TYR C 62 28.58 0.42 -4.32
C TYR C 62 28.66 0.12 -2.82
N ALA C 63 29.85 -0.32 -2.36
CA ALA C 63 30.15 -0.53 -0.97
C ALA C 63 30.87 0.69 -0.42
N ALA C 64 30.70 0.98 0.89
CA ALA C 64 31.32 2.06 1.64
C ALA C 64 32.75 2.46 1.26
N SER C 65 33.67 1.48 1.30
CA SER C 65 35.10 1.60 0.99
C SER C 65 35.40 2.23 -0.37
N VAL C 66 34.76 1.72 -1.43
CA VAL C 66 35.07 2.09 -2.79
C VAL C 66 34.16 3.20 -3.33
N LYS C 67 33.36 3.85 -2.46
CA LYS C 67 32.34 4.80 -2.90
C LYS C 67 32.93 6.12 -3.41
N GLY C 68 32.59 6.47 -4.67
CA GLY C 68 33.01 7.73 -5.30
C GLY C 68 34.42 7.71 -5.84
N ARG C 69 35.01 6.51 -5.98
CA ARG C 69 36.31 6.36 -6.60
C ARG C 69 36.38 5.12 -7.50
N PHE C 70 35.53 4.11 -7.29
CA PHE C 70 35.28 3.06 -8.26
C PHE C 70 33.98 3.35 -9.00
N THR C 71 33.86 2.87 -10.25
CA THR C 71 32.74 3.13 -11.14
C THR C 71 32.43 1.92 -11.99
N ILE C 72 31.18 1.41 -11.96
CA ILE C 72 30.81 0.20 -12.68
C ILE C 72 30.04 0.62 -13.93
N SER C 73 30.28 -0.04 -15.08
CA SER C 73 29.74 0.36 -16.37
C SER C 73 29.47 -0.83 -17.25
N ARG C 74 28.62 -0.66 -18.28
CA ARG C 74 28.16 -1.73 -19.14
C ARG C 74 28.23 -1.33 -20.62
N ASP C 75 28.37 -2.34 -21.49
CA ASP C 75 28.18 -2.20 -22.92
C ASP C 75 27.32 -3.41 -23.29
N ASP C 76 25.99 -3.18 -23.29
CA ASP C 76 24.99 -4.20 -23.50
C ASP C 76 25.02 -4.76 -24.92
N SER C 77 25.48 -3.93 -25.88
CA SER C 77 25.67 -4.29 -27.28
C SER C 77 26.71 -5.36 -27.53
N ASN C 78 27.70 -5.52 -26.62
CA ASN C 78 28.77 -6.49 -26.79
C ASN C 78 28.92 -7.42 -25.59
N SER C 79 27.93 -7.46 -24.68
CA SER C 79 27.89 -8.38 -23.54
C SER C 79 29.09 -8.28 -22.62
N ILE C 80 29.45 -7.06 -22.21
CA ILE C 80 30.70 -6.80 -21.54
C ILE C 80 30.53 -5.72 -20.48
N ALA C 81 30.93 -6.05 -19.24
CA ALA C 81 30.87 -5.19 -18.09
C ALA C 81 32.26 -4.68 -17.73
N TYR C 82 32.34 -3.53 -17.06
CA TYR C 82 33.59 -2.90 -16.71
C TYR C 82 33.58 -2.51 -15.25
N LEU C 83 34.74 -2.55 -14.61
CA LEU C 83 34.95 -1.90 -13.33
C LEU C 83 36.13 -0.97 -13.54
N GLN C 84 35.89 0.35 -13.39
CA GLN C 84 36.90 1.36 -13.47
C GLN C 84 37.32 1.70 -12.06
N MET C 85 38.61 1.66 -11.75
CA MET C 85 39.11 1.96 -10.43
C MET C 85 39.97 3.20 -10.51
N ASN C 86 39.71 4.21 -9.66
CA ASN C 86 40.43 5.46 -9.68
C ASN C 86 41.04 5.67 -8.30
N SER C 87 42.29 6.19 -8.24
CA SER C 87 43.00 6.42 -6.98
C SER C 87 43.14 5.19 -6.09
N LEU C 88 43.73 4.11 -6.62
CA LEU C 88 43.95 2.86 -5.89
C LEU C 88 44.81 3.00 -4.64
N THR C 89 44.41 2.33 -3.56
CA THR C 89 45.14 2.23 -2.31
C THR C 89 45.77 0.85 -2.23
N THR C 90 46.77 0.65 -1.36
CA THR C 90 47.39 -0.68 -1.22
C THR C 90 46.45 -1.71 -0.61
N GLU C 91 45.46 -1.24 0.17
CA GLU C 91 44.31 -1.98 0.67
C GLU C 91 43.28 -2.40 -0.40
N ASP C 92 43.47 -2.04 -1.68
CA ASP C 92 42.62 -2.48 -2.77
C ASP C 92 43.24 -3.68 -3.51
N THR C 93 44.41 -4.16 -3.06
CA THR C 93 45.07 -5.38 -3.55
C THR C 93 44.22 -6.62 -3.37
N ALA C 94 43.82 -7.28 -4.47
CA ALA C 94 42.95 -8.44 -4.42
C ALA C 94 42.81 -9.07 -5.81
N ILE C 95 42.22 -10.27 -5.86
CA ILE C 95 41.68 -10.87 -7.05
C ILE C 95 40.23 -10.44 -7.17
N TYR C 96 39.82 -9.88 -8.31
CA TYR C 96 38.51 -9.30 -8.50
C TYR C 96 37.68 -10.23 -9.36
N TYR C 97 36.48 -10.58 -8.87
CA TYR C 97 35.58 -11.51 -9.51
C TYR C 97 34.32 -10.82 -10.01
N CYS C 98 33.83 -11.31 -11.15
CA CYS C 98 32.59 -10.92 -11.76
C CYS C 98 31.56 -12.01 -11.48
N ALA C 99 30.29 -11.62 -11.24
CA ALA C 99 29.24 -12.54 -10.86
C ALA C 99 27.89 -12.13 -11.46
N ARG C 100 27.09 -13.14 -11.80
CA ARG C 100 25.76 -13.06 -12.38
C ARG C 100 24.72 -13.32 -11.30
N ASP C 101 23.61 -12.55 -11.21
CA ASP C 101 22.47 -12.94 -10.35
C ASP C 101 21.99 -14.36 -10.68
N PHE C 102 21.65 -15.17 -9.65
CA PHE C 102 21.16 -16.52 -9.83
C PHE C 102 19.80 -16.61 -10.51
N TYR C 103 18.87 -15.71 -10.14
CA TYR C 103 17.51 -15.69 -10.64
C TYR C 103 17.27 -14.78 -11.84
N ASP C 104 16.29 -15.16 -12.68
CA ASP C 104 15.80 -14.37 -13.81
C ASP C 104 15.09 -13.07 -13.39
N PHE C 105 15.07 -12.06 -14.29
CA PHE C 105 14.68 -10.69 -13.97
C PHE C 105 13.22 -10.53 -13.55
N TRP C 106 12.30 -11.38 -14.07
CA TRP C 106 10.89 -11.36 -13.70
C TRP C 106 10.65 -11.92 -12.30
N ASN C 107 11.63 -12.63 -11.72
CA ASN C 107 11.42 -13.54 -10.61
C ASN C 107 11.40 -12.78 -9.28
N GLU C 108 10.55 -13.23 -8.33
CA GLU C 108 10.45 -12.67 -6.98
C GLU C 108 11.74 -12.68 -6.18
N PHE C 109 12.58 -13.72 -6.33
CA PHE C 109 13.79 -13.90 -5.55
C PHE C 109 15.02 -13.28 -6.23
N SER C 110 14.83 -12.52 -7.33
CA SER C 110 15.88 -11.74 -7.99
C SER C 110 16.59 -10.71 -7.12
N HIS C 111 17.87 -10.44 -7.41
CA HIS C 111 18.72 -9.47 -6.73
C HIS C 111 18.98 -9.81 -5.26
N ARG C 112 19.21 -11.10 -4.95
CA ARG C 112 19.43 -11.58 -3.60
C ARG C 112 20.41 -12.75 -3.51
N THR C 113 20.92 -13.30 -4.64
CA THR C 113 21.80 -14.46 -4.64
C THR C 113 22.63 -14.43 -5.91
N PHE C 114 23.96 -14.64 -5.84
CA PHE C 114 24.81 -14.53 -7.02
C PHE C 114 25.59 -15.81 -7.29
N ASP C 115 25.77 -16.14 -8.59
CA ASP C 115 26.34 -17.38 -9.04
C ASP C 115 27.13 -17.12 -10.32
N PHE C 116 27.67 -18.19 -10.93
CA PHE C 116 28.34 -18.21 -12.22
C PHE C 116 29.66 -17.44 -12.26
N TRP C 117 30.30 -17.30 -11.08
CA TRP C 117 31.61 -16.73 -10.81
C TRP C 117 32.66 -16.94 -11.90
N GLY C 118 33.30 -15.86 -12.37
CA GLY C 118 34.42 -15.95 -13.30
C GLY C 118 35.70 -16.50 -12.73
N GLN C 119 36.77 -16.54 -13.54
CA GLN C 119 38.09 -16.97 -13.12
C GLN C 119 38.81 -15.93 -12.25
N GLY C 120 38.40 -14.66 -12.36
CA GLY C 120 39.00 -13.51 -11.69
C GLY C 120 40.37 -13.09 -12.19
N THR C 121 40.73 -11.82 -11.92
CA THR C 121 41.99 -11.23 -12.36
C THR C 121 42.68 -10.57 -11.18
N LEU C 122 43.99 -10.80 -11.00
CA LEU C 122 44.73 -10.30 -9.85
C LEU C 122 45.12 -8.83 -10.04
N VAL C 123 44.85 -8.00 -9.03
CA VAL C 123 45.28 -6.61 -8.98
C VAL C 123 46.17 -6.45 -7.77
N THR C 124 47.47 -6.14 -7.98
CA THR C 124 48.40 -5.90 -6.88
C THR C 124 48.82 -4.45 -6.93
N VAL C 125 48.77 -3.76 -5.76
CA VAL C 125 49.05 -2.36 -5.68
C VAL C 125 50.27 -2.19 -4.79
N SER C 126 51.36 -1.58 -5.30
CA SER C 126 52.66 -1.62 -4.61
C SER C 126 53.45 -0.34 -4.80
N SER C 127 54.08 0.16 -3.71
CA SER C 127 55.01 1.28 -3.72
C SER C 127 56.45 0.85 -3.43
N ALA C 128 56.74 -0.47 -3.42
CA ALA C 128 58.10 -0.97 -3.24
C ALA C 128 59.12 -0.48 -4.29
N SER C 129 60.31 -0.06 -3.82
CA SER C 129 61.40 0.42 -4.68
C SER C 129 62.73 -0.23 -4.35
N THR C 130 62.74 -1.28 -3.51
CA THR C 130 63.96 -2.01 -3.12
C THR C 130 64.67 -2.70 -4.29
N LYS C 131 66.03 -2.68 -4.27
CA LYS C 131 66.84 -3.20 -5.36
C LYS C 131 67.52 -4.53 -5.03
N GLY C 132 67.19 -5.58 -5.82
CA GLY C 132 67.75 -6.94 -5.72
C GLY C 132 67.45 -7.72 -4.45
N PRO C 133 67.83 -8.99 -4.40
CA PRO C 133 67.54 -9.85 -3.26
C PRO C 133 68.64 -9.72 -2.21
N SER C 134 68.27 -9.60 -0.92
CA SER C 134 69.25 -9.67 0.15
C SER C 134 69.11 -11.03 0.81
N VAL C 135 70.22 -11.80 0.84
CA VAL C 135 70.25 -13.15 1.39
C VAL C 135 70.92 -13.13 2.75
N PHE C 136 70.31 -13.78 3.76
CA PHE C 136 70.77 -13.81 5.12
C PHE C 136 70.94 -15.25 5.61
N PRO C 137 72.03 -15.62 6.28
CA PRO C 137 72.21 -16.97 6.79
C PRO C 137 71.46 -17.23 8.10
N LEU C 138 70.96 -18.46 8.27
CA LEU C 138 70.27 -18.93 9.45
C LEU C 138 70.99 -20.21 9.90
N ALA C 139 71.93 -20.09 10.85
CA ALA C 139 72.75 -21.20 11.29
C ALA C 139 73.05 -21.10 12.79
N PRO C 140 73.39 -22.20 13.49
CA PRO C 140 73.64 -22.22 14.94
C PRO C 140 74.62 -21.17 15.49
N SER C 141 74.40 -20.72 16.74
CA SER C 141 75.21 -19.66 17.36
C SER C 141 76.57 -20.19 17.80
N SER C 142 76.67 -21.49 18.09
CA SER C 142 77.89 -22.15 18.52
C SER C 142 77.86 -23.59 18.06
N LYS C 143 79.03 -24.19 17.81
CA LYS C 143 79.18 -25.56 17.33
C LYS C 143 78.60 -26.68 18.19
N SER C 144 77.98 -27.68 17.51
CA SER C 144 77.55 -28.97 18.05
C SER C 144 76.58 -28.94 19.24
N THR C 145 75.56 -28.06 19.21
CA THR C 145 74.57 -27.92 20.28
C THR C 145 73.24 -28.55 19.91
N SER C 146 73.12 -29.12 18.70
CA SER C 146 71.83 -29.51 18.11
C SER C 146 71.64 -31.03 18.13
N GLY C 147 72.56 -31.77 18.78
CA GLY C 147 72.40 -33.21 19.02
C GLY C 147 72.89 -34.09 17.90
N GLY C 148 72.01 -34.95 17.34
CA GLY C 148 72.30 -35.80 16.18
C GLY C 148 72.27 -35.14 14.81
N THR C 149 71.54 -34.03 14.65
CA THR C 149 71.35 -33.38 13.35
C THR C 149 71.29 -31.89 13.54
N ALA C 150 71.60 -31.13 12.47
CA ALA C 150 71.56 -29.69 12.45
C ALA C 150 70.78 -29.22 11.24
N ALA C 151 70.01 -28.13 11.37
CA ALA C 151 69.28 -27.58 10.25
C ALA C 151 69.79 -26.18 9.97
N LEU C 152 70.13 -25.90 8.71
CA LEU C 152 70.65 -24.62 8.28
C LEU C 152 69.63 -23.99 7.36
N GLY C 153 69.76 -22.68 7.08
CA GLY C 153 68.77 -21.98 6.27
C GLY C 153 69.29 -20.77 5.58
N CYS C 154 68.60 -20.35 4.52
CA CYS C 154 68.83 -19.08 3.86
C CYS C 154 67.51 -18.34 3.85
N LEU C 155 67.57 -17.06 4.25
CA LEU C 155 66.47 -16.14 4.39
C LEU C 155 66.64 -15.07 3.35
N VAL C 156 65.64 -14.89 2.48
CA VAL C 156 65.71 -13.96 1.37
C VAL C 156 64.65 -12.88 1.54
N LYS C 157 65.12 -11.62 1.53
CA LYS C 157 64.35 -10.43 1.80
C LYS C 157 64.68 -9.36 0.77
N ASP C 158 63.94 -8.24 0.76
CA ASP C 158 64.11 -7.08 -0.12
C ASP C 158 63.81 -7.26 -1.61
N TYR C 159 63.65 -8.48 -2.14
CA TYR C 159 63.34 -8.74 -3.54
C TYR C 159 62.02 -8.11 -4.02
N PHE C 160 62.03 -7.49 -5.22
CA PHE C 160 60.83 -6.96 -5.84
C PHE C 160 61.01 -6.82 -7.36
N PRO C 161 60.04 -7.12 -8.23
CA PRO C 161 58.83 -7.93 -8.02
C PRO C 161 59.07 -9.34 -7.49
N GLU C 162 58.01 -10.05 -7.07
CA GLU C 162 58.09 -11.46 -6.71
C GLU C 162 58.48 -12.38 -7.88
N PRO C 163 59.17 -13.51 -7.72
CA PRO C 163 59.74 -14.00 -6.47
C PRO C 163 61.24 -14.19 -6.66
N VAL C 164 61.83 -15.22 -6.03
CA VAL C 164 63.22 -15.63 -6.16
C VAL C 164 63.26 -17.13 -6.39
N THR C 165 64.36 -17.64 -6.97
CA THR C 165 64.57 -19.07 -7.18
C THR C 165 65.74 -19.45 -6.28
N VAL C 166 65.54 -20.47 -5.43
CA VAL C 166 66.52 -20.94 -4.46
C VAL C 166 66.96 -22.37 -4.76
N SER C 167 68.28 -22.62 -4.77
CA SER C 167 68.85 -23.96 -4.93
C SER C 167 69.98 -24.16 -3.93
N TRP C 168 70.08 -25.37 -3.35
CA TRP C 168 71.14 -25.74 -2.42
C TRP C 168 72.26 -26.52 -3.08
N ASN C 169 73.52 -26.16 -2.74
CA ASN C 169 74.76 -26.63 -3.35
C ASN C 169 74.78 -26.72 -4.88
N SER C 170 74.44 -25.62 -5.58
CA SER C 170 74.41 -25.52 -7.04
C SER C 170 73.46 -26.48 -7.73
N GLY C 171 72.27 -26.69 -7.15
CA GLY C 171 71.21 -27.52 -7.73
C GLY C 171 71.37 -28.99 -7.50
N ALA C 172 72.20 -29.40 -6.53
CA ALA C 172 72.42 -30.79 -6.21
C ALA C 172 71.27 -31.39 -5.38
N LEU C 173 70.55 -30.53 -4.63
CA LEU C 173 69.51 -30.94 -3.72
C LEU C 173 68.15 -30.35 -4.12
N THR C 174 67.24 -31.22 -4.62
CA THR C 174 65.81 -30.91 -4.68
C THR C 174 65.03 -31.81 -3.73
N SER C 175 65.73 -32.67 -2.97
CA SER C 175 65.14 -33.63 -2.03
C SER C 175 65.85 -33.47 -0.70
N GLY C 176 65.09 -33.25 0.38
CA GLY C 176 65.62 -33.06 1.74
C GLY C 176 65.63 -31.60 2.15
N VAL C 177 65.32 -30.71 1.19
CA VAL C 177 65.24 -29.28 1.38
C VAL C 177 63.79 -28.84 1.32
N HIS C 178 63.42 -27.79 2.10
CA HIS C 178 62.09 -27.21 2.05
C HIS C 178 62.14 -25.71 1.94
N THR C 179 61.54 -25.14 0.88
CA THR C 179 61.47 -23.70 0.64
C THR C 179 60.05 -23.26 0.93
N PHE C 180 59.88 -22.36 1.91
CA PHE C 180 58.60 -21.95 2.44
C PHE C 180 57.89 -20.90 1.57
N PRO C 181 56.55 -20.84 1.57
CA PRO C 181 55.79 -19.85 0.80
C PRO C 181 56.16 -18.39 1.04
N ALA C 182 56.23 -17.57 -0.03
CA ALA C 182 56.51 -16.16 0.06
C ALA C 182 55.40 -15.38 0.80
N VAL C 183 55.78 -14.39 1.63
CA VAL C 183 54.79 -13.58 2.33
C VAL C 183 55.36 -12.20 2.58
N LEU C 184 54.49 -11.20 2.80
CA LEU C 184 54.87 -9.82 3.04
C LEU C 184 55.00 -9.52 4.53
N GLN C 185 56.21 -9.14 4.97
CA GLN C 185 56.51 -8.77 6.34
C GLN C 185 56.50 -7.24 6.45
N SER C 186 56.24 -6.72 7.67
CA SER C 186 56.03 -5.31 8.02
C SER C 186 56.86 -4.26 7.26
N SER C 187 56.18 -3.25 6.69
CA SER C 187 56.78 -2.10 6.00
C SER C 187 57.46 -2.44 4.67
N GLY C 188 56.78 -3.23 3.81
CA GLY C 188 57.25 -3.56 2.45
C GLY C 188 58.35 -4.59 2.33
N LEU C 189 58.53 -5.46 3.34
CA LEU C 189 59.53 -6.51 3.30
C LEU C 189 58.99 -7.84 2.77
N TYR C 190 58.94 -8.03 1.44
CA TYR C 190 58.66 -9.33 0.87
C TYR C 190 59.71 -10.38 1.23
N SER C 191 59.26 -11.56 1.71
CA SER C 191 60.11 -12.42 2.52
C SER C 191 59.86 -13.89 2.20
N LEU C 192 60.95 -14.64 2.00
CA LEU C 192 60.95 -16.06 1.69
C LEU C 192 62.04 -16.73 2.51
N SER C 193 62.00 -18.07 2.70
CA SER C 193 63.05 -18.75 3.44
C SER C 193 63.11 -20.21 3.06
N SER C 194 64.29 -20.84 3.20
CA SER C 194 64.49 -22.23 2.79
C SER C 194 65.39 -22.89 3.80
N VAL C 195 65.15 -24.18 4.10
CA VAL C 195 65.89 -24.96 5.08
C VAL C 195 66.57 -26.18 4.42
N VAL C 196 67.73 -26.58 4.97
CA VAL C 196 68.50 -27.78 4.62
C VAL C 196 68.91 -28.50 5.89
N THR C 197 68.71 -29.82 6.00
CA THR C 197 69.06 -30.56 7.21
C THR C 197 70.27 -31.43 6.91
N VAL C 198 71.28 -31.37 7.81
CA VAL C 198 72.59 -31.99 7.65
C VAL C 198 72.99 -32.65 8.98
N PRO C 199 74.03 -33.49 9.06
CA PRO C 199 74.45 -34.05 10.34
C PRO C 199 75.12 -33.00 11.21
N SER C 200 75.06 -33.13 12.55
CA SER C 200 75.66 -32.19 13.50
C SER C 200 77.19 -32.17 13.45
N SER C 201 77.80 -33.35 13.22
CA SER C 201 79.24 -33.55 13.12
C SER C 201 79.84 -33.08 11.81
N SER C 202 79.00 -32.83 10.78
CA SER C 202 79.47 -32.39 9.47
C SER C 202 79.88 -30.91 9.46
N LEU C 203 79.37 -30.11 10.41
CA LEU C 203 79.57 -28.67 10.46
C LEU C 203 81.03 -28.26 10.68
N GLY C 204 81.48 -27.19 9.99
CA GLY C 204 82.87 -26.75 9.99
C GLY C 204 83.74 -27.43 8.95
N THR C 205 83.70 -28.76 8.87
CA THR C 205 84.62 -29.53 8.03
C THR C 205 84.04 -29.81 6.66
N GLN C 206 82.74 -29.52 6.47
CA GLN C 206 82.01 -29.68 5.23
C GLN C 206 81.27 -28.38 4.96
N THR C 207 81.37 -27.87 3.72
CA THR C 207 80.82 -26.57 3.35
C THR C 207 79.47 -26.74 2.70
N TYR C 208 78.46 -25.95 3.14
CA TYR C 208 77.12 -25.99 2.61
C TYR C 208 76.77 -24.61 2.09
N ILE C 209 76.20 -24.52 0.88
CA ILE C 209 75.92 -23.26 0.23
C ILE C 209 74.47 -23.19 -0.21
N CYS C 210 73.91 -21.97 -0.20
CA CYS C 210 72.62 -21.64 -0.77
C CYS C 210 72.86 -20.70 -1.94
N ASN C 211 72.21 -20.95 -3.08
CA ASN C 211 72.32 -20.15 -4.27
C ASN C 211 70.95 -19.56 -4.54
N VAL C 212 70.86 -18.24 -4.72
CA VAL C 212 69.60 -17.56 -4.93
C VAL C 212 69.67 -16.73 -6.20
N ASN C 213 68.63 -16.76 -7.05
CA ASN C 213 68.62 -16.02 -8.30
C ASN C 213 67.32 -15.21 -8.37
N HIS C 214 67.39 -14.01 -8.96
CA HIS C 214 66.28 -13.08 -9.06
C HIS C 214 66.26 -12.46 -10.44
N LYS C 215 65.24 -12.78 -11.26
CA LYS C 215 65.19 -12.47 -12.68
C LYS C 215 65.44 -11.01 -13.11
N PRO C 216 64.87 -9.94 -12.53
CA PRO C 216 65.17 -8.57 -12.96
C PRO C 216 66.48 -8.05 -12.35
N SER C 217 67.30 -8.90 -11.71
CA SER C 217 68.54 -8.47 -11.07
C SER C 217 69.64 -9.49 -11.33
N ASN C 218 70.46 -9.83 -10.31
CA ASN C 218 71.60 -10.71 -10.40
C ASN C 218 71.55 -11.78 -9.32
N THR C 219 72.42 -12.82 -9.47
CA THR C 219 72.39 -14.02 -8.63
C THR C 219 73.30 -13.84 -7.41
N LYS C 220 72.99 -14.55 -6.31
CA LYS C 220 73.68 -14.47 -5.03
C LYS C 220 74.04 -15.86 -4.55
N VAL C 221 75.19 -15.97 -3.85
CA VAL C 221 75.71 -17.23 -3.33
C VAL C 221 76.13 -17.05 -1.87
N ASP C 222 75.54 -17.83 -0.93
CA ASP C 222 75.85 -17.69 0.48
C ASP C 222 76.33 -19.04 1.05
N LYS C 223 77.49 -19.03 1.75
CA LYS C 223 78.12 -20.16 2.42
C LYS C 223 77.92 -20.23 3.94
N ARG C 224 77.72 -21.42 4.53
CA ARG C 224 77.73 -21.59 5.98
C ARG C 224 79.12 -21.87 6.53
N VAL C 225 79.75 -20.87 7.17
CA VAL C 225 81.08 -20.97 7.77
C VAL C 225 80.96 -21.33 9.26
N GLU C 226 81.91 -22.17 9.76
CA GLU C 226 82.09 -22.58 11.16
C GLU C 226 81.69 -21.58 12.28
N PRO C 227 80.83 -21.93 13.24
CA PRO C 227 80.45 -21.01 14.30
C PRO C 227 81.40 -21.12 15.49
N LYS C 228 82.57 -20.46 15.41
CA LYS C 228 83.58 -20.46 16.45
C LYS C 228 83.25 -19.50 17.65
N GLN D 1 31.58 -3.23 11.01
CA GLN D 1 30.79 -4.09 10.05
C GLN D 1 30.56 -5.51 10.58
N SER D 2 29.50 -6.21 10.11
CA SER D 2 29.23 -7.59 10.51
C SER D 2 29.98 -8.55 9.60
N ALA D 3 30.86 -9.39 10.17
CA ALA D 3 31.46 -10.51 9.47
C ALA D 3 31.05 -11.78 10.19
N LEU D 4 30.42 -12.72 9.46
CA LEU D 4 29.83 -13.91 10.03
C LEU D 4 30.85 -14.86 10.64
N THR D 5 30.58 -15.40 11.85
CA THR D 5 31.59 -16.13 12.60
C THR D 5 31.63 -17.58 12.21
N GLN D 6 32.78 -18.03 11.68
CA GLN D 6 33.00 -19.36 11.15
C GLN D 6 34.21 -19.99 11.83
N PRO D 7 34.24 -21.30 12.14
CA PRO D 7 35.39 -21.94 12.74
C PRO D 7 36.50 -22.04 11.71
N ALA D 8 37.79 -21.90 12.11
CA ALA D 8 38.90 -21.76 11.19
C ALA D 8 39.08 -22.98 10.29
N SER D 9 38.93 -24.18 10.89
CA SER D 9 39.24 -25.43 10.27
C SER D 9 38.39 -26.53 10.88
N ALA D 10 38.06 -27.56 10.10
CA ALA D 10 37.27 -28.70 10.54
C ALA D 10 37.73 -29.90 9.75
N SER D 11 37.55 -31.12 10.27
CA SER D 11 38.12 -32.30 9.63
C SER D 11 37.37 -33.57 9.94
N GLY D 12 37.61 -34.61 9.11
CA GLY D 12 36.96 -35.91 9.24
C GLY D 12 37.68 -36.92 8.38
N SER D 13 37.25 -38.18 8.46
CA SER D 13 37.79 -39.29 7.68
C SER D 13 36.74 -39.79 6.70
N PRO D 14 37.08 -40.30 5.51
CA PRO D 14 36.13 -40.81 4.51
C PRO D 14 34.97 -41.68 5.01
N GLY D 15 33.74 -41.40 4.54
CA GLY D 15 32.53 -42.16 4.88
C GLY D 15 31.85 -41.72 6.15
N GLN D 16 32.46 -40.83 6.93
CA GLN D 16 31.87 -40.20 8.08
C GLN D 16 31.25 -38.86 7.69
N SER D 17 31.01 -37.96 8.65
CA SER D 17 30.37 -36.68 8.40
C SER D 17 31.05 -35.57 9.17
N VAL D 18 30.78 -34.32 8.79
CA VAL D 18 31.34 -33.15 9.44
C VAL D 18 30.32 -32.03 9.25
N THR D 19 30.21 -31.13 10.24
CA THR D 19 29.24 -30.05 10.23
C THR D 19 29.94 -28.76 10.58
N ILE D 20 29.66 -27.72 9.79
CA ILE D 20 30.29 -26.42 9.87
C ILE D 20 29.21 -25.43 10.30
N THR D 21 29.56 -24.50 11.21
CA THR D 21 28.66 -23.50 11.75
C THR D 21 29.00 -22.12 11.23
N CYS D 22 28.00 -21.26 11.11
CA CYS D 22 28.13 -19.89 10.63
C CYS D 22 27.18 -19.08 11.49
N THR D 23 27.74 -18.37 12.49
CA THR D 23 26.95 -17.64 13.48
C THR D 23 27.05 -16.16 13.20
N GLY D 24 25.90 -15.53 12.93
CA GLY D 24 25.81 -14.11 12.64
C GLY D 24 25.19 -13.37 13.81
N SER D 25 24.32 -12.41 13.48
CA SER D 25 23.59 -11.59 14.42
C SER D 25 22.09 -11.79 14.16
N SER D 26 21.24 -11.10 14.94
CA SER D 26 19.81 -11.08 14.74
C SER D 26 19.39 -10.23 13.53
N SER D 27 20.31 -9.40 13.01
CA SER D 27 20.05 -8.48 11.90
C SER D 27 20.58 -8.98 10.56
N ASP D 28 21.22 -10.16 10.51
CA ASP D 28 21.69 -10.75 9.27
C ASP D 28 21.22 -12.20 9.15
N VAL D 29 21.96 -13.18 9.68
CA VAL D 29 21.66 -14.61 9.67
C VAL D 29 20.32 -14.93 10.34
N GLY D 30 20.02 -14.27 11.48
CA GLY D 30 18.78 -14.46 12.21
C GLY D 30 17.59 -13.76 11.60
N GLY D 31 17.85 -12.74 10.77
CA GLY D 31 16.82 -11.84 10.23
C GLY D 31 16.21 -12.26 8.91
N TYR D 32 16.98 -12.95 8.04
CA TYR D 32 16.53 -13.27 6.69
C TYR D 32 16.73 -14.74 6.34
N LYS D 33 16.01 -15.24 5.31
CA LYS D 33 16.20 -16.59 4.81
C LYS D 33 17.18 -16.66 3.64
N TYR D 34 17.63 -15.51 3.11
CA TYR D 34 18.62 -15.43 2.05
C TYR D 34 20.04 -15.62 2.58
N VAL D 35 20.37 -16.88 2.96
CA VAL D 35 21.70 -17.29 3.40
C VAL D 35 22.27 -18.27 2.37
N SER D 36 23.46 -17.97 1.82
CA SER D 36 24.18 -18.84 0.90
C SER D 36 25.45 -19.42 1.49
N TRP D 37 25.92 -20.57 0.97
CA TRP D 37 27.22 -21.14 1.27
C TRP D 37 27.94 -21.42 -0.05
N TYR D 38 29.20 -20.99 -0.16
CA TYR D 38 30.05 -21.24 -1.32
C TYR D 38 31.17 -22.21 -0.97
N GLN D 39 31.65 -22.98 -1.97
CA GLN D 39 32.86 -23.78 -1.88
C GLN D 39 33.92 -23.20 -2.80
N HIS D 40 35.17 -23.08 -2.32
CA HIS D 40 36.27 -22.50 -3.05
C HIS D 40 37.48 -23.41 -3.00
N HIS D 41 37.92 -23.96 -4.14
CA HIS D 41 39.14 -24.75 -4.20
C HIS D 41 40.24 -23.90 -4.85
N PRO D 42 41.49 -23.85 -4.36
CA PRO D 42 42.53 -22.99 -4.93
C PRO D 42 42.75 -23.09 -6.43
N GLY D 43 42.73 -21.95 -7.15
CA GLY D 43 42.91 -21.89 -8.59
C GLY D 43 41.65 -22.08 -9.38
N LYS D 44 40.49 -22.09 -8.71
CA LYS D 44 39.18 -22.30 -9.32
C LYS D 44 38.14 -21.33 -8.78
N ALA D 45 37.14 -21.00 -9.62
CA ALA D 45 36.06 -20.10 -9.27
C ALA D 45 35.16 -20.61 -8.12
N PRO D 46 34.64 -19.79 -7.21
CA PRO D 46 33.65 -20.20 -6.21
C PRO D 46 32.40 -20.87 -6.78
N LYS D 47 31.84 -21.84 -6.05
CA LYS D 47 30.73 -22.65 -6.52
C LYS D 47 29.64 -22.63 -5.47
N LEU D 48 28.38 -22.32 -5.85
CA LEU D 48 27.26 -22.35 -4.93
C LEU D 48 26.94 -23.77 -4.45
N MET D 49 26.93 -24.02 -3.13
CA MET D 49 26.58 -25.31 -2.58
C MET D 49 25.17 -25.36 -2.02
N ILE D 50 24.78 -24.31 -1.27
CA ILE D 50 23.49 -24.21 -0.62
C ILE D 50 23.01 -22.78 -0.76
N TYR D 51 21.71 -22.57 -1.04
CA TYR D 51 21.08 -21.27 -1.01
C TYR D 51 19.75 -21.41 -0.30
N GLU D 52 19.18 -20.28 0.17
CA GLU D 52 17.92 -20.24 0.92
C GLU D 52 17.77 -21.28 2.04
N VAL D 53 18.79 -21.34 2.92
CA VAL D 53 18.88 -22.20 4.09
C VAL D 53 19.27 -23.63 3.77
N SER D 54 18.65 -24.28 2.76
CA SER D 54 18.81 -25.71 2.55
C SER D 54 18.62 -26.20 1.12
N LYS D 55 18.52 -25.31 0.12
CA LYS D 55 18.30 -25.70 -1.26
C LYS D 55 19.61 -25.85 -2.04
N ARG D 56 19.78 -26.95 -2.79
CA ARG D 56 20.94 -27.18 -3.63
C ARG D 56 20.71 -26.74 -5.09
N PRO D 57 21.72 -26.28 -5.83
CA PRO D 57 21.57 -25.96 -7.24
C PRO D 57 21.86 -27.21 -8.07
N SER D 58 21.64 -27.14 -9.40
CA SER D 58 21.81 -28.27 -10.32
C SER D 58 23.18 -28.93 -10.32
N GLY D 59 23.22 -30.26 -10.12
CA GLY D 59 24.42 -31.09 -10.25
C GLY D 59 25.44 -30.98 -9.13
N VAL D 60 25.03 -30.49 -7.94
CA VAL D 60 25.83 -30.59 -6.72
C VAL D 60 25.40 -31.84 -5.94
N PRO D 61 26.29 -32.77 -5.54
CA PRO D 61 25.93 -34.05 -4.91
C PRO D 61 24.91 -34.02 -3.77
N ASP D 62 23.96 -34.98 -3.75
CA ASP D 62 22.91 -35.08 -2.75
C ASP D 62 23.41 -35.70 -1.44
N ARG D 63 24.39 -35.02 -0.81
CA ARG D 63 24.91 -35.35 0.50
C ARG D 63 25.53 -34.13 1.18
N PHE D 64 25.53 -32.96 0.50
CA PHE D 64 25.78 -31.66 1.12
C PHE D 64 24.45 -31.10 1.61
N SER D 65 24.33 -30.78 2.90
CA SER D 65 23.05 -30.46 3.51
C SER D 65 23.14 -29.17 4.28
N GLY D 66 22.14 -28.30 4.14
CA GLY D 66 22.08 -26.98 4.75
C GLY D 66 20.98 -26.91 5.76
N SER D 67 21.16 -26.13 6.83
CA SER D 67 20.15 -25.96 7.87
C SER D 67 20.48 -24.74 8.69
N LYS D 68 19.53 -24.25 9.50
CA LYS D 68 19.71 -23.03 10.26
C LYS D 68 18.75 -23.11 11.43
N SER D 69 19.06 -22.38 12.51
CA SER D 69 18.16 -22.20 13.64
C SER D 69 18.58 -20.96 14.40
N GLY D 70 17.67 -19.98 14.56
CA GLY D 70 18.01 -18.67 15.11
C GLY D 70 19.09 -17.93 14.36
N ASN D 71 20.14 -17.48 15.07
CA ASN D 71 21.16 -16.58 14.54
C ASN D 71 22.34 -17.34 13.95
N MET D 72 22.20 -18.67 13.70
CA MET D 72 23.28 -19.53 13.30
C MET D 72 22.87 -20.55 12.25
N ALA D 73 23.58 -20.55 11.11
CA ALA D 73 23.39 -21.47 10.02
C ALA D 73 24.39 -22.61 10.11
N SER D 74 24.10 -23.75 9.46
CA SER D 74 24.97 -24.91 9.44
C SER D 74 25.07 -25.50 8.06
N LEU D 75 26.28 -25.91 7.66
CA LEU D 75 26.48 -26.76 6.51
C LEU D 75 26.93 -28.11 7.04
N THR D 76 26.38 -29.21 6.52
CA THR D 76 26.69 -30.55 6.98
C THR D 76 27.04 -31.41 5.80
N VAL D 77 28.26 -31.94 5.77
CA VAL D 77 28.75 -32.81 4.72
C VAL D 77 28.60 -34.25 5.19
N SER D 78 27.56 -34.95 4.68
CA SER D 78 27.38 -36.37 4.92
C SER D 78 28.19 -37.18 3.91
N GLY D 79 28.64 -38.40 4.31
CA GLY D 79 29.40 -39.32 3.47
C GLY D 79 30.68 -38.75 2.90
N LEU D 80 31.48 -38.07 3.74
CA LEU D 80 32.69 -37.34 3.41
C LEU D 80 33.65 -38.02 2.44
N GLN D 81 34.08 -37.29 1.40
CA GLN D 81 35.01 -37.74 0.38
C GLN D 81 36.26 -36.87 0.35
N ALA D 82 37.31 -37.33 -0.36
CA ALA D 82 38.59 -36.65 -0.49
C ALA D 82 38.49 -35.29 -1.17
N GLU D 83 37.73 -35.21 -2.29
CA GLU D 83 37.53 -33.98 -3.05
C GLU D 83 36.73 -32.89 -2.32
N ASP D 84 36.12 -33.22 -1.15
CA ASP D 84 35.40 -32.27 -0.34
C ASP D 84 36.33 -31.35 0.45
N GLU D 85 37.67 -31.53 0.33
CA GLU D 85 38.69 -30.73 0.97
C GLU D 85 38.84 -29.36 0.31
N ALA D 86 38.24 -28.32 0.92
CA ALA D 86 38.19 -27.00 0.33
C ALA D 86 37.93 -25.95 1.40
N ASP D 87 37.92 -24.66 1.00
CA ASP D 87 37.45 -23.55 1.78
C ASP D 87 35.95 -23.38 1.59
N TYR D 88 35.22 -23.19 2.68
CA TYR D 88 33.78 -23.02 2.67
C TYR D 88 33.42 -21.69 3.28
N TYR D 89 32.81 -20.80 2.49
CA TYR D 89 32.42 -19.47 2.89
C TYR D 89 30.91 -19.39 3.04
N CYS D 90 30.41 -18.71 4.09
CA CYS D 90 28.99 -18.47 4.23
C CYS D 90 28.74 -16.99 4.01
N SER D 91 27.54 -16.65 3.53
CA SER D 91 27.18 -15.29 3.23
C SER D 91 25.70 -15.11 3.48
N SER D 92 25.28 -13.89 3.86
CA SER D 92 23.90 -13.58 4.12
C SER D 92 23.56 -12.25 3.53
N TYR D 93 22.32 -12.09 3.03
CA TYR D 93 21.69 -10.80 2.92
C TYR D 93 21.59 -10.12 4.31
N ALA D 94 21.84 -8.81 4.38
CA ALA D 94 21.96 -8.06 5.61
C ALA D 94 21.02 -6.86 5.60
N GLY D 95 19.99 -6.91 4.72
CA GLY D 95 19.02 -5.82 4.56
C GLY D 95 19.55 -4.78 3.59
N SER D 96 18.70 -3.83 3.18
CA SER D 96 18.98 -2.92 2.08
C SER D 96 20.21 -2.04 2.28
N TYR D 97 20.43 -1.55 3.53
CA TYR D 97 21.49 -0.61 3.85
C TYR D 97 22.92 -1.14 3.65
N ASN D 98 23.20 -2.39 4.08
CA ASN D 98 24.52 -3.00 3.91
C ASN D 98 24.56 -4.01 2.76
N PHE D 99 23.39 -4.38 2.22
CA PHE D 99 23.17 -5.37 1.20
C PHE D 99 23.62 -6.81 1.56
N TYR D 100 24.85 -7.22 1.20
CA TYR D 100 25.44 -8.49 1.59
C TYR D 100 26.51 -8.39 2.67
N VAL D 101 26.74 -9.51 3.38
CA VAL D 101 27.84 -9.75 4.29
C VAL D 101 28.35 -11.17 4.14
N PHE D 102 29.63 -11.41 4.47
CA PHE D 102 30.30 -12.69 4.33
C PHE D 102 30.89 -13.13 5.66
N GLY D 103 31.20 -14.44 5.77
CA GLY D 103 31.96 -15.01 6.87
C GLY D 103 33.45 -15.06 6.67
N ASN D 104 34.16 -15.48 7.73
CA ASN D 104 35.61 -15.68 7.76
C ASN D 104 36.11 -16.78 6.82
N GLY D 105 35.31 -17.86 6.66
CA GLY D 105 35.65 -19.04 5.87
C GLY D 105 36.16 -20.17 6.73
N THR D 106 35.91 -21.41 6.30
CA THR D 106 36.32 -22.61 7.03
C THR D 106 37.07 -23.55 6.11
N LYS D 107 38.28 -23.98 6.52
CA LYS D 107 39.08 -24.97 5.82
C LYS D 107 38.72 -26.38 6.26
N VAL D 108 38.08 -27.17 5.39
CA VAL D 108 37.84 -28.58 5.66
C VAL D 108 39.02 -29.41 5.18
N THR D 109 39.57 -30.27 6.07
CA THR D 109 40.72 -31.12 5.82
C THR D 109 40.31 -32.57 5.98
N VAL D 110 40.60 -33.40 4.96
CA VAL D 110 40.25 -34.81 4.97
C VAL D 110 41.41 -35.69 5.43
N LEU D 111 41.34 -36.17 6.69
CA LEU D 111 42.28 -37.11 7.28
C LEU D 111 41.71 -37.53 8.62
N GLY D 112 41.55 -36.54 9.53
CA GLY D 112 40.94 -36.71 10.85
C GLY D 112 41.73 -37.54 11.83
N GLN D 113 43.06 -37.57 11.70
CA GLN D 113 43.95 -38.36 12.54
C GLN D 113 45.21 -37.56 12.87
N PRO D 114 45.72 -37.54 14.11
CA PRO D 114 46.95 -36.81 14.43
C PRO D 114 48.16 -37.70 14.21
N LYS D 115 48.52 -37.94 12.93
CA LYS D 115 49.51 -38.94 12.52
C LYS D 115 50.92 -38.78 13.05
N ALA D 116 51.44 -37.55 13.13
CA ALA D 116 52.80 -37.31 13.55
C ALA D 116 52.88 -36.09 14.46
N ASN D 117 53.88 -36.09 15.36
CA ASN D 117 54.18 -35.00 16.28
C ASN D 117 54.94 -33.88 15.55
N PRO D 118 54.51 -32.61 15.50
CA PRO D 118 55.23 -31.54 14.83
C PRO D 118 56.68 -31.37 15.26
N THR D 119 57.59 -30.99 14.36
CA THR D 119 58.96 -30.66 14.75
C THR D 119 59.13 -29.17 14.62
N VAL D 120 59.40 -28.51 15.74
CA VAL D 120 59.52 -27.06 15.83
C VAL D 120 60.98 -26.70 15.96
N THR D 121 61.45 -25.68 15.23
CA THR D 121 62.83 -25.21 15.35
C THR D 121 62.82 -23.71 15.30
N LEU D 122 63.51 -23.08 16.27
CA LEU D 122 63.62 -21.65 16.44
C LEU D 122 65.02 -21.20 16.05
N PHE D 123 65.17 -20.00 15.46
CA PHE D 123 66.47 -19.46 15.09
C PHE D 123 66.60 -18.03 15.59
N PRO D 124 67.67 -17.71 16.34
CA PRO D 124 68.04 -16.35 16.72
C PRO D 124 68.38 -15.46 15.52
N PRO D 125 68.33 -14.13 15.63
CA PRO D 125 68.77 -13.19 14.59
C PRO D 125 70.06 -13.49 13.84
N SER D 126 70.08 -13.28 12.51
CA SER D 126 71.27 -13.41 11.69
C SER D 126 72.32 -12.36 12.04
N SER D 127 73.62 -12.69 11.97
CA SER D 127 74.71 -11.75 12.30
C SER D 127 74.74 -10.54 11.38
N GLU D 128 74.45 -10.76 10.08
CA GLU D 128 74.38 -9.72 9.06
C GLU D 128 73.28 -8.71 9.36
N GLU D 129 72.10 -9.20 9.83
CA GLU D 129 70.97 -8.38 10.25
C GLU D 129 71.32 -7.53 11.47
N LEU D 130 71.96 -8.13 12.49
CA LEU D 130 72.32 -7.42 13.71
C LEU D 130 73.29 -6.28 13.45
N GLN D 131 74.28 -6.46 12.54
CA GLN D 131 75.15 -5.39 12.08
C GLN D 131 74.41 -4.25 11.37
N ALA D 132 73.40 -4.60 10.54
CA ALA D 132 72.51 -3.67 9.86
C ALA D 132 71.62 -2.85 10.79
N ASN D 133 71.42 -3.35 12.02
CA ASN D 133 70.59 -2.79 13.07
C ASN D 133 69.16 -3.32 13.00
N LYS D 134 68.99 -4.59 12.57
CA LYS D 134 67.74 -5.32 12.56
C LYS D 134 67.86 -6.66 13.28
N ALA D 135 66.75 -7.23 13.77
CA ALA D 135 66.75 -8.54 14.37
C ALA D 135 65.53 -9.31 13.89
N THR D 136 65.71 -10.49 13.25
CA THR D 136 64.58 -11.32 12.83
C THR D 136 64.70 -12.68 13.48
N LEU D 137 63.67 -13.10 14.22
CA LEU D 137 63.58 -14.40 14.83
C LEU D 137 62.68 -15.25 13.96
N VAL D 138 63.15 -16.44 13.59
CA VAL D 138 62.42 -17.29 12.67
C VAL D 138 62.06 -18.57 13.40
N CYS D 139 60.80 -19.01 13.27
CA CYS D 139 60.34 -20.25 13.83
C CYS D 139 59.76 -21.08 12.70
N LEU D 140 60.25 -22.32 12.54
CA LEU D 140 59.79 -23.26 11.54
C LEU D 140 59.07 -24.40 12.22
N ILE D 141 57.83 -24.69 11.76
CA ILE D 141 57.00 -25.75 12.28
C ILE D 141 56.77 -26.77 11.17
N SER D 142 57.52 -27.88 11.22
CA SER D 142 57.48 -28.91 10.20
C SER D 142 56.45 -29.99 10.52
N ASP D 143 55.92 -30.64 9.46
CA ASP D 143 55.19 -31.90 9.50
C ASP D 143 54.00 -32.00 10.47
N PHE D 144 53.08 -31.01 10.47
CA PHE D 144 51.97 -30.99 11.41
C PHE D 144 50.71 -31.62 10.81
N TYR D 145 49.87 -32.25 11.66
CA TYR D 145 48.67 -32.97 11.22
C TYR D 145 47.50 -32.81 12.19
N PRO D 146 46.25 -33.00 11.76
CA PRO D 146 45.81 -33.21 10.38
C PRO D 146 45.78 -31.91 9.59
N GLY D 147 45.10 -30.88 10.12
CA GLY D 147 44.83 -29.59 9.47
C GLY D 147 45.65 -28.45 10.05
N ALA D 148 44.98 -27.29 10.27
CA ALA D 148 45.54 -26.05 10.77
C ALA D 148 46.41 -26.10 12.05
N VAL D 149 47.26 -25.08 12.25
CA VAL D 149 48.15 -24.98 13.39
C VAL D 149 48.23 -23.53 13.86
N THR D 150 48.19 -23.31 15.20
CA THR D 150 48.17 -21.97 15.82
C THR D 150 49.43 -21.72 16.64
N VAL D 151 50.26 -20.75 16.22
CA VAL D 151 51.55 -20.43 16.82
C VAL D 151 51.56 -19.03 17.44
N ALA D 152 52.21 -18.88 18.62
CA ALA D 152 52.28 -17.63 19.34
C ALA D 152 53.69 -17.42 19.92
N TRP D 153 54.12 -16.14 19.97
CA TRP D 153 55.41 -15.71 20.48
C TRP D 153 55.32 -15.13 21.88
N LYS D 154 56.18 -15.60 22.81
CA LYS D 154 56.29 -15.04 24.14
C LYS D 154 57.73 -14.68 24.49
N ALA D 155 58.00 -13.40 24.81
CA ALA D 155 59.29 -12.95 25.27
C ALA D 155 59.24 -12.78 26.78
N ASP D 156 60.11 -13.51 27.53
CA ASP D 156 60.14 -13.58 29.00
C ASP D 156 58.75 -13.80 29.63
N GLY D 157 57.93 -14.67 28.99
CA GLY D 157 56.60 -15.06 29.47
C GLY D 157 55.51 -14.05 29.17
N SER D 158 55.82 -12.99 28.40
CA SER D 158 54.88 -11.95 28.01
C SER D 158 54.51 -12.11 26.53
N PRO D 159 53.26 -12.01 26.07
CA PRO D 159 52.95 -12.20 24.65
C PRO D 159 53.39 -11.05 23.76
N VAL D 160 53.99 -11.37 22.60
CA VAL D 160 54.39 -10.40 21.60
C VAL D 160 53.48 -10.59 20.40
N LYS D 161 52.66 -9.55 20.08
CA LYS D 161 51.70 -9.59 19.00
C LYS D 161 52.00 -8.60 17.88
N ALA D 162 53.20 -8.00 17.90
CA ALA D 162 53.58 -6.92 17.01
C ALA D 162 54.77 -7.33 16.14
N GLY D 163 54.77 -6.94 14.84
CA GLY D 163 55.90 -7.15 13.93
C GLY D 163 56.11 -8.60 13.55
N VAL D 164 55.02 -9.33 13.29
CA VAL D 164 55.05 -10.76 13.03
C VAL D 164 54.08 -11.13 11.92
N GLU D 165 54.32 -12.29 11.27
CA GLU D 165 53.45 -12.84 10.24
C GLU D 165 53.84 -14.30 10.07
N THR D 166 52.91 -15.14 9.60
CA THR D 166 53.16 -16.54 9.27
C THR D 166 52.68 -16.92 7.88
N THR D 167 53.44 -17.81 7.22
CA THR D 167 53.36 -18.10 5.80
C THR D 167 52.17 -18.99 5.46
N LYS D 168 51.20 -18.48 4.67
CA LYS D 168 49.97 -19.20 4.38
C LYS D 168 50.18 -20.46 3.52
N PRO D 169 49.55 -21.61 3.84
CA PRO D 169 49.77 -22.86 3.12
C PRO D 169 49.37 -22.83 1.64
N SER D 170 49.96 -23.71 0.83
CA SER D 170 49.63 -23.89 -0.57
C SER D 170 49.77 -25.36 -0.92
N LYS D 171 49.18 -25.79 -2.05
CA LYS D 171 49.09 -27.20 -2.45
C LYS D 171 50.41 -27.95 -2.61
N GLN D 172 51.46 -27.28 -3.11
CA GLN D 172 52.73 -27.89 -3.48
C GLN D 172 53.49 -28.59 -2.33
N SER D 173 54.01 -29.81 -2.60
CA SER D 173 54.80 -30.62 -1.66
C SER D 173 54.19 -30.75 -0.25
N ASN D 174 55.02 -30.62 0.80
CA ASN D 174 54.61 -30.60 2.19
C ASN D 174 54.40 -29.17 2.72
N ASN D 175 54.23 -28.16 1.84
CA ASN D 175 53.91 -26.79 2.25
C ASN D 175 52.49 -26.61 2.81
N LYS D 176 51.59 -27.59 2.56
CA LYS D 176 50.36 -27.74 3.31
C LYS D 176 50.55 -28.01 4.81
N TYR D 177 51.57 -28.81 5.16
CA TYR D 177 51.84 -29.28 6.51
C TYR D 177 53.11 -28.67 7.13
N ALA D 178 53.69 -27.64 6.49
CA ALA D 178 54.79 -26.87 7.04
C ALA D 178 54.49 -25.38 7.05
N ALA D 179 54.84 -24.70 8.16
CA ALA D 179 54.58 -23.29 8.36
C ALA D 179 55.82 -22.57 8.87
N SER D 180 56.05 -21.33 8.39
CA SER D 180 57.10 -20.47 8.88
C SER D 180 56.45 -19.26 9.51
N SER D 181 57.05 -18.78 10.61
CA SER D 181 56.60 -17.65 11.41
C SER D 181 57.80 -16.78 11.68
N TYR D 182 57.78 -15.52 11.19
CA TYR D 182 58.93 -14.64 11.36
C TYR D 182 58.49 -13.49 12.25
N LEU D 183 59.28 -13.22 13.31
CA LEU D 183 59.11 -12.10 14.20
C LEU D 183 60.24 -11.12 13.96
N SER D 184 59.95 -9.83 13.71
CA SER D 184 60.98 -8.84 13.47
C SER D 184 60.97 -7.76 14.53
N LEU D 185 62.15 -7.48 15.09
CA LEU D 185 62.42 -6.53 16.15
C LEU D 185 63.64 -5.70 15.79
N THR D 186 64.02 -4.75 16.67
CA THR D 186 65.28 -4.02 16.59
C THR D 186 66.22 -4.58 17.65
N PRO D 187 67.55 -4.52 17.52
CA PRO D 187 68.49 -5.04 18.51
C PRO D 187 68.32 -4.43 19.89
N GLU D 188 68.24 -3.09 20.02
CA GLU D 188 68.03 -2.48 21.31
C GLU D 188 66.52 -2.38 21.57
N GLN D 189 65.94 -3.57 21.76
CA GLN D 189 64.58 -3.87 22.09
C GLN D 189 64.53 -5.38 22.27
N TRP D 190 65.16 -6.11 21.31
CA TRP D 190 65.37 -7.54 21.39
C TRP D 190 66.30 -7.98 22.53
N LYS D 191 67.38 -7.22 22.81
CA LYS D 191 68.30 -7.49 23.91
C LYS D 191 67.69 -7.41 25.30
N SER D 192 66.62 -6.59 25.48
CA SER D 192 65.93 -6.37 26.76
C SER D 192 65.35 -7.65 27.39
N HIS D 193 64.72 -8.53 26.58
CA HIS D 193 64.18 -9.79 27.08
C HIS D 193 65.25 -10.87 27.03
N ARG D 194 65.40 -11.62 28.14
CA ARG D 194 66.30 -12.75 28.26
C ARG D 194 66.01 -13.93 27.33
N SER D 195 64.74 -14.30 27.19
CA SER D 195 64.30 -15.54 26.57
C SER D 195 63.17 -15.33 25.57
N TYR D 196 63.26 -16.03 24.42
CA TYR D 196 62.27 -15.99 23.35
C TYR D 196 61.70 -17.37 23.12
N SER D 197 60.36 -17.47 23.09
CA SER D 197 59.65 -18.73 22.94
C SER D 197 58.73 -18.68 21.75
N CYS D 198 58.57 -19.84 21.08
CA CYS D 198 57.67 -20.07 20.00
C CYS D 198 56.85 -21.28 20.41
N GLN D 199 55.60 -21.06 20.85
CA GLN D 199 54.73 -22.13 21.30
C GLN D 199 53.58 -22.32 20.34
N VAL D 200 53.23 -23.59 20.09
CA VAL D 200 52.23 -23.96 19.11
C VAL D 200 51.14 -24.80 19.76
N THR D 201 49.89 -24.63 19.31
CA THR D 201 48.75 -25.45 19.69
C THR D 201 48.18 -26.08 18.44
N HIS D 202 47.91 -27.39 18.53
CA HIS D 202 47.53 -28.24 17.42
C HIS D 202 46.60 -29.32 17.95
N GLU D 203 45.91 -30.05 17.05
CA GLU D 203 44.91 -31.05 17.43
C GLU D 203 45.45 -32.19 18.30
N GLY D 204 46.66 -32.70 17.98
CA GLY D 204 47.27 -33.84 18.66
C GLY D 204 47.67 -33.60 20.10
N SER D 205 48.29 -32.44 20.38
CA SER D 205 48.81 -32.15 21.72
C SER D 205 49.22 -30.67 21.84
N THR D 206 50.34 -30.39 22.51
CA THR D 206 50.96 -29.08 22.70
C THR D 206 52.45 -29.20 22.44
N VAL D 207 53.09 -28.16 21.86
CA VAL D 207 54.51 -28.20 21.56
C VAL D 207 55.09 -26.80 21.65
N GLU D 208 56.16 -26.66 22.48
CA GLU D 208 56.73 -25.39 22.87
C GLU D 208 58.24 -25.42 22.63
N LYS D 209 58.77 -24.43 21.88
CA LYS D 209 60.18 -24.31 21.58
C LYS D 209 60.66 -22.99 22.15
N THR D 210 61.86 -22.95 22.74
CA THR D 210 62.35 -21.72 23.37
C THR D 210 63.86 -21.69 23.37
N VAL D 211 64.47 -20.53 23.72
CA VAL D 211 65.87 -20.36 24.02
C VAL D 211 66.01 -19.86 25.46
N ALA D 212 66.64 -20.68 26.33
CA ALA D 212 66.71 -20.47 27.76
C ALA D 212 67.37 -19.15 28.22
N PRO D 213 66.94 -18.52 29.32
CA PRO D 213 67.50 -17.27 29.85
C PRO D 213 69.02 -17.19 29.98
N THR D 214 69.62 -16.02 29.70
CA THR D 214 71.05 -15.74 29.85
C THR D 214 71.53 -15.83 31.28
N GLU D 215 70.71 -15.36 32.24
CA GLU D 215 70.93 -15.50 33.66
C GLU D 215 69.90 -16.46 34.25
N CYS D 216 70.35 -17.43 35.06
CA CYS D 216 69.50 -18.46 35.66
C CYS D 216 69.45 -18.33 37.17
N SER D 217 68.25 -18.50 37.76
CA SER D 217 68.01 -18.37 39.19
C SER D 217 68.34 -19.70 39.93
N GLU E 1 -23.06 -31.51 17.19
CA GLU E 1 -22.44 -30.64 16.13
C GLU E 1 -22.89 -29.18 16.22
N VAL E 2 -22.47 -28.29 15.28
CA VAL E 2 -23.07 -26.96 15.11
C VAL E 2 -24.55 -27.03 14.76
N GLN E 3 -25.43 -26.34 15.53
CA GLN E 3 -26.85 -26.31 15.26
C GLN E 3 -27.41 -24.90 15.32
N LEU E 4 -28.16 -24.48 14.29
CA LEU E 4 -28.84 -23.19 14.20
C LEU E 4 -30.36 -23.43 14.16
N VAL E 5 -31.12 -22.78 15.06
CA VAL E 5 -32.56 -22.95 15.17
C VAL E 5 -33.27 -21.60 15.05
N GLU E 6 -34.07 -21.40 13.98
CA GLU E 6 -34.79 -20.17 13.73
C GLU E 6 -36.24 -20.26 14.20
N SER E 7 -36.77 -19.17 14.80
CA SER E 7 -38.12 -19.13 15.34
C SER E 7 -38.69 -17.74 15.09
N GLY E 8 -40.00 -17.53 15.33
CA GLY E 8 -40.68 -16.22 15.27
C GLY E 8 -41.73 -16.14 14.20
N GLY E 9 -41.75 -17.12 13.27
CA GLY E 9 -42.67 -17.20 12.14
C GLY E 9 -44.16 -17.30 12.47
N GLY E 10 -45.01 -17.03 11.46
CA GLY E 10 -46.46 -17.09 11.57
C GLY E 10 -47.15 -16.13 10.64
N LEU E 11 -48.50 -16.07 10.72
CA LEU E 11 -49.32 -15.16 9.93
C LEU E 11 -49.38 -13.77 10.57
N VAL E 12 -49.00 -12.71 9.83
CA VAL E 12 -48.91 -11.37 10.39
C VAL E 12 -49.56 -10.37 9.45
N GLN E 13 -50.21 -9.32 9.99
CA GLN E 13 -50.84 -8.28 9.18
C GLN E 13 -49.82 -7.38 8.46
N PRO E 14 -50.08 -6.86 7.25
CA PRO E 14 -49.15 -5.97 6.56
C PRO E 14 -49.03 -4.63 7.29
N GLY E 15 -47.82 -4.04 7.31
CA GLY E 15 -47.51 -2.77 7.97
C GLY E 15 -47.05 -2.91 9.41
N ARG E 16 -47.02 -4.15 9.94
CA ARG E 16 -46.64 -4.42 11.32
C ARG E 16 -45.16 -4.75 11.43
N SER E 17 -44.63 -4.76 12.67
CA SER E 17 -43.25 -5.13 12.98
C SER E 17 -43.14 -6.49 13.64
N LEU E 18 -42.10 -7.27 13.31
CA LEU E 18 -41.97 -8.65 13.70
C LEU E 18 -40.51 -9.03 13.87
N ARG E 19 -40.17 -9.82 14.91
CA ARG E 19 -38.81 -10.25 15.18
C ARG E 19 -38.61 -11.75 15.02
N LEU E 20 -37.69 -12.15 14.13
CA LEU E 20 -37.28 -13.52 13.97
C LEU E 20 -36.01 -13.76 14.79
N SER E 21 -35.94 -14.85 15.56
CA SER E 21 -34.75 -15.20 16.33
C SER E 21 -34.03 -16.38 15.70
N CYS E 22 -32.69 -16.44 15.85
CA CYS E 22 -31.88 -17.56 15.43
C CYS E 22 -30.97 -17.88 16.60
N SER E 23 -31.15 -19.05 17.23
CA SER E 23 -30.38 -19.45 18.40
C SER E 23 -29.33 -20.46 17.98
N ALA E 24 -28.05 -20.09 18.11
CA ALA E 24 -26.93 -20.90 17.70
C ALA E 24 -26.43 -21.80 18.83
N SER E 25 -25.64 -22.83 18.47
CA SER E 25 -25.04 -23.73 19.45
C SER E 25 -23.94 -24.51 18.76
N GLY E 26 -22.83 -24.76 19.49
CA GLY E 26 -21.70 -25.57 19.03
C GLY E 26 -20.47 -24.77 18.67
N PHE E 27 -20.45 -23.46 18.97
CA PHE E 27 -19.29 -22.61 18.73
C PHE E 27 -19.33 -21.37 19.62
N THR E 28 -18.19 -20.65 19.74
CA THR E 28 -18.05 -19.48 20.61
C THR E 28 -18.56 -18.23 19.91
N PHE E 29 -19.89 -18.03 19.94
CA PHE E 29 -20.70 -17.18 19.08
C PHE E 29 -20.19 -15.78 18.75
N GLY E 30 -19.65 -15.03 19.76
CA GLY E 30 -19.31 -13.62 19.61
C GLY E 30 -18.21 -13.30 18.63
N ASP E 31 -17.37 -14.31 18.30
CA ASP E 31 -16.29 -14.18 17.35
C ASP E 31 -16.66 -14.66 15.94
N TYR E 32 -17.93 -15.02 15.67
CA TYR E 32 -18.34 -15.59 14.39
C TYR E 32 -19.37 -14.76 13.65
N ALA E 33 -19.20 -14.60 12.32
CA ALA E 33 -20.20 -14.07 11.41
C ALA E 33 -21.48 -14.91 11.31
N MET E 34 -22.63 -14.24 11.14
CA MET E 34 -23.94 -14.84 10.97
C MET E 34 -24.64 -14.17 9.80
N SER E 35 -25.27 -14.94 8.90
CA SER E 35 -25.87 -14.40 7.69
C SER E 35 -27.30 -14.87 7.54
N TRP E 36 -28.19 -13.98 7.06
CA TRP E 36 -29.59 -14.26 6.79
C TRP E 36 -29.89 -14.38 5.30
N PHE E 37 -30.58 -15.46 4.93
CA PHE E 37 -31.02 -15.75 3.58
C PHE E 37 -32.53 -15.94 3.58
N ARG E 38 -33.19 -15.79 2.42
CA ARG E 38 -34.63 -15.96 2.30
C ARG E 38 -34.95 -16.81 1.08
N LEU E 39 -35.86 -17.79 1.25
CA LEU E 39 -36.34 -18.65 0.20
C LEU E 39 -37.83 -18.32 0.00
N ALA E 40 -38.17 -17.76 -1.17
CA ALA E 40 -39.53 -17.39 -1.49
C ALA E 40 -40.30 -18.55 -2.14
N PRO E 41 -41.57 -18.85 -1.82
CA PRO E 41 -42.27 -20.04 -2.32
C PRO E 41 -42.28 -20.23 -3.84
N GLY E 42 -41.65 -21.33 -4.31
CA GLY E 42 -41.52 -21.67 -5.73
C GLY E 42 -40.55 -20.81 -6.51
N LYS E 43 -39.64 -20.12 -5.81
CA LYS E 43 -38.52 -19.39 -6.37
C LYS E 43 -37.24 -19.71 -5.60
N GLY E 44 -36.08 -19.22 -6.12
CA GLY E 44 -34.75 -19.44 -5.55
C GLY E 44 -34.45 -18.87 -4.17
N LEU E 45 -33.17 -18.94 -3.78
CA LEU E 45 -32.62 -18.29 -2.61
C LEU E 45 -32.09 -16.89 -2.88
N GLU E 46 -32.19 -16.01 -1.87
CA GLU E 46 -31.71 -14.64 -1.90
C GLU E 46 -31.00 -14.33 -0.60
N TRP E 47 -29.91 -13.53 -0.65
CA TRP E 47 -29.29 -12.97 0.53
C TRP E 47 -30.06 -11.76 1.09
N VAL E 48 -30.26 -11.73 2.42
CA VAL E 48 -30.96 -10.64 3.08
C VAL E 48 -29.95 -9.71 3.71
N GLY E 49 -29.09 -10.23 4.58
CA GLY E 49 -28.08 -9.42 5.24
C GLY E 49 -27.08 -10.28 5.95
N LEU E 50 -26.05 -9.66 6.51
CA LEU E 50 -24.89 -10.30 7.07
C LEU E 50 -24.45 -9.50 8.26
N ILE E 51 -24.11 -10.14 9.38
CA ILE E 51 -23.44 -9.45 10.46
C ILE E 51 -22.16 -10.21 10.74
N LYS E 52 -21.04 -9.46 10.78
CA LYS E 52 -19.70 -10.00 10.78
C LYS E 52 -19.19 -10.40 12.15
N SER E 53 -18.02 -11.08 12.18
CA SER E 53 -17.23 -11.27 13.38
C SER E 53 -16.79 -9.93 13.97
N ARG E 54 -16.91 -9.75 15.31
CA ARG E 54 -16.50 -8.51 15.96
C ARG E 54 -14.99 -8.35 16.05
N ALA E 55 -14.25 -9.48 15.95
CA ALA E 55 -12.81 -9.47 15.74
C ALA E 55 -12.42 -8.84 14.40
N ILE E 56 -13.18 -9.14 13.34
CA ILE E 56 -12.90 -8.68 11.99
C ILE E 56 -13.44 -7.28 11.69
N ASP E 57 -14.73 -7.01 11.98
CA ASP E 57 -15.17 -5.67 12.35
C ASP E 57 -16.42 -5.72 13.23
N GLY E 58 -17.54 -6.24 12.65
CA GLY E 58 -18.80 -6.49 13.34
C GLY E 58 -19.94 -5.69 12.78
N THR E 59 -19.67 -4.66 11.95
CA THR E 59 -20.68 -3.81 11.32
C THR E 59 -21.64 -4.57 10.41
N PRO E 60 -22.98 -4.50 10.55
CA PRO E 60 -23.88 -5.29 9.72
C PRO E 60 -24.01 -4.74 8.31
N GLN E 61 -24.12 -5.64 7.32
CA GLN E 61 -24.38 -5.34 5.93
C GLN E 61 -25.76 -5.84 5.53
N TYR E 62 -26.51 -5.06 4.72
CA TYR E 62 -27.84 -5.42 4.29
C TYR E 62 -27.92 -5.36 2.77
N ALA E 63 -29.06 -5.82 2.21
CA ALA E 63 -29.35 -5.74 0.80
C ALA E 63 -30.17 -4.48 0.53
N ALA E 64 -29.95 -3.84 -0.65
CA ALA E 64 -30.64 -2.66 -1.16
C ALA E 64 -32.14 -2.56 -0.83
N SER E 65 -32.91 -3.59 -1.21
CA SER E 65 -34.35 -3.72 -1.02
C SER E 65 -34.81 -3.50 0.42
N VAL E 66 -34.17 -4.18 1.38
CA VAL E 66 -34.62 -4.21 2.77
C VAL E 66 -33.89 -3.16 3.60
N LYS E 67 -33.14 -2.24 2.97
CA LYS E 67 -32.31 -1.29 3.68
C LYS E 67 -33.13 -0.17 4.31
N GLY E 68 -33.05 -0.04 5.65
CA GLY E 68 -33.75 1.00 6.40
C GLY E 68 -35.06 0.53 6.99
N ARG E 69 -35.39 -0.76 6.85
CA ARG E 69 -36.56 -1.33 7.49
C ARG E 69 -36.33 -2.73 8.07
N PHE E 70 -35.27 -3.44 7.64
CA PHE E 70 -34.80 -4.61 8.37
C PHE E 70 -33.59 -4.24 9.23
N THR E 71 -33.38 -4.93 10.35
CA THR E 71 -32.28 -4.69 11.27
C THR E 71 -31.80 -5.99 11.90
N ILE E 72 -30.51 -6.32 11.81
CA ILE E 72 -29.96 -7.55 12.33
C ILE E 72 -29.26 -7.19 13.63
N SER E 73 -29.39 -8.04 14.67
CA SER E 73 -28.91 -7.70 15.99
C SER E 73 -28.46 -8.97 16.68
N ARG E 74 -27.64 -8.84 17.73
CA ARG E 74 -26.99 -9.94 18.41
C ARG E 74 -27.10 -9.82 19.92
N ASP E 75 -27.04 -10.98 20.60
CA ASP E 75 -26.82 -11.04 22.03
C ASP E 75 -25.77 -12.13 22.20
N ASP E 76 -24.48 -11.70 22.22
CA ASP E 76 -23.33 -12.58 22.25
C ASP E 76 -23.24 -13.33 23.57
N SER E 77 -23.80 -12.74 24.65
CA SER E 77 -23.91 -13.33 25.98
C SER E 77 -24.80 -14.57 26.04
N ASN E 78 -25.77 -14.72 25.11
CA ASN E 78 -26.68 -15.86 25.08
C ASN E 78 -26.68 -16.59 23.73
N SER E 79 -25.71 -16.31 22.85
CA SER E 79 -25.49 -17.02 21.57
C SER E 79 -26.69 -16.98 20.63
N ILE E 80 -27.26 -15.79 20.42
CA ILE E 80 -28.54 -15.64 19.75
C ILE E 80 -28.56 -14.39 18.89
N ALA E 81 -28.90 -14.57 17.59
CA ALA E 81 -29.03 -13.50 16.62
C ALA E 81 -30.50 -13.25 16.34
N TYR E 82 -30.82 -12.03 15.90
CA TYR E 82 -32.17 -11.60 15.64
C TYR E 82 -32.23 -10.95 14.28
N LEU E 83 -33.37 -11.07 13.60
CA LEU E 83 -33.69 -10.27 12.45
C LEU E 83 -35.00 -9.59 12.78
N GLN E 84 -34.97 -8.25 12.86
CA GLN E 84 -36.12 -7.43 13.13
C GLN E 84 -36.63 -6.92 11.80
N MET E 85 -37.92 -7.10 11.50
CA MET E 85 -38.52 -6.64 10.28
C MET E 85 -39.57 -5.61 10.62
N ASN E 86 -39.50 -4.42 9.99
CA ASN E 86 -40.41 -3.33 10.28
C ASN E 86 -41.16 -2.99 9.01
N SER E 87 -42.47 -2.67 9.14
CA SER E 87 -43.36 -2.35 8.02
C SER E 87 -43.44 -3.42 6.95
N LEU E 88 -43.79 -4.67 7.33
CA LEU E 88 -43.91 -5.79 6.43
C LEU E 88 -44.92 -5.60 5.30
N THR E 89 -44.52 -5.97 4.07
CA THR E 89 -45.36 -5.98 2.89
C THR E 89 -45.77 -7.40 2.60
N THR E 90 -46.84 -7.63 1.81
CA THR E 90 -47.26 -9.00 1.49
C THR E 90 -46.27 -9.74 0.61
N GLU E 91 -45.48 -8.98 -0.17
CA GLU E 91 -44.29 -9.38 -0.89
C GLU E 91 -43.06 -9.76 -0.06
N ASP E 92 -43.13 -9.67 1.29
CA ASP E 92 -42.05 -10.08 2.17
C ASP E 92 -42.29 -11.50 2.70
N THR E 93 -43.41 -12.13 2.27
CA THR E 93 -43.76 -13.52 2.54
C THR E 93 -42.71 -14.51 2.03
N ALA E 94 -42.06 -15.27 2.94
CA ALA E 94 -41.01 -16.20 2.58
C ALA E 94 -40.59 -17.05 3.77
N ILE E 95 -39.78 -18.10 3.52
CA ILE E 95 -39.05 -18.80 4.57
C ILE E 95 -37.68 -18.16 4.73
N TYR E 96 -37.32 -17.77 5.96
CA TYR E 96 -36.09 -17.08 6.26
C TYR E 96 -35.16 -18.06 6.96
N TYR E 97 -33.92 -18.20 6.44
CA TYR E 97 -32.93 -19.14 6.93
C TYR E 97 -31.75 -18.40 7.55
N CYS E 98 -31.18 -18.99 8.59
CA CYS E 98 -29.98 -18.54 9.27
C CYS E 98 -28.80 -19.41 8.83
N ALA E 99 -27.60 -18.81 8.66
CA ALA E 99 -26.44 -19.52 8.17
C ALA E 99 -25.14 -19.02 8.83
N ARG E 100 -24.19 -19.96 9.03
CA ARG E 100 -22.88 -19.76 9.62
C ARG E 100 -21.81 -19.72 8.53
N ASP E 101 -20.82 -18.80 8.59
CA ASP E 101 -19.65 -18.90 7.70
C ASP E 101 -18.96 -20.28 7.82
N PHE E 102 -18.52 -20.86 6.69
CA PHE E 102 -17.86 -22.14 6.62
C PHE E 102 -16.49 -22.21 7.30
N TYR E 103 -15.66 -21.17 7.07
CA TYR E 103 -14.29 -21.10 7.56
C TYR E 103 -14.18 -20.55 8.98
N ASP E 104 -13.06 -20.85 9.67
CA ASP E 104 -12.70 -20.25 10.94
C ASP E 104 -12.48 -18.73 10.83
N PHE E 105 -12.79 -17.97 11.90
CA PHE E 105 -12.99 -16.53 11.80
C PHE E 105 -11.69 -15.74 11.53
N TRP E 106 -10.52 -16.29 11.89
CA TRP E 106 -9.23 -15.66 11.61
C TRP E 106 -8.80 -15.82 10.15
N ASN E 107 -9.38 -16.80 9.43
CA ASN E 107 -8.82 -17.38 8.23
C ASN E 107 -8.94 -16.43 7.02
N GLU E 108 -7.96 -16.51 6.10
CA GLU E 108 -7.92 -15.78 4.85
C GLU E 108 -9.19 -15.91 3.98
N PHE E 109 -9.82 -17.09 3.94
CA PHE E 109 -10.98 -17.34 3.10
C PHE E 109 -12.30 -17.09 3.82
N SER E 110 -12.27 -16.53 5.05
CA SER E 110 -13.46 -16.07 5.76
C SER E 110 -14.34 -15.06 5.00
N HIS E 111 -15.66 -15.16 5.21
CA HIS E 111 -16.69 -14.32 4.62
C HIS E 111 -16.85 -14.54 3.10
N ARG E 112 -16.90 -15.81 2.67
CA ARG E 112 -17.02 -16.20 1.27
C ARG E 112 -17.88 -17.44 1.01
N THR E 113 -18.16 -18.28 2.02
CA THR E 113 -18.88 -19.53 1.83
C THR E 113 -19.65 -19.78 3.10
N PHE E 114 -20.93 -20.17 3.03
CA PHE E 114 -21.75 -20.36 4.22
C PHE E 114 -22.31 -21.77 4.29
N ASP E 115 -22.40 -22.32 5.51
CA ASP E 115 -22.79 -23.68 5.76
C ASP E 115 -23.55 -23.71 7.08
N PHE E 116 -23.95 -24.91 7.54
CA PHE E 116 -24.62 -25.17 8.80
C PHE E 116 -25.97 -24.45 8.89
N TRP E 117 -26.69 -24.45 7.76
CA TRP E 117 -28.00 -23.86 7.61
C TRP E 117 -29.02 -24.46 8.56
N GLY E 118 -29.88 -23.62 9.17
CA GLY E 118 -30.98 -24.08 10.00
C GLY E 118 -32.14 -24.67 9.21
N GLN E 119 -33.25 -24.98 9.89
CA GLN E 119 -34.47 -25.44 9.25
C GLN E 119 -35.25 -24.33 8.55
N GLY E 120 -34.98 -23.06 8.92
CA GLY E 120 -35.72 -21.88 8.49
C GLY E 120 -37.09 -21.74 9.11
N THR E 121 -37.64 -20.51 9.11
CA THR E 121 -38.93 -20.22 9.71
C THR E 121 -39.80 -19.47 8.72
N LEU E 122 -41.07 -19.90 8.57
CA LEU E 122 -41.98 -19.33 7.59
C LEU E 122 -42.61 -18.04 8.07
N VAL E 123 -42.59 -16.99 7.24
CA VAL E 123 -43.24 -15.73 7.51
C VAL E 123 -44.29 -15.51 6.43
N THR E 124 -45.58 -15.47 6.82
CA THR E 124 -46.68 -15.22 5.91
C THR E 124 -47.31 -13.91 6.28
N VAL E 125 -47.54 -13.03 5.29
CA VAL E 125 -48.07 -11.69 5.55
C VAL E 125 -49.43 -11.60 4.87
N SER E 126 -50.47 -11.31 5.67
CA SER E 126 -51.88 -11.54 5.35
C SER E 126 -52.42 -10.91 4.06
N SER E 127 -53.23 -11.69 3.31
CA SER E 127 -53.97 -11.24 2.13
C SER E 127 -55.40 -10.82 2.48
N ALA E 128 -55.72 -10.76 3.79
CA ALA E 128 -56.98 -10.29 4.38
C ALA E 128 -58.12 -11.30 4.31
N SER E 129 -58.71 -11.62 5.48
CA SER E 129 -59.83 -12.55 5.62
C SER E 129 -61.08 -12.13 4.84
N THR E 130 -61.83 -13.12 4.32
CA THR E 130 -63.04 -12.90 3.54
C THR E 130 -63.93 -14.14 3.67
N LYS E 131 -65.15 -14.09 3.11
CA LYS E 131 -66.17 -15.14 3.15
C LYS E 131 -65.73 -16.54 2.70
N GLY E 132 -66.47 -17.58 3.13
CA GLY E 132 -66.22 -19.00 2.83
C GLY E 132 -66.04 -19.40 1.36
N PRO E 133 -65.49 -20.59 1.12
CA PRO E 133 -65.19 -21.12 -0.22
C PRO E 133 -66.31 -21.07 -1.23
N SER E 134 -66.01 -20.70 -2.50
CA SER E 134 -66.94 -20.80 -3.61
C SER E 134 -66.56 -21.99 -4.46
N VAL E 135 -67.50 -22.95 -4.65
CA VAL E 135 -67.27 -24.18 -5.38
C VAL E 135 -67.88 -24.11 -6.77
N PHE E 136 -67.11 -24.51 -7.82
CA PHE E 136 -67.53 -24.47 -9.20
C PHE E 136 -67.35 -25.85 -9.85
N PRO E 137 -68.28 -26.38 -10.62
CA PRO E 137 -68.14 -27.67 -11.28
C PRO E 137 -67.28 -27.62 -12.55
N LEU E 138 -66.53 -28.70 -12.82
CA LEU E 138 -65.73 -28.85 -14.02
C LEU E 138 -66.16 -30.17 -14.64
N ALA E 139 -67.08 -30.12 -15.61
CA ALA E 139 -67.67 -31.31 -16.21
C ALA E 139 -68.04 -31.03 -17.66
N PRO E 140 -68.25 -32.04 -18.53
CA PRO E 140 -68.54 -31.88 -19.95
C PRO E 140 -69.59 -30.84 -20.33
N SER E 141 -69.37 -30.11 -21.45
CA SER E 141 -70.22 -29.00 -21.88
C SER E 141 -71.26 -29.41 -22.90
N SER E 142 -71.33 -30.72 -23.21
CA SER E 142 -72.27 -31.29 -24.17
C SER E 142 -72.43 -32.77 -23.91
N LYS E 143 -73.60 -33.33 -24.30
CA LYS E 143 -73.94 -34.72 -24.05
C LYS E 143 -73.00 -35.75 -24.67
N SER E 144 -72.61 -36.78 -23.87
CA SER E 144 -71.85 -37.97 -24.27
C SER E 144 -70.70 -37.79 -25.24
N THR E 145 -69.73 -36.91 -24.90
CA THR E 145 -68.57 -36.63 -25.76
C THR E 145 -67.38 -37.47 -25.34
N SER E 146 -67.57 -38.31 -24.32
CA SER E 146 -66.55 -39.10 -23.64
C SER E 146 -66.28 -40.44 -24.32
N GLY E 147 -65.06 -40.98 -24.13
CA GLY E 147 -64.63 -42.29 -24.64
C GLY E 147 -65.08 -43.46 -23.80
N GLY E 148 -64.12 -44.27 -23.33
CA GLY E 148 -64.36 -45.35 -22.36
C GLY E 148 -64.57 -44.89 -20.93
N THR E 149 -64.15 -43.67 -20.60
CA THR E 149 -64.17 -43.11 -19.24
C THR E 149 -64.49 -41.63 -19.31
N ALA E 150 -65.01 -41.07 -18.21
CA ALA E 150 -65.37 -39.67 -18.10
C ALA E 150 -64.76 -39.10 -16.82
N ALA E 151 -64.31 -37.83 -16.88
CA ALA E 151 -63.69 -37.17 -15.75
C ALA E 151 -64.49 -35.96 -15.31
N LEU E 152 -64.77 -35.88 -14.01
CA LEU E 152 -65.51 -34.80 -13.39
C LEU E 152 -64.56 -34.04 -12.47
N GLY E 153 -64.93 -32.83 -12.02
CA GLY E 153 -64.07 -32.05 -11.16
C GLY E 153 -64.81 -31.03 -10.33
N CYS E 154 -64.20 -30.63 -9.21
CA CYS E 154 -64.63 -29.49 -8.41
C CYS E 154 -63.48 -28.52 -8.29
N LEU E 155 -63.78 -27.23 -8.53
CA LEU E 155 -62.85 -26.12 -8.47
C LEU E 155 -63.31 -25.25 -7.32
N VAL E 156 -62.43 -25.01 -6.34
CA VAL E 156 -62.74 -24.20 -5.19
C VAL E 156 -61.84 -22.97 -5.14
N LYS E 157 -62.48 -21.80 -5.09
CA LYS E 157 -61.87 -20.49 -5.16
C LYS E 157 -62.45 -19.57 -4.11
N ASP E 158 -61.84 -18.37 -3.96
CA ASP E 158 -62.26 -17.31 -3.07
C ASP E 158 -62.25 -17.65 -1.58
N TYR E 159 -61.18 -18.31 -1.08
CA TYR E 159 -61.03 -18.64 0.32
C TYR E 159 -59.72 -18.03 0.84
N PHE E 160 -59.65 -17.79 2.17
CA PHE E 160 -58.49 -17.34 2.91
C PHE E 160 -59.01 -17.11 4.34
N PRO E 161 -58.33 -17.44 5.44
CA PRO E 161 -57.11 -18.26 5.53
C PRO E 161 -57.18 -19.63 4.87
N GLU E 162 -56.02 -20.29 4.71
CA GLU E 162 -55.91 -21.66 4.22
C GLU E 162 -56.05 -22.67 5.38
N PRO E 163 -56.22 -23.98 5.17
CA PRO E 163 -56.50 -24.64 3.90
C PRO E 163 -58.00 -24.87 3.72
N VAL E 164 -58.35 -25.86 2.87
CA VAL E 164 -59.69 -26.38 2.69
C VAL E 164 -59.61 -27.91 2.70
N THR E 165 -60.72 -28.58 3.03
CA THR E 165 -60.86 -30.04 3.04
C THR E 165 -61.83 -30.44 1.95
N VAL E 166 -61.42 -31.36 1.07
CA VAL E 166 -62.22 -31.86 -0.05
C VAL E 166 -62.53 -33.34 0.12
N SER E 167 -63.81 -33.71 -0.09
CA SER E 167 -64.35 -35.06 0.01
C SER E 167 -65.25 -35.33 -1.17
N TRP E 168 -65.21 -36.55 -1.73
CA TRP E 168 -66.08 -36.97 -2.82
C TRP E 168 -67.00 -38.12 -2.41
N ASN E 169 -68.30 -37.99 -2.73
CA ASN E 169 -69.39 -38.86 -2.29
C ASN E 169 -69.37 -39.24 -0.80
N SER E 170 -69.18 -38.26 0.10
CA SER E 170 -69.15 -38.44 1.56
C SER E 170 -68.07 -39.42 2.05
N GLY E 171 -66.88 -39.37 1.42
CA GLY E 171 -65.71 -40.15 1.79
C GLY E 171 -65.61 -41.51 1.13
N ALA E 172 -66.54 -41.82 0.20
CA ALA E 172 -66.56 -43.08 -0.53
C ALA E 172 -65.34 -43.30 -1.43
N LEU E 173 -64.88 -42.24 -2.12
CA LEU E 173 -63.83 -42.34 -3.11
C LEU E 173 -62.46 -42.09 -2.46
N THR E 174 -61.67 -43.16 -2.28
CA THR E 174 -60.24 -43.09 -1.95
C THR E 174 -59.37 -43.53 -3.11
N SER E 175 -59.98 -43.75 -4.30
CA SER E 175 -59.28 -44.20 -5.50
C SER E 175 -59.96 -43.61 -6.72
N GLY E 176 -59.17 -43.26 -7.76
CA GLY E 176 -59.66 -42.64 -9.00
C GLY E 176 -59.87 -41.15 -8.89
N VAL E 177 -59.42 -40.57 -7.77
CA VAL E 177 -59.50 -39.15 -7.46
C VAL E 177 -58.11 -38.53 -7.53
N HIS E 178 -58.01 -37.25 -7.97
CA HIS E 178 -56.77 -36.49 -7.88
C HIS E 178 -57.08 -35.13 -7.30
N THR E 179 -56.51 -34.77 -6.13
CA THR E 179 -56.66 -33.43 -5.54
C THR E 179 -55.36 -32.68 -5.67
N PHE E 180 -55.34 -31.55 -6.39
CA PHE E 180 -54.11 -30.80 -6.61
C PHE E 180 -53.71 -29.89 -5.44
N PRO E 181 -52.42 -29.62 -5.21
CA PRO E 181 -51.99 -28.69 -4.17
C PRO E 181 -52.42 -27.26 -4.48
N ALA E 182 -52.80 -26.49 -3.44
CA ALA E 182 -53.30 -25.13 -3.57
C ALA E 182 -52.36 -24.18 -4.29
N VAL E 183 -52.92 -23.29 -5.12
CA VAL E 183 -52.17 -22.32 -5.89
C VAL E 183 -52.78 -20.94 -5.66
N LEU E 184 -52.00 -19.87 -5.94
CA LEU E 184 -52.43 -18.50 -5.76
C LEU E 184 -52.51 -17.81 -7.11
N GLN E 185 -53.74 -17.40 -7.51
CA GLN E 185 -54.00 -16.72 -8.76
C GLN E 185 -54.15 -15.22 -8.53
N SER E 186 -54.06 -14.42 -9.62
CA SER E 186 -54.03 -12.96 -9.56
C SER E 186 -55.22 -12.30 -8.87
N SER E 187 -54.93 -11.25 -8.07
CA SER E 187 -55.89 -10.45 -7.29
C SER E 187 -56.14 -11.07 -5.92
N GLY E 188 -55.18 -11.89 -5.43
CA GLY E 188 -55.25 -12.54 -4.11
C GLY E 188 -56.24 -13.68 -4.01
N LEU E 189 -56.46 -14.40 -5.12
CA LEU E 189 -57.37 -15.52 -5.17
C LEU E 189 -56.69 -16.87 -4.96
N TYR E 190 -56.78 -17.43 -3.75
CA TYR E 190 -56.34 -18.77 -3.46
C TYR E 190 -57.28 -19.82 -4.06
N SER E 191 -56.70 -20.86 -4.68
CA SER E 191 -57.40 -21.68 -5.65
C SER E 191 -56.91 -23.11 -5.56
N LEU E 192 -57.84 -24.07 -5.45
CA LEU E 192 -57.52 -25.48 -5.36
C LEU E 192 -58.49 -26.22 -6.26
N SER E 193 -58.19 -27.47 -6.66
CA SER E 193 -59.10 -28.22 -7.51
C SER E 193 -58.87 -29.70 -7.37
N SER E 194 -59.92 -30.48 -7.65
CA SER E 194 -59.86 -31.92 -7.51
C SER E 194 -60.66 -32.52 -8.65
N VAL E 195 -60.18 -33.63 -9.20
CA VAL E 195 -60.77 -34.39 -10.29
C VAL E 195 -61.12 -35.79 -9.83
N VAL E 196 -62.17 -36.39 -10.41
CA VAL E 196 -62.62 -37.75 -10.20
C VAL E 196 -62.90 -38.40 -11.53
N THR E 197 -62.37 -39.61 -11.77
CA THR E 197 -62.57 -40.32 -13.03
C THR E 197 -63.47 -41.51 -12.77
N VAL E 198 -64.49 -41.66 -13.62
CA VAL E 198 -65.56 -42.65 -13.54
C VAL E 198 -65.80 -43.26 -14.92
N PRO E 199 -66.55 -44.35 -15.08
CA PRO E 199 -66.81 -44.91 -16.40
C PRO E 199 -67.79 -44.04 -17.18
N SER E 200 -67.73 -44.06 -18.53
CA SER E 200 -68.55 -43.21 -19.40
C SER E 200 -70.02 -43.59 -19.37
N SER E 201 -70.30 -44.89 -19.12
CA SER E 201 -71.63 -45.45 -18.98
C SER E 201 -72.43 -44.86 -17.82
N SER E 202 -71.75 -44.60 -16.68
CA SER E 202 -72.35 -44.04 -15.47
C SER E 202 -72.90 -42.64 -15.62
N LEU E 203 -72.20 -41.77 -16.40
CA LEU E 203 -72.46 -40.34 -16.49
C LEU E 203 -73.90 -39.94 -16.82
N GLY E 204 -74.50 -39.06 -15.98
CA GLY E 204 -75.91 -38.66 -16.05
C GLY E 204 -76.85 -39.57 -15.31
N THR E 205 -76.48 -40.85 -15.09
CA THR E 205 -77.38 -41.88 -14.55
C THR E 205 -77.04 -42.21 -13.11
N GLN E 206 -75.93 -41.64 -12.60
CA GLN E 206 -75.42 -41.88 -11.27
C GLN E 206 -75.04 -40.56 -10.63
N THR E 207 -75.46 -40.33 -9.37
CA THR E 207 -75.25 -39.06 -8.67
C THR E 207 -73.84 -38.98 -8.14
N TYR E 208 -73.08 -37.93 -8.51
CA TYR E 208 -71.75 -37.70 -8.01
C TYR E 208 -71.72 -36.34 -7.36
N ILE E 209 -71.15 -36.23 -6.15
CA ILE E 209 -71.09 -34.98 -5.41
C ILE E 209 -69.67 -34.70 -4.96
N CYS E 210 -69.33 -33.40 -4.84
CA CYS E 210 -68.10 -32.95 -4.23
C CYS E 210 -68.49 -32.19 -2.98
N ASN E 211 -67.81 -32.45 -1.86
CA ASN E 211 -68.07 -31.86 -0.56
C ASN E 211 -66.83 -31.06 -0.20
N VAL E 212 -66.99 -29.78 0.18
CA VAL E 212 -65.87 -28.93 0.53
C VAL E 212 -66.14 -28.36 1.91
N ASN E 213 -65.14 -28.36 2.80
CA ASN E 213 -65.29 -27.81 4.12
C ASN E 213 -64.14 -26.85 4.39
N HIS E 214 -64.42 -25.76 5.13
CA HIS E 214 -63.42 -24.81 5.53
C HIS E 214 -63.76 -24.45 6.96
N LYS E 215 -62.92 -24.87 7.94
CA LYS E 215 -63.28 -24.76 9.35
C LYS E 215 -63.59 -23.36 9.92
N PRO E 216 -62.99 -22.22 9.52
CA PRO E 216 -63.40 -20.91 10.02
C PRO E 216 -64.70 -20.41 9.38
N SER E 217 -65.40 -21.23 8.56
CA SER E 217 -66.64 -20.86 7.91
C SER E 217 -67.56 -22.08 7.78
N ASN E 218 -68.39 -22.14 6.73
CA ASN E 218 -69.38 -23.18 6.48
C ASN E 218 -68.98 -24.12 5.36
N THR E 219 -69.56 -25.34 5.35
CA THR E 219 -69.27 -26.40 4.40
C THR E 219 -70.22 -26.30 3.21
N LYS E 220 -69.79 -26.78 2.03
CA LYS E 220 -70.52 -26.70 0.78
C LYS E 220 -70.58 -28.08 0.15
N VAL E 221 -71.68 -28.36 -0.56
CA VAL E 221 -71.93 -29.63 -1.24
C VAL E 221 -72.39 -29.31 -2.65
N ASP E 222 -71.67 -29.79 -3.67
CA ASP E 222 -71.93 -29.46 -5.05
C ASP E 222 -72.18 -30.75 -5.83
N LYS E 223 -73.27 -30.75 -6.62
CA LYS E 223 -73.73 -31.89 -7.40
C LYS E 223 -73.31 -31.81 -8.86
N ARG E 224 -72.93 -32.96 -9.46
CA ARG E 224 -72.72 -33.03 -10.89
C ARG E 224 -74.01 -33.39 -11.59
N VAL E 225 -74.64 -32.40 -12.24
CA VAL E 225 -75.87 -32.56 -12.97
C VAL E 225 -75.62 -32.93 -14.43
N GLU E 226 -76.62 -33.55 -15.07
CA GLU E 226 -76.65 -33.88 -16.50
C GLU E 226 -76.05 -32.86 -17.47
N PRO E 227 -75.25 -33.23 -18.49
CA PRO E 227 -74.72 -32.26 -19.44
C PRO E 227 -75.79 -31.72 -20.38
N LYS E 228 -76.82 -32.52 -20.69
CA LYS E 228 -77.91 -32.15 -21.58
C LYS E 228 -79.03 -31.31 -20.88
N GLN F 1 -31.19 -7.53 -10.06
CA GLN F 1 -29.74 -7.94 -10.00
C GLN F 1 -29.45 -9.23 -10.77
N SER F 2 -28.16 -9.65 -10.87
CA SER F 2 -27.77 -10.88 -11.56
C SER F 2 -28.31 -12.14 -10.89
N ALA F 3 -28.88 -13.08 -11.69
CA ALA F 3 -29.20 -14.40 -11.24
C ALA F 3 -28.56 -15.41 -12.18
N LEU F 4 -27.80 -16.38 -11.62
CA LEU F 4 -27.03 -17.33 -12.41
C LEU F 4 -27.91 -18.29 -13.20
N THR F 5 -27.56 -18.56 -14.48
CA THR F 5 -28.45 -19.28 -15.37
C THR F 5 -28.19 -20.77 -15.32
N GLN F 6 -29.17 -21.52 -14.82
CA GLN F 6 -29.10 -22.96 -14.61
C GLN F 6 -30.28 -23.60 -15.33
N PRO F 7 -30.15 -24.76 -15.99
CA PRO F 7 -31.29 -25.42 -16.62
C PRO F 7 -32.25 -25.92 -15.53
N ALA F 8 -33.57 -25.87 -15.75
CA ALA F 8 -34.52 -26.05 -14.66
C ALA F 8 -34.57 -27.49 -14.14
N SER F 9 -34.20 -28.45 -15.01
CA SER F 9 -34.36 -29.87 -14.72
C SER F 9 -33.32 -30.66 -15.49
N ALA F 10 -32.89 -31.79 -14.90
CA ALA F 10 -31.94 -32.71 -15.48
C ALA F 10 -32.24 -34.11 -14.98
N SER F 11 -31.83 -35.15 -15.72
CA SER F 11 -32.17 -36.51 -15.32
C SER F 11 -31.16 -37.51 -15.84
N GLY F 12 -31.17 -38.72 -15.23
CA GLY F 12 -30.26 -39.79 -15.57
C GLY F 12 -30.77 -41.04 -14.93
N SER F 13 -30.13 -42.19 -15.18
CA SER F 13 -30.53 -43.48 -14.63
C SER F 13 -29.48 -43.99 -13.64
N PRO F 14 -29.80 -44.80 -12.63
CA PRO F 14 -28.85 -45.34 -11.67
C PRO F 14 -27.54 -45.90 -12.23
N GLY F 15 -26.39 -45.54 -11.61
CA GLY F 15 -25.07 -46.00 -12.00
C GLY F 15 -24.44 -45.22 -13.15
N GLN F 16 -25.21 -44.33 -13.79
CA GLN F 16 -24.74 -43.43 -14.82
C GLN F 16 -24.20 -42.14 -14.19
N SER F 17 -23.72 -41.20 -15.03
CA SER F 17 -23.19 -39.92 -14.59
C SER F 17 -23.99 -38.82 -15.27
N VAL F 18 -24.00 -37.61 -14.70
CA VAL F 18 -24.76 -36.49 -15.23
C VAL F 18 -24.03 -35.21 -14.85
N THR F 19 -24.09 -34.17 -15.71
CA THR F 19 -23.38 -32.92 -15.51
C THR F 19 -24.33 -31.77 -15.70
N ILE F 20 -24.29 -30.82 -14.75
CA ILE F 20 -25.16 -29.68 -14.63
C ILE F 20 -24.32 -28.43 -14.83
N THR F 21 -24.86 -27.43 -15.57
CA THR F 21 -24.21 -26.18 -15.92
C THR F 21 -24.78 -24.99 -15.16
N CYS F 22 -23.94 -23.99 -14.91
CA CYS F 22 -24.29 -22.78 -14.20
C CYS F 22 -23.56 -21.65 -14.91
N THR F 23 -24.28 -20.89 -15.73
CA THR F 23 -23.67 -19.86 -16.58
C THR F 23 -24.01 -18.51 -16.00
N GLY F 24 -22.97 -17.76 -15.60
CA GLY F 24 -23.10 -16.44 -14.99
C GLY F 24 -22.72 -15.34 -15.94
N SER F 25 -22.10 -14.29 -15.38
CA SER F 25 -21.66 -13.09 -16.07
C SER F 25 -20.19 -12.88 -15.71
N SER F 26 -19.52 -11.91 -16.37
CA SER F 26 -18.16 -11.51 -16.07
C SER F 26 -18.00 -10.83 -14.72
N SER F 27 -19.12 -10.36 -14.12
CA SER F 27 -19.14 -9.68 -12.84
C SER F 27 -19.33 -10.62 -11.66
N ASP F 28 -19.62 -11.92 -11.92
CA ASP F 28 -19.79 -12.91 -10.87
C ASP F 28 -18.95 -14.17 -11.15
N VAL F 29 -19.49 -15.18 -11.87
CA VAL F 29 -18.82 -16.44 -12.20
C VAL F 29 -17.53 -16.25 -12.98
N GLY F 30 -17.50 -15.29 -13.93
CA GLY F 30 -16.33 -15.00 -14.75
C GLY F 30 -15.26 -14.22 -14.02
N GLY F 31 -15.66 -13.48 -12.96
CA GLY F 31 -14.79 -12.56 -12.23
C GLY F 31 -14.05 -13.17 -11.08
N TYR F 32 -14.58 -14.27 -10.51
CA TYR F 32 -14.04 -14.91 -9.32
C TYR F 32 -13.90 -16.41 -9.47
N LYS F 33 -13.10 -17.04 -8.58
CA LYS F 33 -12.99 -18.49 -8.48
C LYS F 33 -13.87 -19.03 -7.34
N TYR F 34 -14.52 -18.11 -6.59
CA TYR F 34 -15.41 -18.45 -5.49
C TYR F 34 -16.81 -18.82 -6.01
N VAL F 35 -16.93 -20.03 -6.55
CA VAL F 35 -18.21 -20.59 -6.96
C VAL F 35 -18.52 -21.76 -6.05
N SER F 36 -19.70 -21.72 -5.41
CA SER F 36 -20.20 -22.80 -4.59
C SER F 36 -21.40 -23.47 -5.22
N TRP F 37 -21.66 -24.73 -4.85
CA TRP F 37 -22.85 -25.46 -5.22
C TRP F 37 -23.50 -26.03 -3.96
N TYR F 38 -24.82 -25.85 -3.81
CA TYR F 38 -25.61 -26.37 -2.72
C TYR F 38 -26.55 -27.46 -3.21
N GLN F 39 -26.90 -28.42 -2.33
CA GLN F 39 -27.95 -29.39 -2.53
C GLN F 39 -29.08 -29.08 -1.55
N HIS F 40 -30.34 -29.09 -2.05
CA HIS F 40 -31.49 -28.72 -1.27
C HIS F 40 -32.59 -29.77 -1.37
N HIS F 41 -32.94 -30.42 -0.24
CA HIS F 41 -34.06 -31.34 -0.18
C HIS F 41 -35.31 -30.59 0.28
N PRO F 42 -36.51 -30.79 -0.29
CA PRO F 42 -37.72 -30.03 0.07
C PRO F 42 -38.06 -29.98 1.56
N GLY F 43 -38.18 -28.76 2.13
CA GLY F 43 -38.54 -28.54 3.53
C GLY F 43 -37.41 -28.77 4.52
N LYS F 44 -36.16 -28.84 4.04
CA LYS F 44 -34.98 -29.12 4.84
C LYS F 44 -33.95 -28.00 4.72
N ALA F 45 -32.75 -28.21 5.30
CA ALA F 45 -31.66 -27.27 5.31
C ALA F 45 -30.72 -27.48 4.11
N PRO F 46 -30.31 -26.45 3.35
CA PRO F 46 -29.29 -26.57 2.30
C PRO F 46 -27.95 -27.14 2.77
N LYS F 47 -27.25 -27.88 1.89
CA LYS F 47 -26.04 -28.60 2.22
C LYS F 47 -24.95 -28.22 1.22
N LEU F 48 -23.75 -27.81 1.68
CA LEU F 48 -22.64 -27.51 0.80
C LEU F 48 -22.08 -28.75 0.08
N MET F 49 -22.04 -28.74 -1.26
CA MET F 49 -21.46 -29.81 -2.06
C MET F 49 -20.06 -29.53 -2.60
N ILE F 50 -19.85 -28.31 -3.15
CA ILE F 50 -18.62 -27.89 -3.81
C ILE F 50 -18.31 -26.46 -3.42
N TYR F 51 -17.03 -26.13 -3.18
CA TYR F 51 -16.54 -24.78 -2.98
C TYR F 51 -15.24 -24.62 -3.77
N GLU F 52 -14.78 -23.37 -4.01
CA GLU F 52 -13.59 -23.02 -4.78
C GLU F 52 -13.34 -23.81 -6.07
N VAL F 53 -14.34 -23.79 -6.99
CA VAL F 53 -14.28 -24.42 -8.31
C VAL F 53 -14.49 -25.92 -8.25
N SER F 54 -13.69 -26.65 -7.44
CA SER F 54 -13.60 -28.10 -7.51
C SER F 54 -13.28 -28.80 -6.20
N LYS F 55 -13.47 -28.15 -5.04
CA LYS F 55 -13.13 -28.72 -3.74
C LYS F 55 -14.36 -29.12 -2.94
N ARG F 56 -14.33 -30.30 -2.29
CA ARG F 56 -15.43 -30.82 -1.48
C ARG F 56 -15.29 -30.58 0.03
N PRO F 57 -16.38 -30.49 0.80
CA PRO F 57 -16.30 -30.45 2.26
C PRO F 57 -16.32 -31.88 2.80
N SER F 58 -16.01 -32.05 4.10
CA SER F 58 -16.08 -33.36 4.76
C SER F 58 -17.48 -33.96 4.78
N GLY F 59 -17.61 -35.28 4.54
CA GLY F 59 -18.89 -35.99 4.62
C GLY F 59 -19.74 -35.91 3.37
N VAL F 60 -19.14 -35.51 2.24
CA VAL F 60 -19.73 -35.65 0.90
C VAL F 60 -18.83 -36.60 0.09
N PRO F 61 -19.31 -37.72 -0.47
CA PRO F 61 -18.48 -38.72 -1.14
C PRO F 61 -17.77 -38.18 -2.39
N ASP F 62 -16.69 -38.86 -2.83
CA ASP F 62 -15.82 -38.42 -3.90
C ASP F 62 -16.33 -38.67 -5.32
N ARG F 63 -17.66 -38.88 -5.50
CA ARG F 63 -18.28 -39.00 -6.81
C ARG F 63 -19.00 -37.72 -7.26
N PHE F 64 -19.07 -36.68 -6.38
CA PHE F 64 -19.48 -35.35 -6.76
C PHE F 64 -18.28 -34.51 -7.20
N SER F 65 -18.29 -33.95 -8.42
CA SER F 65 -17.11 -33.28 -8.97
C SER F 65 -17.48 -31.92 -9.53
N GLY F 66 -16.66 -30.90 -9.24
CA GLY F 66 -16.87 -29.51 -9.65
C GLY F 66 -15.83 -29.04 -10.62
N SER F 67 -16.17 -28.14 -11.55
CA SER F 67 -15.19 -27.55 -12.45
C SER F 67 -15.79 -26.29 -13.06
N LYS F 68 -15.00 -25.41 -13.69
CA LYS F 68 -15.50 -24.17 -14.24
C LYS F 68 -14.51 -23.71 -15.28
N SER F 69 -14.96 -22.89 -16.24
CA SER F 69 -14.10 -22.29 -17.24
C SER F 69 -14.77 -21.07 -17.83
N GLY F 70 -14.12 -19.89 -17.73
CA GLY F 70 -14.71 -18.60 -18.08
C GLY F 70 -15.93 -18.25 -17.25
N ASN F 71 -17.07 -18.00 -17.91
CA ASN F 71 -18.27 -17.47 -17.28
C ASN F 71 -19.24 -18.59 -16.89
N MET F 72 -18.78 -19.85 -16.87
CA MET F 72 -19.65 -21.00 -16.68
C MET F 72 -19.02 -22.06 -15.80
N ALA F 73 -19.71 -22.43 -14.72
CA ALA F 73 -19.33 -23.51 -13.83
C ALA F 73 -20.10 -24.77 -14.17
N SER F 74 -19.58 -25.93 -13.75
CA SER F 74 -20.23 -27.22 -13.94
C SER F 74 -20.13 -28.07 -12.69
N LEU F 75 -21.22 -28.75 -12.34
CA LEU F 75 -21.27 -29.79 -11.33
C LEU F 75 -21.52 -31.11 -12.03
N THR F 76 -20.80 -32.17 -11.64
CA THR F 76 -20.91 -33.49 -12.25
C THR F 76 -21.15 -34.48 -11.15
N VAL F 77 -22.32 -35.13 -11.19
CA VAL F 77 -22.73 -36.18 -10.27
C VAL F 77 -22.44 -37.51 -10.95
N SER F 78 -21.34 -38.19 -10.56
CA SER F 78 -21.05 -39.52 -11.07
C SER F 78 -21.67 -40.60 -10.19
N GLY F 79 -21.91 -41.80 -10.77
CA GLY F 79 -22.44 -42.97 -10.06
C GLY F 79 -23.79 -42.78 -9.42
N LEU F 80 -24.77 -42.24 -10.18
CA LEU F 80 -26.10 -41.90 -9.72
C LEU F 80 -26.82 -42.94 -8.87
N GLN F 81 -27.41 -42.49 -7.75
CA GLN F 81 -28.23 -43.26 -6.85
C GLN F 81 -29.61 -42.63 -6.76
N ALA F 82 -30.60 -43.34 -6.18
CA ALA F 82 -31.97 -42.89 -6.05
C ALA F 82 -32.08 -41.64 -5.18
N GLU F 83 -31.37 -41.62 -4.04
CA GLU F 83 -31.32 -40.52 -3.09
C GLU F 83 -30.64 -39.24 -3.59
N ASP F 84 -29.99 -39.27 -4.78
CA ASP F 84 -29.37 -38.08 -5.35
C ASP F 84 -30.38 -37.11 -5.98
N GLU F 85 -31.68 -37.46 -5.97
CA GLU F 85 -32.76 -36.64 -6.50
C GLU F 85 -33.05 -35.43 -5.61
N ALA F 86 -32.63 -34.22 -6.06
CA ALA F 86 -32.76 -33.01 -5.26
C ALA F 86 -32.69 -31.78 -6.15
N ASP F 87 -32.87 -30.59 -5.54
CA ASP F 87 -32.60 -29.30 -6.14
C ASP F 87 -31.14 -28.94 -5.94
N TYR F 88 -30.45 -28.47 -6.98
CA TYR F 88 -29.06 -28.09 -6.93
C TYR F 88 -28.91 -26.63 -7.31
N TYR F 89 -28.44 -25.79 -6.38
CA TYR F 89 -28.28 -24.36 -6.55
C TYR F 89 -26.81 -24.01 -6.67
N CYS F 90 -26.43 -23.08 -7.56
CA CYS F 90 -25.07 -22.57 -7.63
C CYS F 90 -25.08 -21.13 -7.12
N SER F 91 -23.95 -20.68 -6.57
CA SER F 91 -23.85 -19.33 -6.02
C SER F 91 -22.44 -18.81 -6.19
N SER F 92 -22.31 -17.48 -6.32
CA SER F 92 -21.01 -16.83 -6.48
C SER F 92 -20.94 -15.58 -5.64
N TYR F 93 -19.76 -15.25 -5.09
CA TYR F 93 -19.43 -13.89 -4.72
C TYR F 93 -19.49 -12.96 -5.96
N ALA F 94 -20.03 -11.73 -5.80
CA ALA F 94 -20.33 -10.86 -6.93
C ALA F 94 -19.95 -9.41 -6.66
N GLY F 95 -18.88 -9.18 -5.86
CA GLY F 95 -18.38 -7.86 -5.51
C GLY F 95 -19.22 -7.16 -4.48
N SER F 96 -18.72 -6.04 -3.90
CA SER F 96 -19.31 -5.41 -2.72
C SER F 96 -20.76 -4.95 -2.85
N TYR F 97 -21.11 -4.34 -4.00
CA TYR F 97 -22.43 -3.79 -4.28
C TYR F 97 -23.57 -4.83 -4.28
N ASN F 98 -23.34 -6.00 -4.90
CA ASN F 98 -24.33 -7.07 -4.95
C ASN F 98 -24.13 -8.08 -3.82
N PHE F 99 -22.89 -8.21 -3.33
CA PHE F 99 -22.40 -9.18 -2.37
C PHE F 99 -22.40 -10.62 -2.89
N TYR F 100 -23.49 -11.39 -2.64
CA TYR F 100 -23.71 -12.72 -3.17
C TYR F 100 -24.72 -12.71 -4.30
N VAL F 101 -24.69 -13.75 -5.15
CA VAL F 101 -25.73 -14.05 -6.13
C VAL F 101 -25.94 -15.56 -6.19
N PHE F 102 -27.16 -15.97 -6.57
CA PHE F 102 -27.56 -17.37 -6.65
C PHE F 102 -28.11 -17.64 -8.03
N GLY F 103 -28.18 -18.92 -8.42
CA GLY F 103 -28.90 -19.36 -9.60
C GLY F 103 -30.38 -19.58 -9.41
N ASN F 104 -31.03 -20.11 -10.46
CA ASN F 104 -32.45 -20.47 -10.43
C ASN F 104 -32.66 -21.92 -10.03
N GLY F 105 -31.54 -22.67 -9.82
CA GLY F 105 -31.55 -24.07 -9.40
C GLY F 105 -31.91 -25.07 -10.48
N THR F 106 -31.47 -26.32 -10.28
CA THR F 106 -31.72 -27.42 -11.19
C THR F 106 -32.27 -28.58 -10.41
N LYS F 107 -33.43 -29.12 -10.82
CA LYS F 107 -33.99 -30.33 -10.24
C LYS F 107 -33.43 -31.54 -10.96
N VAL F 108 -32.57 -32.32 -10.28
CA VAL F 108 -32.13 -33.61 -10.82
C VAL F 108 -33.07 -34.71 -10.39
N THR F 109 -33.60 -35.51 -11.33
CA THR F 109 -34.44 -36.67 -11.02
C THR F 109 -33.80 -37.93 -11.57
N VAL F 110 -33.61 -38.95 -10.71
CA VAL F 110 -32.97 -40.21 -11.04
C VAL F 110 -33.93 -41.33 -11.41
N LEU F 111 -34.03 -41.63 -12.72
CA LEU F 111 -34.77 -42.72 -13.32
C LEU F 111 -34.51 -42.64 -14.81
N GLY F 112 -34.72 -41.43 -15.39
CA GLY F 112 -34.44 -41.10 -16.78
C GLY F 112 -35.31 -41.78 -17.82
N GLN F 113 -35.06 -41.43 -19.10
CA GLN F 113 -35.79 -41.90 -20.29
C GLN F 113 -37.19 -41.28 -20.43
N PRO F 114 -37.77 -41.16 -21.64
CA PRO F 114 -39.12 -40.61 -21.81
C PRO F 114 -40.18 -41.68 -21.55
N LYS F 115 -40.31 -42.09 -20.27
CA LYS F 115 -41.10 -43.21 -19.80
C LYS F 115 -42.60 -43.12 -20.10
N ALA F 116 -43.22 -41.95 -19.89
CA ALA F 116 -44.64 -41.77 -20.09
C ALA F 116 -44.95 -40.41 -20.68
N ASN F 117 -45.56 -40.38 -21.88
CA ASN F 117 -46.03 -39.16 -22.51
C ASN F 117 -47.26 -38.58 -21.77
N PRO F 118 -47.39 -37.27 -21.56
CA PRO F 118 -48.52 -36.68 -20.85
C PRO F 118 -49.86 -36.93 -21.51
N THR F 119 -50.93 -37.06 -20.69
CA THR F 119 -52.29 -37.10 -21.21
C THR F 119 -52.92 -35.80 -20.79
N VAL F 120 -53.34 -34.97 -21.75
CA VAL F 120 -53.84 -33.63 -21.49
C VAL F 120 -55.36 -33.61 -21.63
N THR F 121 -56.07 -32.97 -20.68
CA THR F 121 -57.52 -32.86 -20.73
C THR F 121 -57.94 -31.48 -20.25
N LEU F 122 -58.83 -30.83 -21.04
CA LEU F 122 -59.25 -29.46 -20.91
C LEU F 122 -60.69 -29.36 -20.39
N PHE F 123 -61.01 -28.33 -19.59
CA PHE F 123 -62.34 -28.09 -19.04
C PHE F 123 -62.73 -26.62 -19.28
N PRO F 124 -63.89 -26.32 -19.85
CA PRO F 124 -64.31 -24.95 -20.12
C PRO F 124 -65.04 -24.35 -18.91
N PRO F 125 -65.21 -23.03 -18.79
CA PRO F 125 -65.95 -22.39 -17.69
C PRO F 125 -67.38 -22.89 -17.51
N SER F 126 -67.82 -23.00 -16.25
CA SER F 126 -69.16 -23.41 -15.89
C SER F 126 -70.19 -22.30 -15.99
N SER F 127 -71.49 -22.67 -15.97
CA SER F 127 -72.62 -21.74 -15.96
C SER F 127 -72.61 -20.86 -14.72
N GLU F 128 -72.21 -21.44 -13.57
CA GLU F 128 -72.10 -20.78 -12.28
C GLU F 128 -71.06 -19.67 -12.31
N GLU F 129 -69.91 -19.91 -12.98
CA GLU F 129 -68.86 -18.92 -13.15
C GLU F 129 -69.29 -17.75 -14.02
N LEU F 130 -69.95 -18.02 -15.17
CA LEU F 130 -70.39 -16.97 -16.08
C LEU F 130 -71.42 -16.03 -15.43
N GLN F 131 -72.35 -16.58 -14.62
CA GLN F 131 -73.28 -15.82 -13.81
C GLN F 131 -72.60 -14.95 -12.73
N ALA F 132 -71.54 -15.48 -12.10
CA ALA F 132 -70.69 -14.80 -11.14
C ALA F 132 -69.89 -13.64 -11.73
N ASN F 133 -69.69 -13.65 -13.07
CA ASN F 133 -68.94 -12.69 -13.85
C ASN F 133 -67.46 -13.06 -13.95
N LYS F 134 -67.14 -14.37 -13.99
CA LYS F 134 -65.78 -14.84 -14.25
C LYS F 134 -65.79 -16.02 -15.21
N ALA F 135 -64.64 -16.34 -15.81
CA ALA F 135 -64.47 -17.48 -16.69
C ALA F 135 -63.13 -18.15 -16.38
N THR F 136 -63.11 -19.46 -16.03
CA THR F 136 -61.86 -20.17 -15.77
C THR F 136 -61.77 -21.32 -16.73
N LEU F 137 -60.67 -21.37 -17.48
CA LEU F 137 -60.34 -22.50 -18.32
C LEU F 137 -59.31 -23.29 -17.55
N VAL F 138 -59.55 -24.60 -17.36
CA VAL F 138 -58.68 -25.42 -16.56
C VAL F 138 -58.12 -26.51 -17.44
N CYS F 139 -56.81 -26.74 -17.36
CA CYS F 139 -56.10 -27.75 -18.10
C CYS F 139 -55.38 -28.66 -17.13
N LEU F 140 -55.62 -29.97 -17.28
CA LEU F 140 -55.04 -31.02 -16.47
C LEU F 140 -54.08 -31.79 -17.35
N ILE F 141 -52.83 -31.93 -16.87
CA ILE F 141 -51.76 -32.65 -17.54
C ILE F 141 -51.42 -33.83 -16.65
N SER F 142 -51.95 -35.02 -17.02
CA SER F 142 -51.89 -36.21 -16.21
C SER F 142 -50.65 -37.07 -16.47
N ASP F 143 -50.24 -37.83 -15.43
CA ASP F 143 -49.28 -38.91 -15.37
C ASP F 143 -48.15 -38.97 -16.42
N PHE F 144 -47.03 -38.28 -16.16
CA PHE F 144 -45.98 -38.11 -17.14
C PHE F 144 -44.60 -38.05 -16.49
N TYR F 145 -43.55 -38.48 -17.22
CA TYR F 145 -42.20 -38.47 -16.73
C TYR F 145 -41.26 -38.31 -17.93
N PRO F 146 -40.15 -37.55 -17.93
CA PRO F 146 -39.61 -36.68 -16.89
C PRO F 146 -40.57 -35.67 -16.30
N GLY F 147 -40.29 -35.17 -15.07
CA GLY F 147 -41.17 -34.26 -14.33
C GLY F 147 -41.29 -32.87 -14.93
N ALA F 148 -40.31 -32.46 -15.75
CA ALA F 148 -40.27 -31.17 -16.41
C ALA F 148 -41.37 -30.98 -17.46
N VAL F 149 -42.12 -29.87 -17.39
CA VAL F 149 -43.15 -29.55 -18.36
C VAL F 149 -43.21 -28.06 -18.64
N THR F 150 -43.32 -27.69 -19.94
CA THR F 150 -43.53 -26.31 -20.37
C THR F 150 -44.90 -26.30 -21.02
N VAL F 151 -45.87 -25.60 -20.41
CA VAL F 151 -47.25 -25.57 -20.85
C VAL F 151 -47.65 -24.18 -21.31
N ALA F 152 -48.42 -24.08 -22.40
CA ALA F 152 -48.80 -22.79 -22.97
C ALA F 152 -50.26 -22.77 -23.41
N TRP F 153 -50.87 -21.59 -23.26
CA TRP F 153 -52.23 -21.29 -23.64
C TRP F 153 -52.30 -20.50 -24.94
N LYS F 154 -53.13 -20.95 -25.89
CA LYS F 154 -53.36 -20.23 -27.14
C LYS F 154 -54.85 -20.00 -27.36
N ALA F 155 -55.29 -18.74 -27.48
CA ALA F 155 -56.66 -18.41 -27.84
C ALA F 155 -56.70 -18.00 -29.31
N ASP F 156 -57.48 -18.71 -30.16
CA ASP F 156 -57.57 -18.52 -31.60
C ASP F 156 -56.22 -18.36 -32.31
N GLY F 157 -55.21 -19.17 -31.91
CA GLY F 157 -53.89 -19.21 -32.50
C GLY F 157 -52.95 -18.15 -31.98
N SER F 158 -53.37 -17.33 -31.00
CA SER F 158 -52.55 -16.29 -30.39
C SER F 158 -52.13 -16.70 -28.98
N PRO F 159 -50.88 -16.53 -28.54
CA PRO F 159 -50.44 -16.92 -27.20
C PRO F 159 -50.98 -15.99 -26.14
N VAL F 160 -51.47 -16.54 -25.01
CA VAL F 160 -52.03 -15.78 -23.90
C VAL F 160 -51.08 -15.87 -22.71
N LYS F 161 -50.50 -14.72 -22.32
CA LYS F 161 -49.53 -14.59 -21.25
C LYS F 161 -50.12 -13.97 -19.97
N ALA F 162 -51.43 -13.69 -19.96
CA ALA F 162 -52.09 -12.92 -18.91
C ALA F 162 -53.09 -13.78 -18.14
N GLY F 163 -53.07 -13.68 -16.78
CA GLY F 163 -54.07 -14.34 -15.92
C GLY F 163 -53.96 -15.85 -15.87
N VAL F 164 -52.74 -16.37 -15.63
CA VAL F 164 -52.48 -17.80 -15.65
C VAL F 164 -51.55 -18.22 -14.52
N GLU F 165 -51.59 -19.51 -14.15
CA GLU F 165 -50.69 -20.10 -13.18
C GLU F 165 -50.76 -21.61 -13.32
N THR F 166 -49.69 -22.31 -12.88
CA THR F 166 -49.64 -23.76 -12.83
C THR F 166 -48.95 -24.25 -11.58
N THR F 167 -49.52 -25.28 -10.90
CA THR F 167 -49.15 -25.62 -9.53
C THR F 167 -47.95 -26.55 -9.49
N LYS F 168 -47.04 -26.36 -8.52
CA LYS F 168 -45.74 -27.01 -8.47
C LYS F 168 -45.79 -28.40 -7.79
N PRO F 169 -44.85 -29.33 -8.07
CA PRO F 169 -44.82 -30.66 -7.45
C PRO F 169 -44.81 -30.65 -5.93
N SER F 170 -45.48 -31.61 -5.27
CA SER F 170 -45.50 -31.72 -3.82
C SER F 170 -45.12 -33.15 -3.41
N LYS F 171 -45.33 -33.49 -2.12
CA LYS F 171 -44.94 -34.75 -1.51
C LYS F 171 -45.59 -35.99 -2.13
N GLN F 172 -46.89 -35.91 -2.48
CA GLN F 172 -47.69 -37.02 -2.97
C GLN F 172 -47.18 -37.57 -4.30
N SER F 173 -47.06 -38.91 -4.42
CA SER F 173 -46.52 -39.59 -5.60
C SER F 173 -47.26 -39.33 -6.91
N ASN F 174 -48.60 -39.32 -6.87
CA ASN F 174 -49.42 -39.01 -8.04
C ASN F 174 -49.49 -37.53 -8.41
N ASN F 175 -49.21 -36.60 -7.47
CA ASN F 175 -49.15 -35.17 -7.78
C ASN F 175 -47.74 -34.66 -8.04
N LYS F 176 -46.69 -35.45 -7.78
CA LYS F 176 -45.36 -35.22 -8.31
C LYS F 176 -45.29 -35.30 -9.85
N TYR F 177 -45.97 -36.30 -10.43
CA TYR F 177 -45.98 -36.57 -11.87
C TYR F 177 -47.24 -36.11 -12.58
N ALA F 178 -47.97 -35.15 -11.99
CA ALA F 178 -49.09 -34.48 -12.65
C ALA F 178 -49.03 -32.99 -12.39
N ALA F 179 -49.57 -32.19 -13.32
CA ALA F 179 -49.58 -30.74 -13.27
C ALA F 179 -50.97 -30.20 -13.58
N SER F 180 -51.41 -29.13 -12.89
CA SER F 180 -52.65 -28.44 -13.22
C SER F 180 -52.28 -27.03 -13.64
N SER F 181 -52.98 -26.49 -14.65
CA SER F 181 -52.76 -25.18 -15.25
C SER F 181 -54.09 -24.46 -15.41
N TYR F 182 -54.26 -23.30 -14.76
CA TYR F 182 -55.53 -22.58 -14.77
C TYR F 182 -55.34 -21.24 -15.46
N LEU F 183 -56.23 -20.94 -16.43
CA LEU F 183 -56.32 -19.66 -17.12
C LEU F 183 -57.59 -18.97 -16.67
N SER F 184 -57.51 -17.72 -16.19
CA SER F 184 -58.68 -16.97 -15.75
C SER F 184 -58.90 -15.74 -16.61
N LEU F 185 -60.15 -15.56 -17.08
CA LEU F 185 -60.61 -14.50 -17.95
C LEU F 185 -61.94 -13.95 -17.42
N THR F 186 -62.51 -12.94 -18.10
CA THR F 186 -63.86 -12.43 -17.85
C THR F 186 -64.80 -12.96 -18.94
N PRO F 187 -66.12 -13.01 -18.78
CA PRO F 187 -67.03 -13.54 -19.81
C PRO F 187 -66.93 -12.81 -21.14
N GLU F 188 -66.97 -11.46 -21.14
CA GLU F 188 -66.83 -10.68 -22.36
C GLU F 188 -65.34 -10.39 -22.58
N GLN F 189 -64.65 -11.49 -22.93
CA GLN F 189 -63.24 -11.63 -23.23
C GLN F 189 -63.08 -13.08 -23.63
N TRP F 190 -63.68 -13.99 -22.83
CA TRP F 190 -63.80 -15.38 -23.17
C TRP F 190 -64.68 -15.66 -24.40
N LYS F 191 -65.81 -14.92 -24.57
CA LYS F 191 -66.66 -15.05 -25.75
C LYS F 191 -66.02 -14.67 -27.08
N SER F 192 -65.03 -13.75 -27.06
CA SER F 192 -64.36 -13.23 -28.25
C SER F 192 -63.52 -14.24 -29.01
N HIS F 193 -62.98 -15.26 -28.32
CA HIS F 193 -62.16 -16.29 -28.95
C HIS F 193 -62.91 -17.61 -28.89
N ARG F 194 -63.26 -18.16 -30.06
CA ARG F 194 -63.89 -19.46 -30.21
C ARG F 194 -63.08 -20.66 -29.73
N SER F 195 -61.77 -20.71 -30.02
CA SER F 195 -60.95 -21.89 -29.81
C SER F 195 -59.86 -21.66 -28.78
N TYR F 196 -59.78 -22.57 -27.80
CA TYR F 196 -58.82 -22.56 -26.71
C TYR F 196 -57.98 -23.81 -26.76
N SER F 197 -56.65 -23.67 -26.70
CA SER F 197 -55.70 -24.77 -26.76
C SER F 197 -54.80 -24.76 -25.55
N CYS F 198 -54.42 -25.96 -25.10
CA CYS F 198 -53.48 -26.21 -24.03
C CYS F 198 -52.43 -27.16 -24.58
N GLN F 199 -51.23 -26.63 -24.90
CA GLN F 199 -50.16 -27.41 -25.49
C GLN F 199 -49.03 -27.56 -24.48
N VAL F 200 -48.42 -28.75 -24.42
CA VAL F 200 -47.36 -29.06 -23.49
C VAL F 200 -46.12 -29.52 -24.24
N THR F 201 -44.93 -29.18 -23.70
CA THR F 201 -43.64 -29.60 -24.22
C THR F 201 -42.96 -30.36 -23.11
N HIS F 202 -42.40 -31.53 -23.44
CA HIS F 202 -41.79 -32.47 -22.51
C HIS F 202 -40.67 -33.14 -23.28
N GLU F 203 -39.76 -33.88 -22.62
CA GLU F 203 -38.58 -34.46 -23.26
C GLU F 203 -38.87 -35.37 -24.45
N GLY F 204 -39.96 -36.16 -24.37
CA GLY F 204 -40.37 -37.09 -25.42
C GLY F 204 -40.84 -36.38 -26.69
N SER F 205 -41.78 -35.42 -26.57
CA SER F 205 -42.33 -34.72 -27.72
C SER F 205 -43.17 -33.49 -27.30
N THR F 206 -44.30 -33.27 -27.99
CA THR F 206 -45.30 -32.24 -27.75
C THR F 206 -46.68 -32.87 -27.84
N VAL F 207 -47.65 -32.36 -27.05
CA VAL F 207 -48.99 -32.90 -26.92
C VAL F 207 -49.90 -31.71 -26.67
N GLU F 208 -50.94 -31.60 -27.51
CA GLU F 208 -51.80 -30.44 -27.62
C GLU F 208 -53.27 -30.83 -27.54
N LYS F 209 -54.02 -30.18 -26.63
CA LYS F 209 -55.43 -30.42 -26.44
C LYS F 209 -56.14 -29.11 -26.74
N THR F 210 -57.30 -29.16 -27.43
CA THR F 210 -57.98 -27.95 -27.87
C THR F 210 -59.48 -28.18 -27.99
N VAL F 211 -60.25 -27.10 -28.19
CA VAL F 211 -61.65 -27.12 -28.57
C VAL F 211 -61.83 -26.41 -29.91
N ALA F 212 -62.28 -27.15 -30.94
CA ALA F 212 -62.39 -26.70 -32.32
C ALA F 212 -63.38 -25.54 -32.55
N PRO F 213 -63.15 -24.61 -33.50
CA PRO F 213 -64.06 -23.49 -33.79
C PRO F 213 -65.53 -23.88 -34.06
N THR F 214 -66.49 -23.05 -33.62
CA THR F 214 -67.92 -23.30 -33.82
C THR F 214 -68.48 -22.54 -35.01
N GLU F 215 -67.62 -21.81 -35.75
CA GLU F 215 -67.96 -21.15 -37.01
C GLU F 215 -66.91 -21.41 -38.07
N CYS F 216 -67.27 -21.24 -39.35
CA CYS F 216 -66.40 -21.49 -40.48
C CYS F 216 -65.55 -20.26 -40.81
N SER F 217 -64.24 -20.44 -41.07
CA SER F 217 -63.32 -19.34 -41.35
C SER F 217 -63.27 -19.04 -42.88
#